data_1LTJ
#
_entry.id   1LTJ
#
_cell.length_a   89.284
_cell.length_b   94.218
_cell.length_c   226.936
_cell.angle_alpha   90.00
_cell.angle_beta   90.00
_cell.angle_gamma   90.00
#
_symmetry.space_group_name_H-M   'P 21 21 21'
#
loop_
_entity.id
_entity.type
_entity.pdbx_description
1 polymer 'Fibrinogen alpha/alpha-E chain'
2 polymer 'Fibrinogen Beta chain'
3 polymer 'Fibrinogen Gamma chain'
4 polymer Gly-Pro-Arg-Pro
5 polymer Gly-His-Arg-Pro
6 branched 2-acetamido-2-deoxy-beta-D-glucopyranose-(1-4)-[alpha-L-fucopyranose-(1-6)]2-acetamido-2-deoxy-beta-D-glucopyranose
7 non-polymer 'CALCIUM ION'
8 water water
#
loop_
_entity_poly.entity_id
_entity_poly.type
_entity_poly.pdbx_seq_one_letter_code
_entity_poly.pdbx_strand_id
1 'polypeptide(L)' VIEKVQHIQLLQKNVRAQLVDMKRLEVDIDIKIRSCRGSCSRALAREVDLKDYEDQQKQLEQVIAK A,D
2 'polypeptide(L)'
;HQLYIDETVNSNIPTNLRVLRSILENLRSKIQKLESDVSAQMEYCRTPCTVSCNIPVVSGKECEEIIRKGGETSEMYLIQ
PDSSVKPYRVYCDMNTENGGWTVIQNRQDGSVDFGRKWDPYKQGFGNVATNTDGKNYCGLPGEYWLGNDKISQLTRMGPT
ELLIEMEDWKGDKVKAHYGGFTVQNEANKYQISVNKYRGTAGNALMDGASQLMGENRTMTIHNGMFFSTYDRDNDGWLTS
DPRKQCSKEDGGGWWYNRCHAANPNGRYYWGGQYTWDMAKHGTDDGVVWMNWKGSWYSMRKMSMKIRPFFPQQ
;
B,E
3 'polypeptide(L)'
;YEASILTHDSSIRYLQEIYNSNNQKIVNLKEKVAQLEAQCQEPCKDTVQIHDITGKDCQDIANKGAKQSGLYFIKPLKAN
QQFLVYCEIDGSGNGWTVFQKRLDGSVDFKKNWIQYKEGFGHLSPTGTTEFWLGNEKIHLISTQSAIPYALRVELEDWNG
RTSTADYAMFKVGPEADKYRLTYAYFAGGDAGDAFDGFDFGDDPSDKFFTSHNGMQFSTWDNDNDKFEGNCAEQDGSGWW
MNKCHAGHLNGVYYQGGTYSKASTPNGYDNGIIWATWKTRWYSMKKTTMKIIPFNRLTIGEGQQHHLGGAK
;
C,F
4 'polypeptide(L)' GPRP G,I
5 'polypeptide(L)' GHRP H,J
#
loop_
_chem_comp.id
_chem_comp.type
_chem_comp.name
_chem_comp.formula
CA non-polymer 'CALCIUM ION' 'Ca 2'
FUC L-saccharide, alpha linking alpha-L-fucopyranose 'C6 H12 O5'
NAG D-saccharide, beta linking 2-acetamido-2-deoxy-beta-D-glucopyranose 'C8 H15 N O6'
#
# COMPACT_ATOMS: atom_id res chain seq x y z
N VAL A 1 -75.05 -62.61 -45.66
CA VAL A 1 -75.34 -63.93 -45.02
C VAL A 1 -75.13 -65.07 -46.02
N ILE A 2 -74.90 -64.71 -47.29
CA ILE A 2 -74.68 -65.71 -48.33
C ILE A 2 -73.39 -66.47 -48.03
N GLU A 3 -72.98 -67.35 -48.95
CA GLU A 3 -71.76 -68.14 -48.78
C GLU A 3 -70.52 -67.27 -48.63
N LYS A 4 -70.36 -66.31 -49.54
CA LYS A 4 -69.20 -65.41 -49.51
C LYS A 4 -69.42 -64.17 -48.66
N VAL A 5 -70.60 -63.60 -48.70
CA VAL A 5 -70.89 -62.40 -47.92
C VAL A 5 -70.42 -62.50 -46.47
N GLN A 6 -70.40 -63.71 -45.91
CA GLN A 6 -69.95 -63.90 -44.54
C GLN A 6 -68.44 -63.75 -44.46
N HIS A 7 -67.75 -64.19 -45.52
CA HIS A 7 -66.30 -64.09 -45.58
C HIS A 7 -65.88 -62.62 -45.59
N ILE A 8 -66.50 -61.86 -46.50
CA ILE A 8 -66.21 -60.44 -46.67
C ILE A 8 -66.44 -59.59 -45.41
N GLN A 9 -67.33 -60.05 -44.54
CA GLN A 9 -67.63 -59.32 -43.31
C GLN A 9 -66.49 -59.52 -42.32
N LEU A 10 -65.89 -60.70 -42.36
CA LEU A 10 -64.78 -61.04 -41.48
C LEU A 10 -63.51 -60.35 -41.94
N LEU A 11 -63.38 -60.11 -43.24
CA LEU A 11 -62.22 -59.42 -43.76
C LEU A 11 -62.28 -57.93 -43.49
N GLN A 12 -63.45 -57.46 -43.06
CA GLN A 12 -63.61 -56.05 -42.74
C GLN A 12 -63.22 -55.85 -41.29
N LYS A 13 -63.72 -56.73 -40.42
CA LYS A 13 -63.42 -56.68 -39.00
C LYS A 13 -61.95 -57.00 -38.77
N ASN A 14 -61.37 -57.75 -39.69
CA ASN A 14 -59.96 -58.13 -39.60
C ASN A 14 -59.02 -57.03 -40.07
N VAL A 15 -59.33 -56.38 -41.19
CA VAL A 15 -58.49 -55.31 -41.68
C VAL A 15 -58.67 -54.07 -40.81
N ARG A 16 -59.83 -53.96 -40.18
CA ARG A 16 -60.08 -52.82 -39.31
C ARG A 16 -59.24 -53.00 -38.05
N ALA A 17 -59.10 -54.25 -37.61
CA ALA A 17 -58.32 -54.55 -36.42
C ALA A 17 -56.83 -54.41 -36.73
N GLN A 18 -56.44 -54.81 -37.95
CA GLN A 18 -55.06 -54.74 -38.39
C GLN A 18 -54.69 -53.31 -38.74
N LEU A 19 -55.68 -52.49 -39.10
CA LEU A 19 -55.41 -51.12 -39.45
C LEU A 19 -55.13 -50.31 -38.21
N VAL A 20 -55.76 -50.68 -37.10
CA VAL A 20 -55.56 -49.98 -35.84
C VAL A 20 -54.32 -50.58 -35.18
N ASP A 21 -54.19 -51.90 -35.27
CA ASP A 21 -53.05 -52.59 -34.69
C ASP A 21 -51.76 -52.01 -35.26
N MET A 22 -51.67 -51.96 -36.58
CA MET A 22 -50.49 -51.42 -37.26
C MET A 22 -50.26 -49.97 -36.86
N LYS A 23 -51.33 -49.18 -36.86
CA LYS A 23 -51.23 -47.79 -36.50
C LYS A 23 -50.50 -47.63 -35.17
N ARG A 24 -50.52 -48.69 -34.37
CA ARG A 24 -49.87 -48.66 -33.07
C ARG A 24 -48.42 -49.08 -33.16
N LEU A 25 -48.15 -50.21 -33.80
CA LEU A 25 -46.80 -50.71 -33.97
C LEU A 25 -45.96 -49.60 -34.58
N GLU A 26 -46.59 -48.79 -35.42
CA GLU A 26 -45.92 -47.67 -36.10
C GLU A 26 -45.50 -46.63 -35.06
N VAL A 27 -46.30 -46.49 -34.02
CA VAL A 27 -45.99 -45.53 -32.96
C VAL A 27 -45.01 -46.17 -31.98
N ASP A 28 -45.27 -47.42 -31.62
CA ASP A 28 -44.40 -48.15 -30.70
C ASP A 28 -42.98 -48.10 -31.24
N ILE A 29 -42.82 -48.50 -32.49
CA ILE A 29 -41.50 -48.50 -33.13
C ILE A 29 -40.87 -47.11 -33.14
N ASP A 30 -41.66 -46.08 -33.37
CA ASP A 30 -41.12 -44.72 -33.39
C ASP A 30 -40.53 -44.35 -32.04
N ILE A 31 -41.22 -44.74 -30.97
CA ILE A 31 -40.75 -44.47 -29.60
C ILE A 31 -39.54 -45.35 -29.26
N LYS A 32 -39.66 -46.65 -29.49
CA LYS A 32 -38.59 -47.59 -29.22
C LYS A 32 -37.30 -47.21 -29.94
N ILE A 33 -37.40 -46.79 -31.20
CA ILE A 33 -36.20 -46.40 -31.93
C ILE A 33 -35.59 -45.13 -31.33
N ARG A 34 -36.43 -44.15 -31.01
CA ARG A 34 -35.92 -42.91 -30.42
C ARG A 34 -35.28 -43.16 -29.07
N SER A 35 -35.81 -44.14 -28.33
CA SER A 35 -35.27 -44.46 -27.02
C SER A 35 -33.92 -45.18 -27.10
N CYS A 36 -33.41 -45.37 -28.32
CA CYS A 36 -32.12 -46.01 -28.50
C CYS A 36 -31.05 -44.93 -28.68
N ARG A 37 -31.53 -43.71 -28.88
CA ARG A 37 -30.64 -42.59 -29.08
C ARG A 37 -29.71 -42.37 -27.90
N GLY A 38 -30.16 -42.73 -26.72
CA GLY A 38 -29.33 -42.53 -25.54
C GLY A 38 -28.49 -43.75 -25.21
N SER A 39 -28.49 -44.75 -26.07
CA SER A 39 -27.71 -45.97 -25.82
C SER A 39 -26.75 -46.27 -26.94
N CYS A 40 -27.32 -46.33 -28.15
CA CYS A 40 -26.59 -46.68 -29.36
C CYS A 40 -25.90 -45.53 -30.08
N SER A 41 -24.93 -45.88 -30.93
CA SER A 41 -24.14 -44.91 -31.69
C SER A 41 -25.00 -43.80 -32.30
N ARG A 42 -26.17 -44.17 -32.81
CA ARG A 42 -27.10 -43.22 -33.41
C ARG A 42 -28.49 -43.83 -33.46
N ALA A 43 -29.48 -43.00 -33.75
CA ALA A 43 -30.87 -43.45 -33.87
C ALA A 43 -31.33 -43.12 -35.29
N LEU A 44 -31.84 -44.12 -35.99
CA LEU A 44 -32.31 -43.92 -37.35
C LEU A 44 -33.29 -42.75 -37.38
N ALA A 45 -32.96 -41.71 -38.14
CA ALA A 45 -33.81 -40.55 -38.25
C ALA A 45 -35.06 -40.90 -39.04
N ARG A 46 -36.23 -40.56 -38.51
CA ARG A 46 -37.47 -40.87 -39.19
C ARG A 46 -38.59 -39.95 -38.75
N GLU A 47 -39.75 -40.10 -39.38
CA GLU A 47 -40.92 -39.31 -39.02
C GLU A 47 -42.17 -40.10 -39.33
N VAL A 48 -43.07 -40.15 -38.35
CA VAL A 48 -44.32 -40.88 -38.50
C VAL A 48 -45.35 -40.02 -39.20
N ASP A 49 -46.29 -40.67 -39.86
CA ASP A 49 -47.36 -39.97 -40.58
C ASP A 49 -48.65 -40.75 -40.41
N LEU A 50 -49.33 -40.50 -39.29
CA LEU A 50 -50.58 -41.19 -39.01
C LEU A 50 -51.66 -40.88 -40.04
N LYS A 51 -51.44 -39.84 -40.83
CA LYS A 51 -52.38 -39.42 -41.86
C LYS A 51 -52.81 -40.59 -42.75
N ASP A 52 -51.83 -41.31 -43.27
CA ASP A 52 -52.09 -42.45 -44.13
C ASP A 52 -52.93 -43.51 -43.45
N TYR A 53 -52.68 -43.72 -42.16
CA TYR A 53 -53.43 -44.71 -41.39
C TYR A 53 -54.86 -44.24 -41.13
N GLU A 54 -55.00 -42.96 -40.79
CA GLU A 54 -56.31 -42.38 -40.54
C GLU A 54 -57.10 -42.30 -41.84
N ASP A 55 -56.43 -41.88 -42.91
CA ASP A 55 -57.06 -41.77 -44.23
C ASP A 55 -57.68 -43.11 -44.61
N GLN A 56 -56.91 -44.18 -44.43
CA GLN A 56 -57.40 -45.52 -44.74
C GLN A 56 -58.48 -45.96 -43.77
N GLN A 57 -58.34 -45.61 -42.50
CA GLN A 57 -59.34 -46.00 -41.51
C GLN A 57 -60.72 -45.44 -41.88
N LYS A 58 -60.77 -44.14 -42.20
CA LYS A 58 -62.02 -43.50 -42.60
C LYS A 58 -62.48 -44.09 -43.93
N GLN A 59 -61.50 -44.46 -44.75
CA GLN A 59 -61.72 -45.04 -46.07
C GLN A 59 -62.37 -46.42 -45.98
N LEU A 60 -61.94 -47.20 -44.99
CA LEU A 60 -62.48 -48.54 -44.80
C LEU A 60 -63.95 -48.40 -44.39
N GLU A 61 -64.17 -47.77 -43.25
CA GLU A 61 -65.51 -47.56 -42.71
C GLU A 61 -66.51 -47.12 -43.78
N GLN A 62 -66.08 -46.26 -44.69
CA GLN A 62 -66.97 -45.80 -45.74
C GLN A 62 -67.52 -47.00 -46.49
N VAL A 63 -66.62 -47.89 -46.90
CA VAL A 63 -67.01 -49.08 -47.65
C VAL A 63 -67.69 -50.14 -46.77
N ILE A 64 -67.36 -50.19 -45.49
CA ILE A 64 -67.98 -51.16 -44.60
C ILE A 64 -69.46 -50.80 -44.42
N ALA A 65 -69.85 -49.62 -44.89
CA ALA A 65 -71.24 -49.18 -44.78
C ALA A 65 -71.94 -49.26 -46.15
N ILE B 13 -70.35 -55.78 -51.85
CA ILE B 13 -69.33 -56.60 -52.57
C ILE B 13 -68.73 -55.88 -53.77
N PRO B 14 -69.49 -54.99 -54.43
CA PRO B 14 -68.92 -54.30 -55.59
C PRO B 14 -67.55 -53.65 -55.33
N THR B 15 -67.56 -52.35 -55.09
CA THR B 15 -66.32 -51.62 -54.84
C THR B 15 -65.77 -51.94 -53.46
N ASN B 16 -66.33 -52.96 -52.81
CA ASN B 16 -65.87 -53.35 -51.49
C ASN B 16 -64.58 -54.16 -51.54
N LEU B 17 -64.58 -55.27 -52.28
CA LEU B 17 -63.38 -56.08 -52.41
C LEU B 17 -62.23 -55.22 -52.92
N ARG B 18 -62.59 -54.14 -53.60
CA ARG B 18 -61.61 -53.20 -54.15
C ARG B 18 -60.80 -52.53 -53.03
N VAL B 19 -61.49 -51.86 -52.12
CA VAL B 19 -60.84 -51.17 -51.01
C VAL B 19 -60.07 -52.11 -50.10
N LEU B 20 -60.69 -53.23 -49.74
CA LEU B 20 -60.03 -54.20 -48.86
C LEU B 20 -58.67 -54.66 -49.39
N ARG B 21 -58.52 -54.70 -50.71
CA ARG B 21 -57.25 -55.13 -51.28
C ARG B 21 -56.22 -54.00 -51.13
N SER B 22 -56.66 -52.78 -51.44
CA SER B 22 -55.82 -51.59 -51.36
C SER B 22 -55.17 -51.38 -50.00
N ILE B 23 -55.98 -51.46 -48.94
CA ILE B 23 -55.50 -51.27 -47.60
C ILE B 23 -54.53 -52.36 -47.17
N LEU B 24 -54.88 -53.62 -47.42
CA LEU B 24 -54.00 -54.71 -47.03
C LEU B 24 -52.65 -54.59 -47.71
N GLU B 25 -52.64 -54.20 -48.99
CA GLU B 25 -51.38 -54.06 -49.70
C GLU B 25 -50.59 -52.87 -49.17
N ASN B 26 -51.29 -51.83 -48.73
CA ASN B 26 -50.63 -50.66 -48.17
C ASN B 26 -49.95 -51.10 -46.88
N LEU B 27 -50.70 -51.75 -45.99
CA LEU B 27 -50.13 -52.23 -44.74
C LEU B 27 -48.90 -53.10 -45.04
N ARG B 28 -49.07 -54.06 -45.94
CA ARG B 28 -47.98 -54.94 -46.30
C ARG B 28 -46.70 -54.10 -46.50
N SER B 29 -46.80 -53.07 -47.32
CA SER B 29 -45.65 -52.20 -47.58
C SER B 29 -45.17 -51.51 -46.33
N LYS B 30 -46.12 -51.05 -45.52
CA LYS B 30 -45.73 -50.37 -44.29
C LYS B 30 -45.01 -51.31 -43.34
N ILE B 31 -45.32 -52.59 -43.40
CA ILE B 31 -44.65 -53.56 -42.55
C ILE B 31 -43.20 -53.67 -43.03
N GLN B 32 -43.02 -53.49 -44.34
CA GLN B 32 -41.70 -53.58 -44.96
C GLN B 32 -40.85 -52.38 -44.56
N LYS B 33 -41.50 -51.25 -44.30
CA LYS B 33 -40.78 -50.05 -43.90
C LYS B 33 -40.28 -50.22 -42.48
N LEU B 34 -41.16 -50.72 -41.62
CA LEU B 34 -40.81 -50.91 -40.22
C LEU B 34 -39.76 -52.00 -40.07
N GLU B 35 -39.94 -53.12 -40.77
CA GLU B 35 -38.95 -54.18 -40.68
C GLU B 35 -37.60 -53.56 -41.05
N SER B 36 -37.64 -52.70 -42.07
CA SER B 36 -36.45 -52.02 -42.59
C SER B 36 -35.84 -51.05 -41.55
N ASP B 37 -36.68 -50.20 -40.98
CA ASP B 37 -36.23 -49.24 -39.98
C ASP B 37 -35.70 -49.89 -38.71
N VAL B 38 -36.26 -51.04 -38.33
CA VAL B 38 -35.81 -51.74 -37.14
C VAL B 38 -34.49 -52.48 -37.37
N SER B 39 -34.22 -52.85 -38.62
CA SER B 39 -32.99 -53.55 -38.94
C SER B 39 -31.80 -52.61 -38.80
N ALA B 40 -32.00 -51.37 -39.25
CA ALA B 40 -30.98 -50.34 -39.21
C ALA B 40 -30.61 -50.04 -37.77
N GLN B 41 -31.64 -49.77 -36.96
CA GLN B 41 -31.43 -49.45 -35.56
C GLN B 41 -30.64 -50.54 -34.87
N MET B 42 -30.97 -51.79 -35.18
CA MET B 42 -30.28 -52.94 -34.59
C MET B 42 -28.79 -52.86 -34.89
N GLU B 43 -28.44 -52.45 -36.11
CA GLU B 43 -27.05 -52.35 -36.50
C GLU B 43 -26.36 -51.18 -35.80
N TYR B 44 -27.03 -50.04 -35.76
CA TYR B 44 -26.45 -48.88 -35.10
C TYR B 44 -26.25 -49.23 -33.63
N CYS B 45 -27.05 -50.15 -33.10
CA CYS B 45 -26.92 -50.55 -31.70
C CYS B 45 -25.84 -51.58 -31.44
N ARG B 46 -24.96 -51.79 -32.43
CA ARG B 46 -23.87 -52.73 -32.27
C ARG B 46 -22.71 -51.97 -31.65
N THR B 47 -22.93 -50.68 -31.41
CA THR B 47 -21.92 -49.84 -30.80
C THR B 47 -22.72 -48.79 -30.05
N PRO B 48 -22.20 -48.34 -28.90
CA PRO B 48 -22.84 -47.34 -28.04
C PRO B 48 -22.61 -45.88 -28.35
N CYS B 49 -23.38 -45.04 -27.66
CA CYS B 49 -23.23 -43.60 -27.75
C CYS B 49 -22.15 -43.33 -26.70
N THR B 50 -21.53 -42.16 -26.72
CA THR B 50 -20.50 -41.91 -25.74
C THR B 50 -20.45 -40.48 -25.22
N VAL B 51 -19.85 -40.32 -24.05
CA VAL B 51 -19.68 -39.02 -23.44
C VAL B 51 -18.31 -38.97 -22.80
N SER B 52 -17.90 -37.77 -22.43
CA SER B 52 -16.61 -37.55 -21.78
C SER B 52 -16.84 -36.45 -20.78
N CYS B 53 -17.15 -36.82 -19.55
CA CYS B 53 -17.44 -35.83 -18.52
C CYS B 53 -16.38 -35.66 -17.45
N ASN B 54 -15.43 -34.75 -17.68
CA ASN B 54 -14.41 -34.52 -16.68
C ASN B 54 -15.17 -34.07 -15.43
N ILE B 55 -14.83 -34.66 -14.29
CA ILE B 55 -15.48 -34.36 -13.02
C ILE B 55 -15.06 -33.03 -12.37
N PRO B 56 -16.03 -32.18 -12.02
CA PRO B 56 -15.72 -30.89 -11.39
C PRO B 56 -15.07 -31.10 -10.01
N VAL B 57 -14.11 -30.26 -9.67
CA VAL B 57 -13.43 -30.41 -8.38
C VAL B 57 -14.35 -30.27 -7.16
N VAL B 58 -15.12 -29.19 -7.09
CA VAL B 58 -15.99 -29.01 -5.94
C VAL B 58 -17.04 -30.12 -5.86
N SER B 59 -17.26 -30.64 -4.65
CA SER B 59 -18.23 -31.69 -4.42
C SER B 59 -18.95 -31.43 -3.10
N GLY B 60 -20.00 -32.19 -2.83
CA GLY B 60 -20.74 -32.00 -1.59
C GLY B 60 -21.77 -33.09 -1.35
N LYS B 61 -22.50 -32.97 -0.24
CA LYS B 61 -23.53 -33.96 0.09
C LYS B 61 -24.60 -33.98 -0.99
N GLU B 62 -24.79 -32.84 -1.62
CA GLU B 62 -25.75 -32.66 -2.70
C GLU B 62 -25.59 -31.28 -3.32
N CYS B 63 -26.33 -31.02 -4.39
CA CYS B 63 -26.25 -29.76 -5.11
C CYS B 63 -26.33 -28.49 -4.26
N GLU B 64 -27.18 -28.48 -3.24
CA GLU B 64 -27.31 -27.31 -2.38
C GLU B 64 -25.99 -26.99 -1.68
N GLU B 65 -25.27 -28.01 -1.23
CA GLU B 65 -23.98 -27.75 -0.58
C GLU B 65 -22.98 -27.26 -1.62
N ILE B 66 -23.03 -27.85 -2.82
CA ILE B 66 -22.12 -27.47 -3.90
C ILE B 66 -22.30 -26.01 -4.30
N ILE B 67 -23.54 -25.59 -4.53
CA ILE B 67 -23.79 -24.21 -4.91
C ILE B 67 -23.24 -23.30 -3.81
N ARG B 68 -23.43 -23.72 -2.56
CA ARG B 68 -22.95 -22.95 -1.41
C ARG B 68 -21.43 -23.00 -1.29
N LYS B 69 -20.83 -24.04 -1.86
CA LYS B 69 -19.38 -24.18 -1.84
C LYS B 69 -18.78 -23.43 -3.03
N GLY B 70 -19.63 -22.78 -3.81
CA GLY B 70 -19.12 -22.00 -4.93
C GLY B 70 -19.27 -22.61 -6.31
N GLY B 71 -20.13 -23.62 -6.42
CA GLY B 71 -20.37 -24.24 -7.71
C GLY B 71 -21.56 -23.53 -8.30
N GLU B 72 -21.30 -22.53 -9.13
CA GLU B 72 -22.39 -21.74 -9.70
C GLU B 72 -22.77 -22.03 -11.14
N THR B 73 -22.31 -23.15 -11.70
CA THR B 73 -22.67 -23.47 -13.08
C THR B 73 -23.44 -24.77 -13.15
N SER B 74 -24.49 -24.80 -13.98
CA SER B 74 -25.30 -25.99 -14.12
C SER B 74 -24.61 -27.02 -15.01
N GLU B 75 -24.18 -28.12 -14.40
CA GLU B 75 -23.49 -29.18 -15.10
C GLU B 75 -23.52 -30.43 -14.24
N MET B 76 -22.76 -31.45 -14.65
CA MET B 76 -22.71 -32.68 -13.88
C MET B 76 -21.76 -32.50 -12.71
N TYR B 77 -22.18 -32.97 -11.55
CA TYR B 77 -21.35 -32.88 -10.34
C TYR B 77 -21.35 -34.22 -9.65
N LEU B 78 -20.34 -34.44 -8.84
CA LEU B 78 -20.19 -35.67 -8.07
C LEU B 78 -20.64 -35.33 -6.66
N ILE B 79 -21.62 -36.05 -6.12
CA ILE B 79 -22.05 -35.77 -4.74
C ILE B 79 -21.99 -37.03 -3.88
N GLN B 80 -21.84 -36.84 -2.58
CA GLN B 80 -21.81 -37.97 -1.68
C GLN B 80 -22.71 -37.67 -0.48
N PRO B 81 -24.01 -38.00 -0.61
CA PRO B 81 -25.01 -37.78 0.43
C PRO B 81 -24.51 -38.27 1.79
N ASP B 82 -23.66 -39.28 1.78
CA ASP B 82 -23.11 -39.77 3.03
C ASP B 82 -22.04 -40.86 2.92
N SER B 83 -21.10 -40.80 3.86
CA SER B 83 -19.98 -41.74 3.97
C SER B 83 -20.34 -43.17 3.60
N SER B 84 -21.60 -43.53 3.78
CA SER B 84 -22.07 -44.87 3.48
C SER B 84 -21.67 -45.28 2.07
N VAL B 85 -22.47 -44.88 1.09
CA VAL B 85 -22.21 -45.23 -0.30
C VAL B 85 -21.15 -44.34 -0.92
N LYS B 86 -20.62 -44.81 -2.05
CA LYS B 86 -19.59 -44.08 -2.78
C LYS B 86 -20.21 -42.92 -3.54
N PRO B 87 -19.43 -41.87 -3.78
CA PRO B 87 -19.91 -40.71 -4.52
C PRO B 87 -20.48 -41.13 -5.86
N TYR B 88 -21.53 -40.43 -6.30
CA TYR B 88 -22.13 -40.74 -7.59
C TYR B 88 -22.43 -39.46 -8.35
N ARG B 89 -22.57 -39.59 -9.67
CA ARG B 89 -22.81 -38.45 -10.54
C ARG B 89 -24.26 -38.01 -10.54
N VAL B 90 -24.47 -36.70 -10.62
CA VAL B 90 -25.81 -36.14 -10.64
C VAL B 90 -25.74 -34.82 -11.40
N TYR B 91 -26.88 -34.36 -11.90
CA TYR B 91 -26.92 -33.08 -12.60
C TYR B 91 -27.47 -32.03 -11.66
N CYS B 92 -26.74 -30.94 -11.50
CA CYS B 92 -27.17 -29.86 -10.61
C CYS B 92 -27.68 -28.65 -11.34
N ASP B 93 -28.86 -28.19 -10.92
CA ASP B 93 -29.48 -27.01 -11.50
C ASP B 93 -29.09 -25.87 -10.57
N MET B 94 -28.19 -25.00 -11.01
CA MET B 94 -27.76 -23.90 -10.18
C MET B 94 -28.32 -22.58 -10.66
N ASN B 95 -29.31 -22.64 -11.55
CA ASN B 95 -29.88 -21.41 -12.07
C ASN B 95 -31.35 -21.20 -11.73
N THR B 96 -32.15 -22.27 -11.82
CA THR B 96 -33.57 -22.16 -11.52
C THR B 96 -33.78 -21.89 -10.04
N GLU B 97 -34.52 -20.82 -9.75
CA GLU B 97 -34.84 -20.44 -8.37
C GLU B 97 -33.73 -20.60 -7.34
N ASN B 98 -32.66 -19.83 -7.52
CA ASN B 98 -31.53 -19.83 -6.60
C ASN B 98 -30.70 -21.11 -6.58
N GLY B 99 -30.82 -21.91 -7.63
CA GLY B 99 -30.05 -23.13 -7.75
C GLY B 99 -30.02 -24.10 -6.59
N GLY B 100 -29.06 -25.01 -6.64
CA GLY B 100 -28.92 -26.01 -5.58
C GLY B 100 -29.85 -27.18 -5.80
N TRP B 101 -30.49 -27.22 -6.96
CA TRP B 101 -31.42 -28.28 -7.28
C TRP B 101 -30.74 -29.54 -7.81
N THR B 102 -31.09 -30.66 -7.22
CA THR B 102 -30.54 -31.94 -7.63
C THR B 102 -31.59 -32.63 -8.50
N VAL B 103 -31.30 -32.76 -9.79
CA VAL B 103 -32.21 -33.41 -10.70
C VAL B 103 -32.25 -34.91 -10.42
N ILE B 104 -33.44 -35.43 -10.12
CA ILE B 104 -33.56 -36.85 -9.86
C ILE B 104 -34.30 -37.54 -11.01
N GLN B 105 -34.93 -36.74 -11.86
CA GLN B 105 -35.66 -37.25 -13.01
C GLN B 105 -35.69 -36.21 -14.11
N ASN B 106 -35.35 -36.61 -15.34
CA ASN B 106 -35.36 -35.66 -16.46
C ASN B 106 -35.89 -36.24 -17.78
N ARG B 107 -36.66 -35.42 -18.49
CA ARG B 107 -37.26 -35.76 -19.78
C ARG B 107 -37.10 -34.54 -20.70
N GLN B 108 -36.67 -34.76 -21.95
CA GLN B 108 -36.49 -33.63 -22.88
C GLN B 108 -36.50 -34.05 -24.35
N ASP B 109 -36.13 -35.29 -24.59
CA ASP B 109 -36.14 -35.89 -25.93
C ASP B 109 -36.67 -37.28 -25.63
N GLY B 110 -36.64 -38.22 -26.55
CA GLY B 110 -37.16 -39.52 -26.18
C GLY B 110 -36.06 -40.55 -26.14
N SER B 111 -34.84 -40.06 -25.92
CA SER B 111 -33.63 -40.87 -25.90
C SER B 111 -33.53 -42.04 -24.93
N VAL B 112 -34.11 -41.92 -23.76
CA VAL B 112 -34.02 -43.00 -22.79
C VAL B 112 -35.36 -43.69 -22.53
N ASP B 113 -35.29 -45.01 -22.38
CA ASP B 113 -36.46 -45.83 -22.12
C ASP B 113 -36.79 -45.82 -20.62
N PHE B 114 -38.04 -45.56 -20.26
CA PHE B 114 -38.42 -45.55 -18.85
C PHE B 114 -39.31 -46.74 -18.46
N GLY B 115 -39.65 -47.57 -19.44
CA GLY B 115 -40.47 -48.73 -19.13
C GLY B 115 -39.56 -49.86 -18.67
N ARG B 116 -38.97 -49.70 -17.48
CA ARG B 116 -38.07 -50.72 -16.96
C ARG B 116 -38.57 -51.47 -15.75
N LYS B 117 -37.88 -52.56 -15.41
CA LYS B 117 -38.24 -53.38 -14.27
C LYS B 117 -37.94 -52.65 -12.95
N TRP B 118 -38.17 -53.35 -11.85
CA TRP B 118 -37.98 -52.82 -10.51
C TRP B 118 -36.52 -52.50 -10.20
N ASP B 119 -35.62 -53.43 -10.54
CA ASP B 119 -34.21 -53.23 -10.27
C ASP B 119 -33.64 -51.98 -10.96
N PRO B 120 -33.84 -51.84 -12.28
CA PRO B 120 -33.30 -50.64 -12.94
C PRO B 120 -33.84 -49.37 -12.28
N TYR B 121 -35.09 -49.42 -11.83
CA TYR B 121 -35.68 -48.26 -11.20
C TYR B 121 -35.10 -48.00 -9.80
N LYS B 122 -34.52 -49.03 -9.21
CA LYS B 122 -33.92 -48.97 -7.88
C LYS B 122 -32.48 -48.49 -7.95
N GLN B 123 -31.76 -48.96 -8.96
CA GLN B 123 -30.35 -48.59 -9.16
C GLN B 123 -30.20 -47.29 -9.94
N GLY B 124 -31.17 -47.02 -10.81
CA GLY B 124 -31.13 -45.81 -11.63
C GLY B 124 -30.77 -46.16 -13.06
N PHE B 125 -31.13 -45.29 -14.00
CA PHE B 125 -30.81 -45.53 -15.40
C PHE B 125 -30.83 -44.24 -16.19
N GLY B 126 -30.29 -44.31 -17.41
CA GLY B 126 -30.25 -43.14 -18.27
C GLY B 126 -28.90 -42.43 -18.25
N ASN B 127 -28.86 -41.28 -18.92
CA ASN B 127 -27.65 -40.49 -19.00
C ASN B 127 -27.80 -39.27 -18.12
N VAL B 128 -26.89 -39.11 -17.17
CA VAL B 128 -26.96 -37.97 -16.27
C VAL B 128 -26.59 -36.68 -16.98
N ALA B 129 -25.66 -36.76 -17.92
CA ALA B 129 -25.22 -35.57 -18.65
C ALA B 129 -24.47 -35.88 -19.94
N THR B 130 -24.45 -34.90 -20.84
CA THR B 130 -23.77 -35.03 -22.12
C THR B 130 -22.89 -33.81 -22.39
N ASN B 131 -21.96 -33.96 -23.32
CA ASN B 131 -21.03 -32.90 -23.67
C ASN B 131 -21.70 -31.69 -24.33
N THR B 132 -21.27 -30.51 -23.88
CA THR B 132 -21.80 -29.24 -24.35
C THR B 132 -21.25 -28.82 -25.72
N ASP B 133 -20.72 -29.77 -26.48
CA ASP B 133 -20.18 -29.46 -27.81
C ASP B 133 -18.91 -28.60 -27.70
N GLY B 134 -17.77 -29.21 -28.00
CA GLY B 134 -16.51 -28.50 -27.94
C GLY B 134 -15.97 -28.37 -26.52
N LYS B 135 -16.77 -28.81 -25.55
CA LYS B 135 -16.39 -28.74 -24.14
C LYS B 135 -15.93 -30.09 -23.58
N ASN B 136 -15.08 -30.03 -22.57
CA ASN B 136 -14.54 -31.22 -21.94
C ASN B 136 -15.45 -31.73 -20.82
N TYR B 137 -16.35 -30.86 -20.37
CA TYR B 137 -17.29 -31.22 -19.31
C TYR B 137 -18.70 -31.35 -19.87
N CYS B 138 -19.55 -32.04 -19.12
CA CYS B 138 -20.92 -32.24 -19.56
C CYS B 138 -21.81 -31.25 -18.83
N GLY B 139 -22.14 -30.16 -19.53
CA GLY B 139 -22.97 -29.11 -18.95
C GLY B 139 -24.42 -29.20 -19.34
N LEU B 140 -24.80 -30.32 -19.95
CA LEU B 140 -26.18 -30.54 -20.34
C LEU B 140 -26.65 -31.82 -19.68
N PRO B 141 -27.90 -31.84 -19.21
CA PRO B 141 -28.43 -33.04 -18.57
C PRO B 141 -28.95 -33.99 -19.63
N GLY B 142 -28.97 -35.27 -19.31
CA GLY B 142 -29.52 -36.23 -20.24
C GLY B 142 -30.87 -36.65 -19.68
N GLU B 143 -31.42 -37.73 -20.19
CA GLU B 143 -32.68 -38.21 -19.68
C GLU B 143 -32.33 -39.29 -18.68
N TYR B 144 -32.77 -39.13 -17.44
CA TYR B 144 -32.46 -40.13 -16.46
C TYR B 144 -33.35 -40.16 -15.23
N TRP B 145 -33.31 -41.32 -14.57
CA TRP B 145 -34.00 -41.57 -13.31
C TRP B 145 -32.84 -41.85 -12.35
N LEU B 146 -32.62 -40.96 -11.39
CA LEU B 146 -31.52 -41.10 -10.46
C LEU B 146 -31.38 -42.45 -9.76
N GLY B 147 -32.50 -43.04 -9.36
CA GLY B 147 -32.49 -44.32 -8.68
C GLY B 147 -33.34 -44.21 -7.43
N ASN B 148 -34.14 -45.22 -7.15
CA ASN B 148 -35.02 -45.17 -5.97
C ASN B 148 -34.27 -45.15 -4.64
N ASP B 149 -33.27 -46.01 -4.48
CA ASP B 149 -32.51 -46.02 -3.24
C ASP B 149 -31.89 -44.65 -3.02
N LYS B 150 -31.35 -44.07 -4.08
CA LYS B 150 -30.72 -42.76 -3.97
C LYS B 150 -31.72 -41.65 -3.64
N ILE B 151 -32.88 -41.66 -4.29
CA ILE B 151 -33.90 -40.64 -4.04
C ILE B 151 -34.41 -40.73 -2.60
N SER B 152 -34.63 -41.95 -2.13
CA SER B 152 -35.12 -42.14 -0.79
C SER B 152 -34.11 -41.58 0.21
N GLN B 153 -32.84 -41.97 0.06
CA GLN B 153 -31.81 -41.50 0.95
C GLN B 153 -31.66 -39.97 1.00
N LEU B 154 -31.74 -39.30 -0.15
CA LEU B 154 -31.62 -37.86 -0.16
C LEU B 154 -32.74 -37.20 0.63
N THR B 155 -33.99 -37.65 0.44
CA THR B 155 -35.13 -37.08 1.16
C THR B 155 -35.12 -37.29 2.67
N ARG B 156 -34.66 -38.45 3.13
CA ARG B 156 -34.61 -38.76 4.56
C ARG B 156 -33.44 -38.11 5.29
N MET B 157 -32.63 -37.33 4.58
CA MET B 157 -31.49 -36.64 5.18
C MET B 157 -31.99 -35.44 5.95
N GLY B 158 -33.18 -34.98 5.59
CA GLY B 158 -33.78 -33.83 6.23
C GLY B 158 -34.89 -33.27 5.37
N PRO B 159 -35.65 -32.28 5.85
CA PRO B 159 -36.73 -31.74 5.01
C PRO B 159 -36.27 -31.49 3.58
N THR B 160 -37.04 -31.99 2.62
CA THR B 160 -36.74 -31.84 1.20
C THR B 160 -37.94 -31.30 0.42
N GLU B 161 -37.74 -30.24 -0.34
CA GLU B 161 -38.82 -29.69 -1.14
C GLU B 161 -38.63 -30.29 -2.53
N LEU B 162 -39.70 -30.35 -3.32
CA LEU B 162 -39.64 -30.94 -4.64
C LEU B 162 -40.13 -29.99 -5.72
N LEU B 163 -39.29 -29.78 -6.74
CA LEU B 163 -39.66 -28.90 -7.84
C LEU B 163 -39.85 -29.65 -9.14
N ILE B 164 -41.08 -29.66 -9.64
CA ILE B 164 -41.40 -30.33 -10.89
C ILE B 164 -41.62 -29.26 -11.94
N GLU B 165 -40.91 -29.38 -13.06
CA GLU B 165 -41.02 -28.42 -14.15
C GLU B 165 -41.46 -29.12 -15.43
N MET B 166 -42.16 -28.39 -16.29
CA MET B 166 -42.62 -28.97 -17.56
C MET B 166 -42.86 -27.95 -18.66
N GLU B 167 -42.99 -28.45 -19.87
CA GLU B 167 -43.19 -27.61 -21.05
C GLU B 167 -43.89 -28.37 -22.17
N ASP B 168 -44.79 -27.70 -22.88
CA ASP B 168 -45.49 -28.33 -24.00
C ASP B 168 -44.70 -28.11 -25.27
N TRP B 169 -45.10 -28.81 -26.34
CA TRP B 169 -44.40 -28.71 -27.61
C TRP B 169 -44.48 -27.35 -28.28
N LYS B 170 -45.07 -26.38 -27.58
CA LYS B 170 -45.22 -25.03 -28.12
C LYS B 170 -44.34 -24.06 -27.32
N GLY B 171 -43.89 -24.49 -26.15
CA GLY B 171 -43.02 -23.64 -25.36
C GLY B 171 -43.58 -23.09 -24.07
N ASP B 172 -44.81 -23.48 -23.71
CA ASP B 172 -45.41 -23.00 -22.48
C ASP B 172 -44.85 -23.77 -21.30
N LYS B 173 -44.56 -23.07 -20.22
CA LYS B 173 -44.01 -23.71 -19.03
C LYS B 173 -44.89 -23.55 -17.78
N VAL B 174 -44.86 -24.57 -16.92
CA VAL B 174 -45.61 -24.57 -15.66
C VAL B 174 -44.86 -25.42 -14.63
N LYS B 175 -44.79 -24.95 -13.40
CA LYS B 175 -44.09 -25.67 -12.34
C LYS B 175 -45.06 -26.20 -11.30
N ALA B 176 -44.60 -27.17 -10.51
CA ALA B 176 -45.39 -27.78 -9.44
C ALA B 176 -44.48 -28.03 -8.24
N HIS B 177 -44.49 -27.08 -7.31
CA HIS B 177 -43.68 -27.13 -6.10
C HIS B 177 -44.30 -27.98 -4.99
N TYR B 178 -43.47 -28.41 -4.05
CA TYR B 178 -43.89 -29.20 -2.92
C TYR B 178 -42.92 -28.94 -1.77
N GLY B 179 -43.40 -28.28 -0.72
CA GLY B 179 -42.55 -27.96 0.43
C GLY B 179 -41.99 -29.18 1.15
N GLY B 180 -42.71 -30.28 1.07
CA GLY B 180 -42.26 -31.49 1.73
C GLY B 180 -42.31 -32.68 0.79
N PHE B 181 -41.20 -33.38 0.67
CA PHE B 181 -41.10 -34.55 -0.20
C PHE B 181 -40.25 -35.60 0.48
N THR B 182 -40.77 -36.82 0.51
CA THR B 182 -40.07 -37.93 1.14
C THR B 182 -40.36 -39.21 0.40
N VAL B 183 -39.43 -40.15 0.47
CA VAL B 183 -39.56 -41.43 -0.19
C VAL B 183 -38.94 -42.45 0.73
N GLN B 184 -39.74 -43.40 1.20
CA GLN B 184 -39.23 -44.42 2.10
C GLN B 184 -38.38 -45.39 1.34
N ASN B 185 -37.59 -46.19 2.07
CA ASN B 185 -36.71 -47.15 1.44
C ASN B 185 -37.43 -48.26 0.67
N GLU B 186 -36.65 -49.18 0.13
CA GLU B 186 -37.18 -50.29 -0.63
C GLU B 186 -38.08 -51.17 0.23
N ALA B 187 -37.70 -51.36 1.49
CA ALA B 187 -38.48 -52.18 2.41
C ALA B 187 -39.90 -51.66 2.58
N ASN B 188 -40.10 -50.40 2.27
CA ASN B 188 -41.41 -49.79 2.39
C ASN B 188 -41.97 -49.43 1.03
N LYS B 189 -41.51 -50.17 0.02
CA LYS B 189 -41.94 -49.99 -1.36
C LYS B 189 -41.81 -48.55 -1.82
N TYR B 190 -40.72 -47.91 -1.42
CA TYR B 190 -40.44 -46.53 -1.78
C TYR B 190 -41.67 -45.65 -1.68
N GLN B 191 -42.43 -45.82 -0.60
CA GLN B 191 -43.66 -45.04 -0.37
C GLN B 191 -43.39 -43.53 -0.52
N ILE B 192 -44.25 -42.85 -1.27
CA ILE B 192 -44.06 -41.41 -1.48
C ILE B 192 -44.98 -40.52 -0.64
N SER B 193 -44.44 -39.39 -0.22
CA SER B 193 -45.18 -38.43 0.59
C SER B 193 -44.78 -36.99 0.24
N VAL B 194 -45.75 -36.19 -0.14
CA VAL B 194 -45.51 -34.79 -0.48
C VAL B 194 -46.54 -33.91 0.19
N ASN B 195 -46.20 -32.63 0.35
CA ASN B 195 -47.11 -31.66 0.96
C ASN B 195 -46.67 -30.25 0.63
N LYS B 196 -47.35 -29.27 1.23
CA LYS B 196 -47.05 -27.86 1.02
C LYS B 196 -46.93 -27.52 -0.46
N TYR B 197 -47.98 -27.84 -1.22
CA TYR B 197 -48.02 -27.58 -2.65
C TYR B 197 -48.27 -26.13 -3.05
N ARG B 198 -47.77 -25.76 -4.23
CA ARG B 198 -47.95 -24.44 -4.82
C ARG B 198 -47.48 -24.54 -6.28
N GLY B 199 -47.71 -23.50 -7.07
CA GLY B 199 -47.27 -23.54 -8.46
C GLY B 199 -48.37 -23.27 -9.49
N THR B 200 -48.05 -23.47 -10.77
CA THR B 200 -49.00 -23.23 -11.85
C THR B 200 -49.44 -24.43 -12.66
N ALA B 201 -48.87 -25.61 -12.38
CA ALA B 201 -49.22 -26.81 -13.14
C ALA B 201 -50.38 -27.60 -12.52
N GLY B 202 -50.85 -27.17 -11.36
CA GLY B 202 -51.95 -27.89 -10.72
C GLY B 202 -51.42 -28.98 -9.81
N ASN B 203 -52.00 -29.10 -8.61
CA ASN B 203 -51.58 -30.09 -7.64
C ASN B 203 -52.05 -31.50 -7.98
N ALA B 204 -51.50 -32.08 -9.04
CA ALA B 204 -51.89 -33.41 -9.48
C ALA B 204 -51.48 -34.57 -8.57
N LEU B 205 -50.51 -34.35 -7.69
CA LEU B 205 -50.06 -35.42 -6.79
C LEU B 205 -50.92 -35.60 -5.57
N MET B 206 -51.34 -34.49 -4.96
CA MET B 206 -52.15 -34.53 -3.74
C MET B 206 -53.66 -34.62 -3.98
N ASP B 207 -54.20 -33.62 -4.67
CA ASP B 207 -55.62 -33.52 -4.96
C ASP B 207 -56.14 -34.52 -6.00
N GLY B 208 -55.30 -34.86 -6.97
CA GLY B 208 -55.71 -35.79 -8.00
C GLY B 208 -56.10 -35.13 -9.29
N ALA B 209 -56.50 -35.95 -10.27
CA ALA B 209 -56.91 -35.48 -11.59
C ALA B 209 -57.95 -34.34 -11.51
N SER B 210 -57.52 -33.15 -11.89
CA SER B 210 -58.36 -31.97 -11.86
C SER B 210 -59.71 -32.13 -12.56
N GLN B 211 -59.72 -32.82 -13.70
CA GLN B 211 -60.95 -33.00 -14.46
C GLN B 211 -61.77 -34.23 -14.08
N LEU B 212 -61.66 -34.68 -12.84
CA LEU B 212 -62.43 -35.84 -12.41
C LEU B 212 -63.22 -35.48 -11.15
N MET B 213 -64.33 -36.18 -10.93
CA MET B 213 -65.16 -35.89 -9.77
C MET B 213 -65.18 -36.99 -8.71
N GLY B 214 -65.22 -36.56 -7.45
CA GLY B 214 -65.26 -37.47 -6.31
C GLY B 214 -64.42 -38.73 -6.40
N GLU B 215 -65.07 -39.87 -6.26
CA GLU B 215 -64.41 -41.18 -6.29
C GLU B 215 -63.38 -41.31 -7.40
N ASN B 216 -63.76 -40.88 -8.60
CA ASN B 216 -62.88 -40.98 -9.75
C ASN B 216 -61.58 -40.20 -9.54
N ARG B 217 -61.69 -38.94 -9.13
CA ARG B 217 -60.53 -38.09 -8.91
C ARG B 217 -59.61 -38.60 -7.80
N THR B 218 -60.19 -39.24 -6.81
CA THR B 218 -59.42 -39.75 -5.68
C THR B 218 -58.48 -40.88 -6.06
N MET B 219 -58.97 -41.84 -6.83
CA MET B 219 -58.15 -42.97 -7.22
C MET B 219 -56.94 -42.56 -8.07
N THR B 220 -56.82 -41.26 -8.32
CA THR B 220 -55.69 -40.76 -9.11
C THR B 220 -54.70 -39.95 -8.28
N ILE B 221 -54.81 -40.03 -6.96
CA ILE B 221 -53.88 -39.30 -6.09
C ILE B 221 -52.65 -40.16 -5.84
N HIS B 222 -51.47 -39.56 -5.95
CA HIS B 222 -50.20 -40.26 -5.78
C HIS B 222 -49.68 -40.26 -4.35
N ASN B 223 -49.97 -39.18 -3.64
CA ASN B 223 -49.55 -39.03 -2.25
C ASN B 223 -49.89 -40.30 -1.47
N GLY B 224 -48.91 -40.84 -0.76
CA GLY B 224 -49.14 -42.05 0.02
C GLY B 224 -48.99 -43.35 -0.74
N MET B 225 -48.94 -43.25 -2.06
CA MET B 225 -48.81 -44.44 -2.89
C MET B 225 -47.46 -45.13 -2.83
N PHE B 226 -47.43 -46.39 -3.26
CA PHE B 226 -46.17 -47.14 -3.30
C PHE B 226 -45.68 -47.13 -4.74
N PHE B 227 -44.40 -47.36 -4.92
CA PHE B 227 -43.82 -47.36 -6.26
C PHE B 227 -44.08 -48.73 -6.92
N SER B 228 -44.46 -48.70 -8.19
CA SER B 228 -44.74 -49.92 -8.94
C SER B 228 -44.03 -49.87 -10.29
N THR B 229 -43.70 -51.04 -10.80
CA THR B 229 -43.03 -51.19 -12.09
C THR B 229 -43.76 -52.32 -12.80
N TYR B 230 -43.66 -52.40 -14.12
CA TYR B 230 -44.39 -53.44 -14.81
C TYR B 230 -44.11 -54.85 -14.29
N ASP B 231 -43.05 -55.01 -13.50
CA ASP B 231 -42.73 -56.34 -12.97
C ASP B 231 -42.86 -56.41 -11.44
N ARG B 232 -43.61 -55.47 -10.87
CA ARG B 232 -43.81 -55.42 -9.43
C ARG B 232 -45.00 -54.51 -9.16
N ASP B 233 -46.16 -55.13 -9.01
CA ASP B 233 -47.41 -54.42 -8.79
C ASP B 233 -47.67 -53.98 -7.35
N ASN B 234 -47.59 -52.68 -7.12
CA ASN B 234 -47.83 -52.09 -5.82
C ASN B 234 -48.80 -50.92 -6.02
N ASP B 235 -49.71 -51.07 -6.98
CA ASP B 235 -50.68 -50.02 -7.29
C ASP B 235 -51.96 -50.07 -6.43
N GLY B 236 -52.72 -48.99 -6.48
CA GLY B 236 -53.96 -48.91 -5.73
C GLY B 236 -55.10 -49.40 -6.61
N TRP B 237 -54.83 -50.45 -7.37
CA TRP B 237 -55.80 -51.04 -8.27
C TRP B 237 -55.91 -52.51 -7.90
N LEU B 238 -56.89 -52.82 -7.08
CA LEU B 238 -57.13 -54.19 -6.63
C LEU B 238 -57.85 -54.95 -7.74
N THR B 239 -57.12 -55.83 -8.42
CA THR B 239 -57.69 -56.62 -9.51
C THR B 239 -57.06 -58.00 -9.62
N SER B 240 -57.67 -58.88 -10.41
CA SER B 240 -57.20 -60.24 -10.58
C SER B 240 -56.51 -60.51 -11.91
N ASP B 241 -56.84 -59.71 -12.93
CA ASP B 241 -56.24 -59.89 -14.25
C ASP B 241 -54.78 -59.48 -14.27
N PRO B 242 -53.88 -60.44 -14.53
CA PRO B 242 -52.44 -60.18 -14.59
C PRO B 242 -52.02 -59.16 -15.66
N ARG B 243 -52.99 -58.49 -16.27
CA ARG B 243 -52.69 -57.51 -17.31
C ARG B 243 -53.22 -56.14 -16.92
N LYS B 244 -53.97 -56.09 -15.82
CA LYS B 244 -54.54 -54.83 -15.38
C LYS B 244 -53.74 -54.15 -14.28
N GLN B 245 -52.49 -53.85 -14.58
CA GLN B 245 -51.61 -53.18 -13.64
C GLN B 245 -51.22 -51.83 -14.23
N CYS B 246 -51.30 -50.78 -13.42
CA CYS B 246 -50.98 -49.44 -13.88
C CYS B 246 -49.62 -49.26 -14.55
N SER B 247 -48.67 -50.14 -14.27
CA SER B 247 -47.34 -50.00 -14.88
C SER B 247 -47.25 -50.73 -16.22
N LYS B 248 -47.97 -51.85 -16.34
CA LYS B 248 -47.96 -52.58 -17.59
C LYS B 248 -48.66 -51.68 -18.61
N GLU B 249 -49.82 -51.13 -18.24
CA GLU B 249 -50.53 -50.20 -19.10
C GLU B 249 -49.92 -48.91 -18.58
N ASP B 250 -49.95 -47.82 -19.35
CA ASP B 250 -49.36 -46.56 -18.89
C ASP B 250 -47.82 -46.58 -18.93
N GLY B 251 -47.25 -47.79 -19.08
CA GLY B 251 -45.81 -48.00 -19.17
C GLY B 251 -44.81 -47.09 -18.48
N GLY B 252 -44.04 -47.66 -17.56
CA GLY B 252 -43.06 -46.88 -16.83
C GLY B 252 -43.28 -47.05 -15.34
N GLY B 253 -42.22 -46.90 -14.56
CA GLY B 253 -42.32 -47.04 -13.12
C GLY B 253 -42.73 -45.73 -12.47
N TRP B 254 -43.68 -45.80 -11.55
CA TRP B 254 -44.16 -44.61 -10.90
C TRP B 254 -44.91 -44.98 -9.64
N TRP B 255 -45.38 -43.95 -8.93
CA TRP B 255 -46.17 -44.14 -7.72
C TRP B 255 -47.64 -44.15 -8.21
N TYR B 256 -47.95 -45.12 -9.05
CA TYR B 256 -49.29 -45.25 -9.61
C TYR B 256 -50.30 -45.58 -8.53
N ASN B 257 -51.49 -45.02 -8.68
CA ASN B 257 -52.57 -45.26 -7.75
C ASN B 257 -53.63 -46.10 -8.47
N ARG B 258 -54.51 -45.44 -9.20
CA ARG B 258 -55.56 -46.13 -9.95
C ARG B 258 -56.18 -45.23 -11.03
N CYS B 259 -55.40 -44.84 -12.03
CA CYS B 259 -53.99 -45.19 -12.13
C CYS B 259 -53.09 -43.99 -11.94
N HIS B 260 -53.50 -42.84 -12.46
CA HIS B 260 -52.69 -41.64 -12.31
C HIS B 260 -53.36 -40.34 -12.73
N ALA B 261 -52.72 -39.24 -12.34
CA ALA B 261 -53.15 -37.91 -12.70
C ALA B 261 -51.91 -37.40 -13.40
N ALA B 262 -50.77 -37.94 -12.99
CA ALA B 262 -49.47 -37.56 -13.53
C ALA B 262 -48.66 -38.78 -13.93
N ASN B 263 -48.13 -38.75 -15.16
CA ASN B 263 -47.33 -39.86 -15.65
C ASN B 263 -45.97 -39.34 -16.15
N PRO B 264 -45.16 -38.76 -15.25
CA PRO B 264 -43.84 -38.20 -15.53
C PRO B 264 -42.90 -39.14 -16.23
N ASN B 265 -42.98 -40.42 -15.89
CA ASN B 265 -42.12 -41.42 -16.51
C ASN B 265 -42.83 -42.22 -17.61
N GLY B 266 -43.81 -41.59 -18.24
CA GLY B 266 -44.53 -42.25 -19.32
C GLY B 266 -43.79 -42.19 -20.64
N ARG B 267 -44.40 -42.79 -21.67
CA ARG B 267 -43.84 -42.84 -23.01
C ARG B 267 -43.75 -41.44 -23.62
N TYR B 268 -42.60 -41.12 -24.21
CA TYR B 268 -42.37 -39.81 -24.81
C TYR B 268 -42.98 -39.70 -26.22
N TYR B 269 -44.21 -39.21 -26.33
CA TYR B 269 -44.86 -39.06 -27.62
C TYR B 269 -44.37 -37.79 -28.32
N TRP B 270 -43.86 -37.94 -29.53
CA TRP B 270 -43.38 -36.79 -30.27
C TRP B 270 -44.57 -35.96 -30.76
N GLY B 271 -44.49 -34.64 -30.60
CA GLY B 271 -45.58 -33.79 -31.04
C GLY B 271 -46.55 -33.35 -29.95
N GLY B 272 -46.65 -34.11 -28.88
CA GLY B 272 -47.56 -33.75 -27.80
C GLY B 272 -48.88 -34.50 -27.89
N GLN B 273 -49.77 -33.99 -28.74
CA GLN B 273 -51.08 -34.59 -28.94
C GLN B 273 -50.95 -36.06 -29.31
N TYR B 274 -51.79 -36.90 -28.72
CA TYR B 274 -51.79 -38.32 -29.03
C TYR B 274 -53.14 -38.88 -28.60
N THR B 275 -53.52 -40.06 -29.11
CA THR B 275 -54.81 -40.62 -28.78
C THR B 275 -54.81 -42.09 -28.43
N TRP B 276 -55.93 -42.51 -27.84
CA TRP B 276 -56.14 -43.87 -27.39
C TRP B 276 -55.80 -44.96 -28.40
N ASP B 277 -55.93 -44.67 -29.69
CA ASP B 277 -55.64 -45.69 -30.68
C ASP B 277 -54.19 -45.66 -31.16
N MET B 278 -53.38 -44.92 -30.43
CA MET B 278 -51.95 -44.82 -30.69
C MET B 278 -51.26 -45.56 -29.55
N ALA B 279 -51.83 -45.41 -28.36
CA ALA B 279 -51.31 -46.04 -27.15
C ALA B 279 -51.29 -47.56 -27.25
N LYS B 280 -50.23 -48.16 -26.73
CA LYS B 280 -50.03 -49.60 -26.75
C LYS B 280 -51.22 -50.35 -26.15
N HIS B 281 -51.58 -50.02 -24.91
CA HIS B 281 -52.68 -50.69 -24.25
C HIS B 281 -53.89 -49.76 -24.18
N GLY B 282 -53.98 -48.88 -25.17
CA GLY B 282 -55.10 -47.96 -25.23
C GLY B 282 -55.30 -47.09 -24.01
N THR B 283 -54.38 -47.18 -23.05
CA THR B 283 -54.48 -46.37 -21.86
C THR B 283 -53.81 -45.04 -22.14
N ASP B 284 -53.72 -44.19 -21.12
CA ASP B 284 -53.09 -42.90 -21.32
C ASP B 284 -51.65 -42.85 -20.79
N ASP B 285 -50.81 -43.71 -21.35
CA ASP B 285 -49.41 -43.74 -21.00
C ASP B 285 -48.88 -42.53 -21.74
N GLY B 286 -47.75 -41.99 -21.31
CA GLY B 286 -47.23 -40.81 -21.97
C GLY B 286 -46.99 -39.74 -20.95
N VAL B 287 -45.92 -38.96 -21.14
CA VAL B 287 -45.55 -37.91 -20.21
C VAL B 287 -46.73 -36.96 -19.98
N VAL B 288 -47.67 -37.43 -19.17
CA VAL B 288 -48.88 -36.71 -18.85
C VAL B 288 -48.96 -36.09 -17.47
N TRP B 289 -49.71 -35.00 -17.40
CA TRP B 289 -49.98 -34.28 -16.17
C TRP B 289 -51.32 -33.66 -16.46
N MET B 290 -52.37 -34.47 -16.29
CA MET B 290 -53.74 -34.04 -16.58
C MET B 290 -54.13 -32.64 -16.11
N ASN B 291 -53.81 -32.33 -14.87
CA ASN B 291 -54.13 -31.02 -14.32
C ASN B 291 -53.70 -29.81 -15.15
N TRP B 292 -53.07 -30.04 -16.30
CA TRP B 292 -52.64 -28.91 -17.12
C TRP B 292 -53.03 -29.02 -18.60
N LYS B 293 -52.74 -30.16 -19.21
CA LYS B 293 -53.03 -30.40 -20.62
C LYS B 293 -54.01 -31.55 -20.81
N GLY B 294 -54.35 -32.23 -19.73
CA GLY B 294 -55.27 -33.33 -19.84
C GLY B 294 -54.57 -34.66 -19.88
N SER B 295 -55.30 -35.69 -20.31
CA SER B 295 -54.75 -37.03 -20.35
C SER B 295 -54.09 -37.42 -21.67
N TRP B 296 -54.32 -36.68 -22.74
CA TRP B 296 -53.74 -37.03 -24.03
C TRP B 296 -52.70 -36.05 -24.58
N TYR B 297 -51.85 -35.55 -23.69
CA TYR B 297 -50.78 -34.66 -24.10
C TYR B 297 -49.51 -35.15 -23.42
N SER B 298 -48.44 -35.30 -24.20
CA SER B 298 -47.17 -35.78 -23.69
C SER B 298 -46.17 -34.62 -23.68
N MET B 299 -45.93 -34.06 -22.50
CA MET B 299 -45.01 -32.95 -22.34
C MET B 299 -43.73 -33.12 -23.16
N ARG B 300 -43.21 -32.01 -23.67
CA ARG B 300 -41.98 -32.06 -24.44
C ARG B 300 -40.86 -32.21 -23.40
N LYS B 301 -40.98 -31.47 -22.30
CA LYS B 301 -40.03 -31.54 -21.22
C LYS B 301 -40.73 -31.83 -19.91
N MET B 302 -40.09 -32.65 -19.08
CA MET B 302 -40.60 -33.04 -17.77
C MET B 302 -39.40 -33.36 -16.88
N SER B 303 -39.36 -32.78 -15.68
CA SER B 303 -38.26 -33.03 -14.78
C SER B 303 -38.62 -32.86 -13.31
N MET B 304 -37.96 -33.64 -12.45
CA MET B 304 -38.17 -33.59 -11.01
C MET B 304 -36.83 -33.34 -10.32
N LYS B 305 -36.76 -32.30 -9.51
CA LYS B 305 -35.52 -31.98 -8.81
C LYS B 305 -35.74 -31.63 -7.32
N ILE B 306 -34.79 -32.02 -6.48
CA ILE B 306 -34.91 -31.77 -5.04
C ILE B 306 -33.87 -30.81 -4.48
N ARG B 307 -34.11 -30.40 -3.24
CA ARG B 307 -33.21 -29.49 -2.54
C ARG B 307 -33.62 -29.40 -1.06
N PRO B 308 -32.64 -29.22 -0.16
CA PRO B 308 -32.94 -29.10 1.27
C PRO B 308 -33.96 -27.97 1.41
N PHE B 309 -34.80 -28.05 2.45
CA PHE B 309 -35.82 -27.03 2.63
C PHE B 309 -35.46 -25.67 3.24
N PHE B 310 -35.41 -25.60 4.57
CA PHE B 310 -35.09 -24.35 5.27
C PHE B 310 -36.27 -23.36 5.16
N TYR C 1 -62.98 -53.55 -63.37
CA TYR C 1 -64.11 -53.12 -64.24
C TYR C 1 -65.41 -53.76 -63.74
N GLU C 2 -65.31 -54.40 -62.58
CA GLU C 2 -66.43 -55.11 -61.96
C GLU C 2 -66.44 -56.51 -62.55
N ALA C 3 -65.62 -57.39 -61.98
CA ALA C 3 -65.49 -58.78 -62.44
C ALA C 3 -66.76 -59.59 -62.18
N SER C 4 -66.80 -60.80 -62.72
CA SER C 4 -67.95 -61.68 -62.55
C SER C 4 -68.10 -62.21 -61.13
N ILE C 5 -69.32 -62.61 -60.78
CA ILE C 5 -69.62 -63.13 -59.45
C ILE C 5 -68.74 -64.35 -59.16
N LEU C 6 -68.21 -64.93 -60.23
CA LEU C 6 -67.37 -66.11 -60.11
C LEU C 6 -65.94 -65.75 -59.71
N THR C 7 -65.60 -64.47 -59.85
CA THR C 7 -64.29 -63.96 -59.48
C THR C 7 -64.22 -63.83 -57.97
N HIS C 8 -65.33 -63.38 -57.38
CA HIS C 8 -65.45 -63.18 -55.94
C HIS C 8 -64.92 -64.33 -55.11
N ASP C 9 -65.32 -65.54 -55.46
CA ASP C 9 -64.90 -66.73 -54.74
C ASP C 9 -63.38 -66.80 -54.60
N SER C 10 -62.69 -66.47 -55.67
CA SER C 10 -61.23 -66.51 -55.68
C SER C 10 -60.60 -65.23 -55.12
N SER C 11 -61.06 -64.09 -55.64
CA SER C 11 -60.54 -62.79 -55.21
C SER C 11 -60.66 -62.60 -53.70
N ILE C 12 -61.72 -63.15 -53.10
CA ILE C 12 -61.97 -63.03 -51.66
C ILE C 12 -60.91 -63.78 -50.85
N ARG C 13 -60.48 -64.93 -51.35
CA ARG C 13 -59.48 -65.73 -50.65
C ARG C 13 -58.08 -65.14 -50.80
N TYR C 14 -57.87 -64.35 -51.85
CA TYR C 14 -56.57 -63.71 -52.08
C TYR C 14 -56.29 -62.73 -50.96
N LEU C 15 -57.34 -62.10 -50.44
CA LEU C 15 -57.20 -61.14 -49.35
C LEU C 15 -56.86 -61.89 -48.07
N GLN C 16 -57.64 -62.95 -47.80
CA GLN C 16 -57.42 -63.77 -46.62
C GLN C 16 -55.97 -64.22 -46.54
N GLU C 17 -55.37 -64.50 -47.70
CA GLU C 17 -53.98 -64.93 -47.73
C GLU C 17 -53.00 -63.82 -47.39
N ILE C 18 -53.09 -62.68 -48.08
CA ILE C 18 -52.18 -61.59 -47.79
C ILE C 18 -52.48 -61.00 -46.42
N TYR C 19 -53.73 -61.10 -45.98
CA TYR C 19 -54.11 -60.57 -44.68
C TYR C 19 -53.45 -61.39 -43.58
N ASN C 20 -53.48 -62.70 -43.73
CA ASN C 20 -52.89 -63.60 -42.76
C ASN C 20 -51.38 -63.47 -42.81
N SER C 21 -50.83 -63.33 -44.01
CA SER C 21 -49.39 -63.18 -44.17
C SER C 21 -48.98 -61.91 -43.42
N ASN C 22 -49.71 -60.83 -43.67
CA ASN C 22 -49.45 -59.57 -43.01
C ASN C 22 -49.34 -59.81 -41.52
N ASN C 23 -50.36 -60.44 -40.97
CA ASN C 23 -50.43 -60.75 -39.55
C ASN C 23 -49.15 -61.42 -39.05
N GLN C 24 -48.70 -62.46 -39.76
CA GLN C 24 -47.48 -63.17 -39.39
C GLN C 24 -46.29 -62.22 -39.32
N LYS C 25 -46.10 -61.45 -40.38
CA LYS C 25 -45.00 -60.50 -40.43
C LYS C 25 -45.07 -59.54 -39.24
N ILE C 26 -46.29 -59.19 -38.84
CA ILE C 26 -46.45 -58.28 -37.71
C ILE C 26 -46.02 -58.95 -36.41
N VAL C 27 -46.28 -60.25 -36.29
CA VAL C 27 -45.91 -61.00 -35.09
C VAL C 27 -44.40 -61.10 -35.00
N ASN C 28 -43.75 -61.30 -36.15
CA ASN C 28 -42.31 -61.41 -36.20
C ASN C 28 -41.63 -60.05 -36.00
N LEU C 29 -42.29 -58.98 -36.42
CA LEU C 29 -41.74 -57.64 -36.27
C LEU C 29 -41.79 -57.24 -34.80
N LYS C 30 -42.92 -57.52 -34.15
CA LYS C 30 -43.06 -57.21 -32.75
C LYS C 30 -41.95 -57.93 -32.01
N GLU C 31 -41.63 -59.13 -32.48
CA GLU C 31 -40.56 -59.91 -31.86
C GLU C 31 -39.25 -59.13 -31.97
N LYS C 32 -38.88 -58.76 -33.19
CA LYS C 32 -37.65 -58.00 -33.41
C LYS C 32 -37.64 -56.74 -32.56
N VAL C 33 -38.78 -56.06 -32.49
CA VAL C 33 -38.89 -54.85 -31.70
C VAL C 33 -38.55 -55.19 -30.25
N ALA C 34 -38.89 -56.40 -29.83
CA ALA C 34 -38.60 -56.84 -28.48
C ALA C 34 -37.10 -56.99 -28.28
N GLN C 35 -36.42 -57.56 -29.27
CA GLN C 35 -34.97 -57.75 -29.18
C GLN C 35 -34.22 -56.44 -29.27
N LEU C 36 -34.74 -55.49 -30.04
CA LEU C 36 -34.09 -54.20 -30.17
C LEU C 36 -34.08 -53.52 -28.81
N GLU C 37 -35.14 -53.77 -28.06
CA GLU C 37 -35.28 -53.18 -26.74
C GLU C 37 -34.17 -53.55 -25.76
N ALA C 38 -33.80 -54.83 -25.73
CA ALA C 38 -32.73 -55.29 -24.83
C ALA C 38 -31.40 -54.69 -25.26
N GLN C 39 -31.42 -54.03 -26.41
CA GLN C 39 -30.25 -53.39 -26.98
C GLN C 39 -30.17 -51.92 -26.64
N CYS C 40 -31.24 -51.35 -26.10
CA CYS C 40 -31.25 -49.93 -25.78
C CYS C 40 -31.48 -49.54 -24.34
N GLN C 41 -30.89 -50.29 -23.42
CA GLN C 41 -31.05 -50.01 -22.00
C GLN C 41 -29.83 -49.29 -21.40
N GLU C 42 -28.65 -49.66 -21.87
CA GLU C 42 -27.40 -49.07 -21.39
C GLU C 42 -27.32 -47.58 -21.63
N PRO C 43 -26.55 -46.86 -20.79
CA PRO C 43 -26.42 -45.41 -20.96
C PRO C 43 -25.21 -45.26 -21.87
N CYS C 44 -24.89 -44.03 -22.28
CA CYS C 44 -23.72 -43.85 -23.12
C CYS C 44 -22.52 -44.22 -22.26
N LYS C 45 -21.47 -44.74 -22.89
CA LYS C 45 -20.28 -45.10 -22.14
C LYS C 45 -19.49 -43.82 -21.88
N ASP C 46 -19.15 -43.58 -20.62
CA ASP C 46 -18.38 -42.39 -20.26
C ASP C 46 -16.89 -42.73 -20.28
N THR C 47 -16.12 -41.91 -21.00
CA THR C 47 -14.68 -42.11 -21.11
C THR C 47 -13.98 -41.88 -19.78
N VAL C 48 -14.31 -40.78 -19.12
CA VAL C 48 -13.69 -40.48 -17.83
C VAL C 48 -14.17 -41.45 -16.76
N GLN C 49 -13.22 -42.21 -16.22
CA GLN C 49 -13.53 -43.18 -15.20
C GLN C 49 -12.62 -42.98 -14.00
N ILE C 50 -13.12 -43.32 -12.82
CA ILE C 50 -12.39 -43.19 -11.57
C ILE C 50 -11.88 -44.56 -11.13
N HIS C 51 -10.62 -44.64 -10.73
CA HIS C 51 -10.05 -45.90 -10.31
C HIS C 51 -10.58 -46.36 -8.95
N ASP C 52 -10.43 -47.65 -8.68
CA ASP C 52 -10.89 -48.26 -7.43
C ASP C 52 -9.98 -48.05 -6.24
N ILE C 53 -8.68 -48.26 -6.44
CA ILE C 53 -7.69 -48.11 -5.37
C ILE C 53 -7.76 -46.74 -4.68
N THR C 54 -7.80 -46.76 -3.36
CA THR C 54 -7.84 -45.53 -2.60
C THR C 54 -6.83 -45.60 -1.44
N GLY C 55 -6.36 -44.44 -0.98
CA GLY C 55 -5.41 -44.38 0.11
C GLY C 55 -5.48 -43.01 0.78
N LYS C 56 -4.56 -42.74 1.71
CA LYS C 56 -4.54 -41.45 2.42
C LYS C 56 -4.08 -40.32 1.50
N ASP C 57 -3.42 -40.68 0.41
CA ASP C 57 -2.96 -39.71 -0.58
C ASP C 57 -2.45 -40.49 -1.77
N CYS C 58 -2.09 -39.79 -2.84
CA CYS C 58 -1.63 -40.48 -4.04
C CYS C 58 -0.48 -41.47 -3.81
N GLN C 59 0.44 -41.12 -2.91
CA GLN C 59 1.57 -42.01 -2.65
C GLN C 59 1.10 -43.33 -2.02
N ASP C 60 0.14 -43.25 -1.09
CA ASP C 60 -0.41 -44.44 -0.44
C ASP C 60 -0.95 -45.33 -1.55
N ILE C 61 -1.76 -44.75 -2.42
CA ILE C 61 -2.35 -45.45 -3.54
C ILE C 61 -1.24 -46.03 -4.42
N ALA C 62 -0.25 -45.22 -4.75
CA ALA C 62 0.86 -45.69 -5.57
C ALA C 62 1.56 -46.85 -4.89
N ASN C 63 1.45 -46.92 -3.57
CA ASN C 63 2.08 -47.98 -2.81
C ASN C 63 1.15 -49.17 -2.59
N LYS C 64 -0.09 -49.06 -3.07
CA LYS C 64 -1.04 -50.16 -2.93
C LYS C 64 -1.11 -50.89 -4.26
N GLY C 65 -0.27 -50.47 -5.20
CA GLY C 65 -0.26 -51.11 -6.50
C GLY C 65 -0.59 -50.18 -7.64
N ALA C 66 -1.28 -49.07 -7.35
CA ALA C 66 -1.65 -48.12 -8.40
C ALA C 66 -0.51 -47.93 -9.38
N LYS C 67 -0.79 -47.87 -10.66
CA LYS C 67 0.30 -47.71 -11.60
C LYS C 67 0.15 -46.61 -12.64
N GLN C 68 -1.09 -46.27 -13.00
CA GLN C 68 -1.28 -45.23 -14.00
C GLN C 68 -1.90 -43.96 -13.46
N SER C 69 -1.49 -42.83 -14.02
CA SER C 69 -2.00 -41.54 -13.60
C SER C 69 -3.50 -41.49 -13.92
N GLY C 70 -4.28 -40.96 -12.97
CA GLY C 70 -5.70 -40.88 -13.18
C GLY C 70 -6.44 -40.35 -11.98
N LEU C 71 -7.77 -40.35 -12.08
CA LEU C 71 -8.59 -39.84 -11.00
C LEU C 71 -8.81 -40.92 -9.96
N TYR C 72 -8.50 -40.60 -8.72
CA TYR C 72 -8.67 -41.54 -7.61
C TYR C 72 -9.33 -40.82 -6.46
N PHE C 73 -9.83 -41.58 -5.51
CA PHE C 73 -10.43 -41.01 -4.33
C PHE C 73 -9.41 -41.19 -3.23
N ILE C 74 -9.15 -40.13 -2.47
CA ILE C 74 -8.22 -40.23 -1.36
C ILE C 74 -8.91 -39.70 -0.13
N LYS C 75 -8.40 -40.05 1.04
CA LYS C 75 -8.97 -39.59 2.29
C LYS C 75 -7.89 -39.52 3.36
N PRO C 76 -7.27 -38.35 3.54
CA PRO C 76 -6.24 -38.18 4.56
C PRO C 76 -6.76 -38.59 5.92
N LEU C 77 -5.86 -38.86 6.86
CA LEU C 77 -6.25 -39.30 8.19
C LEU C 77 -7.33 -38.47 8.86
N LYS C 78 -7.09 -37.17 9.03
CA LYS C 78 -8.04 -36.27 9.68
C LYS C 78 -9.16 -35.75 8.78
N ALA C 79 -9.29 -36.29 7.58
CA ALA C 79 -10.31 -35.86 6.63
C ALA C 79 -11.71 -36.36 6.99
N ASN C 80 -12.69 -35.47 7.01
CA ASN C 80 -14.06 -35.87 7.34
C ASN C 80 -14.61 -36.80 6.27
N GLN C 81 -14.39 -36.45 5.01
CA GLN C 81 -14.88 -37.27 3.91
C GLN C 81 -13.77 -37.44 2.86
N GLN C 82 -13.93 -38.39 1.96
CA GLN C 82 -12.96 -38.61 0.90
C GLN C 82 -13.23 -37.61 -0.21
N PHE C 83 -12.29 -37.47 -1.13
CA PHE C 83 -12.47 -36.56 -2.26
C PHE C 83 -11.66 -36.95 -3.51
N LEU C 84 -12.20 -36.65 -4.68
CA LEU C 84 -11.53 -36.98 -5.93
C LEU C 84 -10.31 -36.10 -6.17
N VAL C 85 -9.20 -36.73 -6.51
CA VAL C 85 -7.98 -35.98 -6.82
C VAL C 85 -7.36 -36.56 -8.07
N TYR C 86 -6.29 -35.92 -8.51
CA TYR C 86 -5.56 -36.39 -9.67
C TYR C 86 -4.23 -36.90 -9.16
N CYS C 87 -3.86 -38.09 -9.59
CA CYS C 87 -2.59 -38.65 -9.17
C CYS C 87 -1.64 -38.84 -10.34
N GLU C 88 -0.39 -38.46 -10.14
CA GLU C 88 0.63 -38.62 -11.17
C GLU C 88 1.50 -39.77 -10.68
N ILE C 89 1.47 -40.88 -11.40
CA ILE C 89 2.26 -42.03 -10.99
C ILE C 89 3.27 -42.40 -12.06
N ASP C 90 4.54 -42.09 -11.79
CA ASP C 90 5.59 -42.40 -12.75
C ASP C 90 5.97 -43.88 -12.71
N GLY C 91 7.06 -44.24 -13.37
CA GLY C 91 7.49 -45.62 -13.40
C GLY C 91 8.33 -46.07 -12.21
N SER C 92 8.46 -45.22 -11.20
CA SER C 92 9.27 -45.58 -10.04
C SER C 92 8.53 -45.68 -8.72
N GLY C 93 7.21 -45.86 -8.78
CA GLY C 93 6.42 -46.00 -7.56
C GLY C 93 6.08 -44.66 -6.93
N ASN C 94 6.34 -43.58 -7.64
CA ASN C 94 6.06 -42.25 -7.13
C ASN C 94 4.64 -41.83 -7.48
N GLY C 95 3.91 -41.37 -6.46
CA GLY C 95 2.56 -40.92 -6.67
C GLY C 95 2.39 -39.51 -6.17
N TRP C 96 2.25 -38.57 -7.11
CA TRP C 96 2.08 -37.16 -6.78
C TRP C 96 0.60 -36.78 -6.72
N THR C 97 0.26 -35.94 -5.77
CA THR C 97 -1.11 -35.47 -5.63
C THR C 97 -1.08 -34.02 -6.12
N VAL C 98 -1.53 -33.80 -7.34
CA VAL C 98 -1.55 -32.47 -7.93
C VAL C 98 -2.68 -31.63 -7.34
N PHE C 99 -2.43 -30.35 -7.07
CA PHE C 99 -3.48 -29.51 -6.50
C PHE C 99 -3.71 -28.20 -7.24
N GLN C 100 -2.92 -27.94 -8.27
CA GLN C 100 -3.05 -26.74 -9.08
C GLN C 100 -2.64 -27.08 -10.51
N LYS C 101 -3.37 -26.57 -11.49
CA LYS C 101 -3.04 -26.86 -12.88
C LYS C 101 -3.52 -25.75 -13.79
N ARG C 102 -2.61 -25.24 -14.62
CA ARG C 102 -2.91 -24.21 -15.61
C ARG C 102 -2.37 -24.79 -16.90
N LEU C 103 -2.98 -24.47 -18.04
CA LEU C 103 -2.51 -25.00 -19.31
C LEU C 103 -3.19 -24.42 -20.54
N ASP C 104 -4.14 -23.50 -20.36
CA ASP C 104 -4.81 -22.92 -21.50
C ASP C 104 -5.66 -21.69 -21.18
N GLY C 105 -5.88 -21.43 -19.90
CA GLY C 105 -6.69 -20.27 -19.54
C GLY C 105 -8.17 -20.55 -19.59
N SER C 106 -8.52 -21.83 -19.67
CA SER C 106 -9.92 -22.23 -19.72
C SER C 106 -10.67 -21.84 -18.44
N VAL C 107 -10.06 -22.11 -17.30
CA VAL C 107 -10.67 -21.79 -16.01
C VAL C 107 -10.26 -20.42 -15.51
N ASP C 108 -11.24 -19.65 -15.04
CA ASP C 108 -11.01 -18.31 -14.49
C ASP C 108 -10.54 -18.50 -13.05
N PHE C 109 -9.39 -17.93 -12.68
CA PHE C 109 -8.91 -18.08 -11.31
C PHE C 109 -9.26 -16.94 -10.38
N LYS C 110 -10.07 -16.00 -10.88
CA LYS C 110 -10.51 -14.86 -10.10
C LYS C 110 -11.68 -15.37 -9.26
N LYS C 111 -11.36 -16.18 -8.25
CA LYS C 111 -12.35 -16.78 -7.37
C LYS C 111 -12.34 -16.22 -5.94
N ASN C 112 -13.44 -16.42 -5.22
CA ASN C 112 -13.54 -15.93 -3.84
C ASN C 112 -12.89 -16.85 -2.81
N TRP C 113 -12.98 -16.45 -1.53
CA TRP C 113 -12.39 -17.25 -0.48
C TRP C 113 -12.88 -18.69 -0.50
N ILE C 114 -14.19 -18.88 -0.32
CA ILE C 114 -14.79 -20.20 -0.32
C ILE C 114 -14.42 -21.03 -1.55
N GLN C 115 -14.48 -20.41 -2.72
CA GLN C 115 -14.15 -21.13 -3.95
C GLN C 115 -12.72 -21.64 -3.88
N TYR C 116 -11.79 -20.81 -3.41
CA TYR C 116 -10.39 -21.23 -3.29
C TYR C 116 -10.26 -22.20 -2.12
N LYS C 117 -11.25 -22.18 -1.23
CA LYS C 117 -11.25 -23.07 -0.07
C LYS C 117 -11.76 -24.46 -0.47
N GLU C 118 -12.85 -24.49 -1.24
CA GLU C 118 -13.43 -25.76 -1.67
C GLU C 118 -12.87 -26.30 -2.99
N GLY C 119 -12.23 -25.43 -3.79
CA GLY C 119 -11.67 -25.87 -5.04
C GLY C 119 -12.58 -25.56 -6.23
N PHE C 120 -11.99 -25.50 -7.42
CA PHE C 120 -12.74 -25.21 -8.65
C PHE C 120 -11.97 -25.74 -9.85
N GLY C 121 -12.67 -25.83 -10.99
CA GLY C 121 -12.06 -26.34 -12.21
C GLY C 121 -12.61 -27.74 -12.45
N HIS C 122 -11.85 -28.57 -13.18
CA HIS C 122 -12.27 -29.95 -13.46
C HIS C 122 -11.11 -30.94 -13.44
N LEU C 123 -11.34 -32.11 -12.86
CA LEU C 123 -10.31 -33.13 -12.83
C LEU C 123 -10.51 -34.01 -14.06
N SER C 124 -9.46 -34.21 -14.84
CA SER C 124 -9.56 -35.04 -16.03
C SER C 124 -8.60 -36.21 -15.87
N PRO C 125 -9.02 -37.40 -16.30
CA PRO C 125 -8.18 -38.60 -16.19
C PRO C 125 -6.86 -38.52 -16.96
N THR C 126 -6.65 -37.44 -17.69
CA THR C 126 -5.43 -37.29 -18.47
C THR C 126 -4.67 -36.01 -18.17
N GLY C 127 -4.95 -35.41 -17.01
CA GLY C 127 -4.29 -34.18 -16.62
C GLY C 127 -4.25 -33.19 -17.77
N THR C 128 -5.42 -32.85 -18.32
CA THR C 128 -5.49 -31.91 -19.43
C THR C 128 -6.48 -30.77 -19.14
N THR C 129 -6.85 -30.63 -17.88
CA THR C 129 -7.77 -29.56 -17.49
C THR C 129 -7.16 -28.75 -16.36
N GLU C 130 -7.55 -27.48 -16.29
CA GLU C 130 -7.07 -26.54 -15.27
C GLU C 130 -7.94 -26.64 -14.02
N PHE C 131 -7.33 -26.43 -12.86
CA PHE C 131 -8.10 -26.51 -11.62
C PHE C 131 -7.31 -26.14 -10.37
N TRP C 132 -8.06 -25.90 -9.29
CA TRP C 132 -7.49 -25.61 -8.00
C TRP C 132 -8.17 -26.60 -7.05
N LEU C 133 -7.42 -27.59 -6.61
CA LEU C 133 -7.94 -28.64 -5.75
C LEU C 133 -8.70 -28.13 -4.52
N GLY C 134 -8.16 -27.12 -3.85
CA GLY C 134 -8.83 -26.58 -2.67
C GLY C 134 -7.94 -26.54 -1.43
N ASN C 135 -7.78 -25.34 -0.88
CA ASN C 135 -6.97 -25.11 0.31
C ASN C 135 -7.21 -26.11 1.44
N GLU C 136 -8.48 -26.35 1.78
CA GLU C 136 -8.82 -27.28 2.85
C GLU C 136 -8.20 -28.66 2.60
N LYS C 137 -8.44 -29.21 1.42
CA LYS C 137 -7.86 -30.51 1.08
C LYS C 137 -6.34 -30.43 1.14
N ILE C 138 -5.76 -29.42 0.49
CA ILE C 138 -4.30 -29.22 0.48
C ILE C 138 -3.77 -29.25 1.90
N HIS C 139 -4.54 -28.67 2.82
CA HIS C 139 -4.16 -28.61 4.22
C HIS C 139 -4.12 -30.01 4.80
N LEU C 140 -5.20 -30.75 4.58
CA LEU C 140 -5.32 -32.12 5.08
C LEU C 140 -4.21 -33.04 4.58
N ILE C 141 -3.97 -33.00 3.27
CA ILE C 141 -2.95 -33.84 2.64
C ILE C 141 -1.52 -33.57 3.12
N SER C 142 -1.22 -32.31 3.42
CA SER C 142 0.11 -31.91 3.84
C SER C 142 0.33 -31.84 5.35
N THR C 143 -0.68 -32.18 6.13
CA THR C 143 -0.53 -32.11 7.58
C THR C 143 -0.90 -33.40 8.31
N GLN C 144 -0.77 -34.54 7.63
CA GLN C 144 -1.08 -35.83 8.25
C GLN C 144 -0.01 -36.17 9.28
N SER C 145 -0.45 -36.65 10.44
CA SER C 145 0.45 -37.02 11.54
C SER C 145 1.83 -37.52 11.10
N ALA C 146 2.86 -36.79 11.53
CA ALA C 146 4.26 -37.11 11.25
C ALA C 146 4.59 -37.65 9.86
N ILE C 147 4.51 -36.78 8.85
CA ILE C 147 4.82 -37.16 7.48
C ILE C 147 5.26 -35.93 6.72
N PRO C 148 6.57 -35.68 6.68
CA PRO C 148 7.09 -34.52 5.98
C PRO C 148 6.70 -34.56 4.50
N TYR C 149 6.16 -33.45 4.00
CA TYR C 149 5.76 -33.38 2.61
C TYR C 149 6.65 -32.47 1.79
N ALA C 150 6.59 -32.64 0.47
CA ALA C 150 7.39 -31.84 -0.45
C ALA C 150 6.50 -31.32 -1.57
N LEU C 151 6.82 -30.12 -2.04
CA LEU C 151 6.07 -29.50 -3.11
C LEU C 151 6.93 -29.27 -4.34
N ARG C 152 6.42 -29.68 -5.49
CA ARG C 152 7.14 -29.44 -6.73
C ARG C 152 6.30 -28.58 -7.64
N VAL C 153 6.94 -27.56 -8.19
CA VAL C 153 6.31 -26.65 -9.13
C VAL C 153 6.94 -26.97 -10.47
N GLU C 154 6.11 -26.99 -11.51
CA GLU C 154 6.58 -27.27 -12.88
C GLU C 154 6.13 -26.16 -13.81
N LEU C 155 7.09 -25.46 -14.39
CA LEU C 155 6.76 -24.39 -15.32
C LEU C 155 7.05 -24.82 -16.74
N GLU C 156 6.37 -24.19 -17.69
CA GLU C 156 6.58 -24.48 -19.09
C GLU C 156 6.23 -23.22 -19.86
N ASP C 157 7.24 -22.62 -20.49
CA ASP C 157 7.04 -21.40 -21.27
C ASP C 157 6.41 -21.68 -22.63
N TRP C 158 6.21 -20.63 -23.41
CA TRP C 158 5.60 -20.78 -24.73
C TRP C 158 6.62 -21.11 -25.83
N ASN C 159 7.72 -21.73 -25.44
CA ASN C 159 8.74 -22.10 -26.41
C ASN C 159 8.91 -23.60 -26.37
N GLY C 160 8.75 -24.18 -25.19
CA GLY C 160 8.88 -25.61 -25.06
C GLY C 160 9.76 -25.97 -23.88
N ARG C 161 10.31 -24.96 -23.22
CA ARG C 161 11.18 -25.19 -22.07
C ARG C 161 10.35 -25.46 -20.83
N THR C 162 10.84 -26.34 -19.96
CA THR C 162 10.14 -26.67 -18.73
C THR C 162 11.12 -26.73 -17.57
N SER C 163 10.83 -25.94 -16.54
CA SER C 163 11.68 -25.89 -15.34
C SER C 163 10.88 -26.26 -14.10
N THR C 164 11.59 -26.71 -13.05
CA THR C 164 10.93 -27.10 -11.82
C THR C 164 11.53 -26.39 -10.62
N ALA C 165 10.78 -26.40 -9.51
CA ALA C 165 11.19 -25.79 -8.24
C ALA C 165 10.63 -26.65 -7.13
N ASP C 166 11.49 -27.09 -6.20
CA ASP C 166 11.07 -27.97 -5.10
C ASP C 166 11.15 -27.30 -3.72
N TYR C 167 10.32 -27.78 -2.79
CA TYR C 167 10.31 -27.24 -1.44
C TYR C 167 10.07 -28.35 -0.44
N ALA C 168 10.98 -28.49 0.51
CA ALA C 168 10.89 -29.52 1.54
C ALA C 168 10.02 -29.06 2.70
N MET C 169 9.41 -30.02 3.39
CA MET C 169 8.54 -29.72 4.52
C MET C 169 7.45 -28.71 4.15
N PHE C 170 6.87 -28.91 2.97
CA PHE C 170 5.80 -28.05 2.48
C PHE C 170 4.61 -28.29 3.38
N LYS C 171 3.80 -27.26 3.56
CA LYS C 171 2.66 -27.41 4.43
C LYS C 171 1.73 -26.22 4.26
N VAL C 172 0.44 -26.46 4.47
CA VAL C 172 -0.59 -25.43 4.37
C VAL C 172 -1.42 -25.50 5.63
N GLY C 173 -1.54 -24.38 6.33
CA GLY C 173 -2.29 -24.37 7.58
C GLY C 173 -3.80 -24.47 7.48
N PRO C 174 -4.49 -24.57 8.62
CA PRO C 174 -5.95 -24.67 8.67
C PRO C 174 -6.57 -23.31 8.37
N GLU C 175 -7.88 -23.30 8.15
CA GLU C 175 -8.58 -22.06 7.84
C GLU C 175 -8.37 -21.05 8.98
N ALA C 176 -8.32 -21.56 10.20
CA ALA C 176 -8.14 -20.72 11.38
C ALA C 176 -6.93 -19.79 11.18
N ASP C 177 -5.94 -20.25 10.42
CA ASP C 177 -4.75 -19.44 10.17
C ASP C 177 -4.60 -19.10 8.70
N LYS C 178 -5.73 -18.97 8.00
CA LYS C 178 -5.76 -18.62 6.60
C LYS C 178 -4.90 -19.46 5.67
N TYR C 179 -4.86 -20.77 5.90
CA TYR C 179 -4.08 -21.68 5.05
C TYR C 179 -2.68 -21.15 4.72
N ARG C 180 -1.96 -20.74 5.77
CA ARG C 180 -0.61 -20.20 5.65
C ARG C 180 0.39 -21.17 5.00
N LEU C 181 1.16 -20.67 4.04
CA LEU C 181 2.16 -21.48 3.36
C LEU C 181 3.51 -21.42 4.09
N THR C 182 4.11 -22.58 4.32
CA THR C 182 5.42 -22.64 4.97
C THR C 182 6.17 -23.84 4.45
N TYR C 183 7.49 -23.79 4.59
CA TYR C 183 8.33 -24.89 4.14
C TYR C 183 9.68 -24.73 4.80
N ALA C 184 10.42 -25.84 4.88
CA ALA C 184 11.74 -25.86 5.50
C ALA C 184 12.79 -25.13 4.67
N TYR C 185 12.77 -25.34 3.36
CA TYR C 185 13.76 -24.70 2.48
C TYR C 185 13.55 -25.03 1.02
N PHE C 186 14.24 -24.29 0.16
CA PHE C 186 14.16 -24.54 -1.26
C PHE C 186 14.96 -25.81 -1.46
N ALA C 187 14.39 -26.79 -2.16
CA ALA C 187 15.08 -28.05 -2.39
C ALA C 187 15.82 -28.04 -3.72
N GLY C 188 15.88 -26.88 -4.36
CA GLY C 188 16.56 -26.78 -5.63
C GLY C 188 15.57 -26.81 -6.79
N GLY C 189 16.06 -26.47 -7.99
CA GLY C 189 15.21 -26.46 -9.14
C GLY C 189 15.64 -25.41 -10.15
N ASP C 190 15.89 -25.83 -11.37
CA ASP C 190 16.33 -24.91 -12.42
C ASP C 190 15.31 -23.84 -12.76
N ALA C 191 14.29 -23.70 -11.91
CA ALA C 191 13.26 -22.70 -12.13
C ALA C 191 13.56 -21.50 -11.22
N GLY C 192 14.25 -21.78 -10.12
CA GLY C 192 14.60 -20.74 -9.18
C GLY C 192 13.66 -20.64 -8.01
N ASP C 193 14.19 -20.30 -6.85
CA ASP C 193 13.41 -20.18 -5.62
C ASP C 193 12.65 -18.85 -5.53
N ALA C 194 11.55 -18.74 -6.28
CA ALA C 194 10.76 -17.51 -6.27
C ALA C 194 9.94 -17.34 -4.98
N PHE C 195 10.00 -18.36 -4.10
CA PHE C 195 9.27 -18.30 -2.84
C PHE C 195 10.11 -17.54 -1.82
N ASP C 196 11.38 -17.33 -2.15
CA ASP C 196 12.30 -16.63 -1.27
C ASP C 196 12.30 -15.14 -1.57
N GLY C 197 11.39 -14.72 -2.45
CA GLY C 197 11.31 -13.32 -2.81
C GLY C 197 12.19 -13.01 -4.00
N PHE C 198 12.06 -11.81 -4.54
CA PHE C 198 12.86 -11.42 -5.69
C PHE C 198 13.27 -9.96 -5.64
N ASP C 199 14.55 -9.70 -5.90
CA ASP C 199 15.04 -8.32 -5.91
C ASP C 199 14.58 -7.70 -7.22
N PHE C 200 13.31 -7.34 -7.30
CA PHE C 200 12.76 -6.75 -8.52
C PHE C 200 13.48 -5.49 -9.00
N GLY C 201 14.24 -4.86 -8.11
CA GLY C 201 14.98 -3.67 -8.48
C GLY C 201 14.15 -2.40 -8.53
N ASP C 202 13.10 -2.35 -7.73
CA ASP C 202 12.24 -1.18 -7.68
C ASP C 202 12.31 -0.60 -6.26
N ASP C 203 13.01 -1.30 -5.38
CA ASP C 203 13.15 -0.88 -3.99
C ASP C 203 14.06 -1.84 -3.22
N PRO C 204 14.52 -1.45 -2.03
CA PRO C 204 15.40 -2.33 -1.22
C PRO C 204 14.66 -3.48 -0.54
N SER C 205 13.36 -3.33 -0.36
CA SER C 205 12.54 -4.35 0.31
C SER C 205 11.80 -5.28 -0.64
N ASP C 206 12.01 -5.10 -1.93
CA ASP C 206 11.37 -5.94 -2.94
C ASP C 206 11.52 -7.41 -2.59
N LYS C 207 12.72 -7.79 -2.16
CA LYS C 207 12.99 -9.17 -1.79
C LYS C 207 11.99 -9.60 -0.71
N PHE C 208 12.07 -8.94 0.43
CA PHE C 208 11.21 -9.24 1.57
C PHE C 208 9.71 -9.25 1.28
N PHE C 209 9.22 -8.18 0.65
CA PHE C 209 7.79 -8.06 0.35
C PHE C 209 7.24 -8.92 -0.77
N THR C 210 8.10 -9.66 -1.47
CA THR C 210 7.64 -10.54 -2.55
C THR C 210 8.02 -12.00 -2.25
N SER C 211 8.31 -12.28 -0.99
CA SER C 211 8.64 -13.64 -0.55
C SER C 211 7.32 -14.29 -0.10
N HIS C 212 7.24 -15.61 -0.14
CA HIS C 212 6.01 -16.26 0.25
C HIS C 212 6.05 -17.17 1.46
N ASN C 213 7.22 -17.66 1.83
CA ASN C 213 7.29 -18.54 2.99
C ASN C 213 6.67 -17.84 4.20
N GLY C 214 5.63 -18.45 4.75
CA GLY C 214 4.97 -17.87 5.90
C GLY C 214 3.70 -17.08 5.58
N MET C 215 3.53 -16.70 4.31
CA MET C 215 2.34 -15.94 3.92
C MET C 215 1.04 -16.73 4.09
N GLN C 216 -0.05 -16.01 4.32
CA GLN C 216 -1.35 -16.64 4.45
C GLN C 216 -2.01 -16.52 3.09
N PHE C 217 -3.02 -17.34 2.85
CA PHE C 217 -3.70 -17.30 1.57
C PHE C 217 -4.60 -16.07 1.55
N SER C 218 -4.68 -15.42 0.40
CA SER C 218 -5.52 -14.23 0.30
C SER C 218 -6.37 -14.24 -0.96
N THR C 219 -7.53 -13.60 -0.87
CA THR C 219 -8.45 -13.48 -2.00
C THR C 219 -9.07 -12.09 -1.93
N TRP C 220 -9.69 -11.64 -3.01
CA TRP C 220 -10.26 -10.31 -3.02
C TRP C 220 -11.25 -10.10 -1.87
N ASP C 221 -12.07 -11.12 -1.61
CA ASP C 221 -13.08 -11.01 -0.56
C ASP C 221 -12.57 -11.43 0.79
N ASN C 222 -11.25 -11.57 0.93
CA ASN C 222 -10.62 -11.96 2.18
C ASN C 222 -9.13 -11.63 2.12
N ASP C 223 -8.81 -10.37 2.40
CA ASP C 223 -7.44 -9.86 2.37
C ASP C 223 -6.63 -10.24 3.62
N ASN C 224 -5.53 -10.95 3.41
CA ASN C 224 -4.67 -11.35 4.51
C ASN C 224 -3.21 -11.12 4.14
N ASP C 225 -2.98 -10.16 3.25
CA ASP C 225 -1.61 -9.88 2.82
C ASP C 225 -0.99 -8.74 3.58
N LYS C 226 0.31 -8.56 3.39
CA LYS C 226 1.05 -7.49 4.07
C LYS C 226 1.14 -6.27 3.16
N PHE C 227 0.00 -5.62 2.92
CA PHE C 227 -0.05 -4.44 2.05
C PHE C 227 -1.40 -3.77 2.23
N GLU C 228 -1.37 -2.47 2.55
CA GLU C 228 -2.59 -1.71 2.76
C GLU C 228 -3.60 -1.96 1.65
N GLY C 229 -3.09 -2.20 0.45
CA GLY C 229 -3.98 -2.46 -0.66
C GLY C 229 -4.41 -3.90 -0.69
N ASN C 230 -5.06 -4.31 -1.76
CA ASN C 230 -5.53 -5.68 -1.88
C ASN C 230 -4.85 -6.41 -3.03
N CYS C 231 -3.73 -7.05 -2.74
CA CYS C 231 -2.97 -7.79 -3.75
C CYS C 231 -3.91 -8.66 -4.57
N ALA C 232 -4.51 -9.64 -3.89
CA ALA C 232 -5.44 -10.57 -4.53
C ALA C 232 -6.44 -9.88 -5.44
N GLU C 233 -6.93 -8.72 -5.01
CA GLU C 233 -7.90 -8.00 -5.82
C GLU C 233 -7.31 -7.35 -7.06
N GLN C 234 -6.27 -6.54 -6.89
CA GLN C 234 -5.65 -5.86 -8.02
C GLN C 234 -5.04 -6.81 -9.04
N ASP C 235 -4.59 -7.97 -8.57
CA ASP C 235 -3.98 -8.93 -9.45
C ASP C 235 -4.96 -10.04 -9.84
N GLY C 236 -6.22 -9.85 -9.47
CA GLY C 236 -7.30 -10.78 -9.78
C GLY C 236 -7.02 -12.25 -9.62
N SER C 237 -6.68 -12.66 -8.41
CA SER C 237 -6.37 -14.05 -8.13
C SER C 237 -6.58 -14.43 -6.68
N GLY C 238 -6.14 -15.66 -6.37
CA GLY C 238 -6.21 -16.17 -5.02
C GLY C 238 -4.80 -16.68 -4.84
N TRP C 239 -4.10 -16.23 -3.81
CA TRP C 239 -2.71 -16.65 -3.62
C TRP C 239 -2.16 -16.26 -2.25
N TRP C 240 -1.01 -16.79 -1.91
CA TRP C 240 -0.37 -16.47 -0.64
C TRP C 240 0.37 -15.14 -0.86
N MET C 241 -0.39 -14.05 -0.86
CA MET C 241 0.13 -12.71 -1.08
C MET C 241 0.90 -12.10 0.08
N ASN C 242 1.86 -11.24 -0.28
CA ASN C 242 2.72 -10.51 0.64
C ASN C 242 2.52 -9.03 0.29
N LYS C 243 3.36 -8.50 -0.60
CA LYS C 243 3.25 -7.12 -1.06
C LYS C 243 4.08 -6.86 -2.32
N CYS C 244 3.83 -7.62 -3.37
CA CYS C 244 2.80 -8.66 -3.35
C CYS C 244 3.32 -10.05 -3.65
N HIS C 245 4.01 -10.22 -4.79
CA HIS C 245 4.48 -11.55 -5.16
C HIS C 245 5.66 -11.66 -6.13
N ALA C 246 6.45 -12.71 -5.94
CA ALA C 246 7.59 -13.02 -6.78
C ALA C 246 7.10 -14.14 -7.69
N GLY C 247 6.23 -14.98 -7.15
CA GLY C 247 5.62 -16.08 -7.88
C GLY C 247 4.11 -15.85 -7.89
N HIS C 248 3.45 -16.18 -8.99
CA HIS C 248 2.01 -15.97 -9.10
C HIS C 248 1.38 -17.01 -10.03
N LEU C 249 1.23 -18.24 -9.56
CA LEU C 249 0.68 -19.29 -10.41
C LEU C 249 -0.82 -19.22 -10.69
N ASN C 250 -1.58 -18.69 -9.75
CA ASN C 250 -3.01 -18.58 -9.95
C ASN C 250 -3.33 -17.23 -10.58
N GLY C 251 -2.35 -16.67 -11.28
CA GLY C 251 -2.51 -15.37 -11.92
C GLY C 251 -3.33 -15.40 -13.20
N VAL C 252 -3.51 -14.23 -13.80
CA VAL C 252 -4.28 -14.12 -15.04
C VAL C 252 -3.54 -14.81 -16.18
N TYR C 253 -4.28 -15.57 -16.98
CA TYR C 253 -3.69 -16.30 -18.08
C TYR C 253 -3.49 -15.43 -19.31
N TYR C 254 -2.23 -15.17 -19.62
CA TYR C 254 -1.87 -14.35 -20.77
C TYR C 254 -1.35 -15.18 -21.94
N GLN C 255 -2.17 -15.30 -22.97
CA GLN C 255 -1.80 -16.07 -24.14
C GLN C 255 -0.52 -15.48 -24.75
N GLY C 256 0.40 -16.34 -25.15
CA GLY C 256 1.63 -15.86 -25.75
C GLY C 256 2.84 -15.84 -24.84
N GLY C 257 2.68 -15.25 -23.68
CA GLY C 257 3.79 -15.18 -22.76
C GLY C 257 4.13 -13.75 -22.42
N THR C 258 4.17 -12.89 -23.44
CA THR C 258 4.50 -11.48 -23.19
C THR C 258 3.27 -10.59 -23.10
N TYR C 259 3.19 -9.85 -22.01
CA TYR C 259 2.09 -8.93 -21.81
C TYR C 259 2.68 -7.65 -21.21
N SER C 260 2.04 -6.52 -21.48
CA SER C 260 2.51 -5.23 -21.00
C SER C 260 1.70 -4.64 -19.85
N LYS C 261 2.30 -3.66 -19.18
CA LYS C 261 1.68 -2.98 -18.07
C LYS C 261 0.30 -2.52 -18.51
N ALA C 262 0.14 -2.34 -19.83
CA ALA C 262 -1.12 -1.89 -20.42
C ALA C 262 -2.14 -3.02 -20.52
N SER C 263 -1.65 -4.25 -20.66
CA SER C 263 -2.52 -5.42 -20.77
C SER C 263 -3.34 -5.56 -19.48
N THR C 264 -2.70 -5.22 -18.36
CA THR C 264 -3.31 -5.31 -17.05
C THR C 264 -4.31 -4.19 -16.83
N PRO C 265 -5.30 -4.43 -15.95
CA PRO C 265 -6.33 -3.43 -15.65
C PRO C 265 -5.78 -2.37 -14.70
N ASN C 266 -4.88 -2.80 -13.83
CA ASN C 266 -4.30 -1.90 -12.85
C ASN C 266 -2.78 -1.83 -12.85
N GLY C 267 -2.21 -1.69 -14.04
CA GLY C 267 -0.75 -1.57 -14.16
C GLY C 267 0.12 -2.71 -13.64
N TYR C 268 0.02 -3.02 -12.36
CA TYR C 268 0.82 -4.08 -11.76
C TYR C 268 0.75 -5.39 -12.55
N ASP C 269 1.80 -6.19 -12.41
CA ASP C 269 1.90 -7.48 -13.09
C ASP C 269 0.97 -8.49 -12.42
N ASN C 270 0.00 -9.01 -13.17
CA ASN C 270 -0.95 -9.97 -12.62
C ASN C 270 -1.00 -11.32 -13.34
N GLY C 271 0.03 -11.64 -14.12
CA GLY C 271 0.02 -12.89 -14.83
C GLY C 271 0.65 -14.04 -14.05
N ILE C 272 0.66 -15.20 -14.70
CA ILE C 272 1.24 -16.41 -14.11
C ILE C 272 2.75 -16.30 -14.22
N ILE C 273 3.36 -15.54 -13.30
CA ILE C 273 4.79 -15.34 -13.33
C ILE C 273 5.57 -16.08 -12.25
N TRP C 274 6.87 -16.18 -12.46
CA TRP C 274 7.79 -16.82 -11.52
C TRP C 274 9.14 -16.11 -11.76
N ALA C 275 9.33 -15.00 -11.04
CA ALA C 275 10.51 -14.14 -11.14
C ALA C 275 11.91 -14.73 -11.30
N THR C 276 12.20 -15.85 -10.66
CA THR C 276 13.53 -16.43 -10.81
C THR C 276 13.73 -17.20 -12.11
N TRP C 277 12.77 -17.12 -13.04
CA TRP C 277 12.91 -17.85 -14.30
C TRP C 277 12.49 -17.04 -15.52
N LYS C 278 11.67 -16.02 -15.31
CA LYS C 278 11.22 -15.17 -16.41
C LYS C 278 10.88 -13.78 -15.88
N THR C 279 10.69 -12.83 -16.79
CA THR C 279 10.37 -11.47 -16.40
C THR C 279 8.96 -11.36 -15.86
N ARG C 280 8.73 -10.36 -15.00
CA ARG C 280 7.42 -10.16 -14.40
C ARG C 280 6.35 -9.92 -15.46
N TRP C 281 6.76 -9.77 -16.71
CA TRP C 281 5.80 -9.55 -17.79
C TRP C 281 5.73 -10.74 -18.73
N TYR C 282 6.05 -11.92 -18.18
CA TYR C 282 6.00 -13.17 -18.92
C TYR C 282 5.15 -14.17 -18.13
N SER C 283 3.98 -14.50 -18.66
CA SER C 283 3.04 -15.43 -18.04
C SER C 283 3.29 -16.82 -18.63
N MET C 284 3.36 -17.84 -17.77
CA MET C 284 3.60 -19.21 -18.22
C MET C 284 2.48 -19.79 -19.09
N LYS C 285 2.81 -20.84 -19.84
CA LYS C 285 1.87 -21.53 -20.72
C LYS C 285 1.27 -22.73 -19.99
N LYS C 286 2.08 -23.35 -19.15
CA LYS C 286 1.66 -24.51 -18.36
C LYS C 286 2.16 -24.38 -16.92
N THR C 287 1.25 -24.61 -15.98
CA THR C 287 1.57 -24.53 -14.55
C THR C 287 1.06 -25.78 -13.87
N THR C 288 1.81 -26.27 -12.90
CA THR C 288 1.39 -27.44 -12.16
C THR C 288 2.06 -27.48 -10.80
N MET C 289 1.24 -27.63 -9.76
CA MET C 289 1.70 -27.68 -8.37
C MET C 289 1.27 -29.01 -7.77
N LYS C 290 2.26 -29.86 -7.48
CA LYS C 290 1.99 -31.19 -6.93
C LYS C 290 2.86 -31.49 -5.70
N ILE C 291 2.32 -32.34 -4.81
CA ILE C 291 3.00 -32.72 -3.58
C ILE C 291 3.18 -34.23 -3.43
N ILE C 292 4.13 -34.64 -2.60
CA ILE C 292 4.40 -36.05 -2.39
C ILE C 292 5.17 -36.16 -1.08
N PRO C 293 5.10 -37.32 -0.39
CA PRO C 293 5.84 -37.41 0.87
C PRO C 293 7.32 -37.11 0.63
N PHE C 294 7.91 -36.24 1.45
CA PHE C 294 9.33 -35.87 1.29
C PHE C 294 10.31 -37.02 1.17
N ASN C 295 10.23 -37.98 2.09
CA ASN C 295 11.11 -39.14 2.08
C ASN C 295 11.09 -39.83 0.71
N ARG C 296 10.03 -39.61 -0.04
CA ARG C 296 9.88 -40.20 -1.35
C ARG C 296 10.71 -39.49 -2.43
N LEU C 297 11.00 -38.22 -2.19
CA LEU C 297 11.76 -37.42 -3.15
C LEU C 297 13.25 -37.66 -3.00
N THR C 298 13.81 -38.44 -3.92
CA THR C 298 15.25 -38.78 -3.91
C THR C 298 15.82 -38.81 -2.49
N ILE C 299 15.39 -39.80 -1.71
CA ILE C 299 15.80 -40.02 -0.31
C ILE C 299 15.86 -38.75 0.57
N ILE D 8 -14.78 12.89 -16.56
CA ILE D 8 -14.69 14.35 -16.26
C ILE D 8 -15.25 14.67 -14.87
N GLN D 9 -16.11 13.81 -14.36
CA GLN D 9 -16.69 14.01 -13.02
C GLN D 9 -15.65 13.63 -11.96
N LEU D 10 -14.65 12.86 -12.37
CA LEU D 10 -13.58 12.43 -11.47
C LEU D 10 -12.41 13.39 -11.61
N LEU D 11 -12.35 14.10 -12.72
CA LEU D 11 -11.28 15.05 -12.96
C LEU D 11 -11.61 16.48 -12.52
N GLN D 12 -12.70 17.05 -13.04
CA GLN D 12 -13.10 18.41 -12.67
C GLN D 12 -12.86 18.71 -11.20
N LYS D 13 -12.97 17.68 -10.38
CA LYS D 13 -12.78 17.80 -8.94
C LYS D 13 -11.31 17.60 -8.56
N ASN D 14 -10.71 16.56 -9.13
CA ASN D 14 -9.32 16.23 -8.87
C ASN D 14 -8.30 17.29 -9.32
N VAL D 15 -8.52 17.87 -10.50
CA VAL D 15 -7.61 18.90 -11.00
C VAL D 15 -7.93 20.25 -10.35
N ARG D 16 -8.59 20.19 -9.20
CA ARG D 16 -8.93 21.38 -8.45
C ARG D 16 -8.16 21.28 -7.16
N ALA D 17 -7.91 20.04 -6.75
CA ALA D 17 -7.17 19.76 -5.53
C ALA D 17 -5.68 19.65 -5.85
N GLN D 18 -5.37 19.40 -7.11
CA GLN D 18 -3.99 19.30 -7.54
C GLN D 18 -3.55 20.65 -8.08
N LEU D 19 -4.46 21.62 -7.98
CA LEU D 19 -4.16 22.98 -8.42
C LEU D 19 -3.97 23.74 -7.13
N VAL D 20 -4.46 23.15 -6.06
CA VAL D 20 -4.34 23.74 -4.72
C VAL D 20 -3.10 23.15 -4.08
N ASP D 21 -2.90 21.85 -4.29
CA ASP D 21 -1.75 21.15 -3.76
C ASP D 21 -0.51 21.93 -4.24
N MET D 22 -0.37 22.04 -5.56
CA MET D 22 0.76 22.76 -6.16
C MET D 22 0.99 24.13 -5.53
N LYS D 23 0.00 25.01 -5.66
CA LYS D 23 0.12 26.35 -5.10
C LYS D 23 0.83 26.33 -3.75
N ARG D 24 0.51 25.36 -2.92
CA ARG D 24 1.13 25.23 -1.62
C ARG D 24 2.56 24.75 -1.76
N LEU D 25 2.74 23.60 -2.39
CA LEU D 25 4.07 23.03 -2.58
C LEU D 25 4.99 24.07 -3.21
N GLU D 26 4.41 25.00 -3.95
CA GLU D 26 5.19 26.06 -4.59
C GLU D 26 5.74 26.96 -3.50
N VAL D 27 4.85 27.42 -2.62
CA VAL D 27 5.20 28.29 -1.51
C VAL D 27 6.13 27.58 -0.54
N ASP D 28 5.84 26.30 -0.31
CA ASP D 28 6.64 25.48 0.58
C ASP D 28 8.07 25.44 0.06
N ILE D 29 8.21 25.08 -1.21
CA ILE D 29 9.52 24.99 -1.83
C ILE D 29 10.26 26.33 -1.78
N ASP D 30 9.55 27.43 -2.01
CA ASP D 30 10.19 28.74 -1.95
C ASP D 30 10.76 28.99 -0.54
N ILE D 31 9.90 28.86 0.47
CA ILE D 31 10.30 29.07 1.86
C ILE D 31 11.48 28.17 2.22
N LYS D 32 11.37 26.90 1.85
CA LYS D 32 12.42 25.94 2.15
C LYS D 32 13.73 26.18 1.42
N ILE D 33 13.69 26.49 0.13
CA ILE D 33 14.94 26.72 -0.56
C ILE D 33 15.68 27.87 0.11
N ARG D 34 14.96 28.95 0.36
CA ARG D 34 15.57 30.12 0.99
C ARG D 34 16.21 29.79 2.33
N SER D 35 15.60 28.87 3.07
CA SER D 35 16.11 28.49 4.37
C SER D 35 17.45 27.75 4.25
N CYS D 36 17.91 27.56 3.02
CA CYS D 36 19.21 26.90 2.81
C CYS D 36 20.29 27.95 2.59
N ARG D 37 19.87 29.18 2.40
CA ARG D 37 20.80 30.27 2.16
C ARG D 37 21.71 30.44 3.37
N GLY D 38 21.14 30.30 4.56
CA GLY D 38 21.93 30.44 5.77
C GLY D 38 22.61 29.15 6.15
N SER D 39 22.58 28.17 5.25
CA SER D 39 23.18 26.88 5.54
C SER D 39 24.10 26.37 4.43
N CYS D 40 23.68 26.54 3.18
CA CYS D 40 24.45 26.06 2.05
C CYS D 40 25.24 27.15 1.33
N SER D 41 26.18 26.72 0.49
CA SER D 41 27.05 27.63 -0.26
C SER D 41 26.28 28.78 -0.91
N ARG D 42 25.05 28.52 -1.34
CA ARG D 42 24.24 29.58 -1.94
C ARG D 42 22.80 29.10 -2.03
N ALA D 43 21.88 30.02 -2.30
CA ALA D 43 20.47 29.66 -2.44
C ALA D 43 19.98 30.10 -3.82
N LEU D 44 19.36 29.17 -4.55
CA LEU D 44 18.86 29.44 -5.89
C LEU D 44 17.93 30.65 -5.92
N ALA D 45 18.25 31.60 -6.78
CA ALA D 45 17.44 32.79 -6.94
C ALA D 45 16.18 32.36 -7.66
N ARG D 46 15.03 32.83 -7.19
CA ARG D 46 13.77 32.46 -7.82
C ARG D 46 12.67 33.41 -7.35
N GLU D 47 11.50 33.28 -7.98
CA GLU D 47 10.34 34.09 -7.63
C GLU D 47 9.12 33.19 -7.79
N VAL D 48 8.01 33.59 -7.17
CA VAL D 48 6.79 32.79 -7.26
C VAL D 48 5.68 33.58 -7.92
N ASP D 49 5.12 33.00 -8.99
CA ASP D 49 4.05 33.65 -9.73
C ASP D 49 2.69 33.08 -9.32
N LEU D 50 2.15 33.58 -8.22
CA LEU D 50 0.86 33.12 -7.73
C LEU D 50 -0.23 33.36 -8.75
N LYS D 51 -0.07 34.42 -9.54
CA LYS D 51 -1.04 34.80 -10.55
C LYS D 51 -1.40 33.63 -11.47
N ASP D 52 -0.43 33.07 -12.17
CA ASP D 52 -0.69 31.95 -13.09
C ASP D 52 -1.57 30.92 -12.39
N TYR D 53 -1.48 30.89 -11.05
CA TYR D 53 -2.28 29.98 -10.24
C TYR D 53 -3.64 30.65 -9.98
N GLU D 54 -3.61 31.91 -9.54
CA GLU D 54 -4.83 32.67 -9.25
C GLU D 54 -5.68 32.87 -10.50
N ASP D 55 -5.12 32.53 -11.66
CA ASP D 55 -5.81 32.65 -12.94
C ASP D 55 -6.38 31.30 -13.32
N GLN D 56 -5.51 30.30 -13.42
CA GLN D 56 -5.91 28.95 -13.79
C GLN D 56 -6.92 28.34 -12.83
N GLN D 57 -7.13 28.96 -11.67
CA GLN D 57 -8.10 28.45 -10.71
C GLN D 57 -9.49 28.87 -11.17
N LYS D 58 -9.57 30.02 -11.84
CA LYS D 58 -10.84 30.53 -12.34
C LYS D 58 -11.20 29.85 -13.65
N GLN D 59 -10.18 29.34 -14.34
CA GLN D 59 -10.38 28.67 -15.63
C GLN D 59 -10.91 27.25 -15.45
N LEU D 60 -11.10 26.83 -14.21
CA LEU D 60 -11.60 25.49 -13.93
C LEU D 60 -12.87 25.59 -13.09
N GLU D 61 -13.01 26.72 -12.40
CA GLU D 61 -14.18 26.97 -11.55
C GLU D 61 -15.38 27.39 -12.39
N GLN D 62 -15.16 28.37 -13.28
CA GLN D 62 -16.21 28.89 -14.14
C GLN D 62 -16.59 27.93 -15.26
N VAL D 63 -15.84 26.84 -15.39
CA VAL D 63 -16.11 25.84 -16.43
C VAL D 63 -17.03 24.75 -15.88
N ILE D 64 -16.89 24.45 -14.59
CA ILE D 64 -17.72 23.44 -13.96
C ILE D 64 -19.07 24.08 -13.61
N ALA D 65 -19.27 25.31 -14.12
CA ALA D 65 -20.50 26.06 -13.90
C ALA D 65 -21.28 26.20 -15.20
N LEU E 17 -14.08 20.44 -22.39
CA LEU E 17 -12.91 19.58 -22.08
C LEU E 17 -11.61 20.25 -22.51
N ARG E 18 -11.69 21.51 -22.92
CA ARG E 18 -10.52 22.25 -23.38
C ARG E 18 -9.58 22.69 -22.25
N VAL E 19 -10.16 23.20 -21.16
CA VAL E 19 -9.37 23.67 -20.03
C VAL E 19 -8.91 22.54 -19.11
N LEU E 20 -9.42 21.33 -19.34
CA LEU E 20 -9.03 20.18 -18.53
C LEU E 20 -7.74 19.58 -19.10
N ARG E 21 -7.10 20.32 -20.00
CA ARG E 21 -5.87 19.86 -20.64
C ARG E 21 -4.77 20.93 -20.57
N SER E 22 -5.16 22.18 -20.77
CA SER E 22 -4.20 23.29 -20.73
C SER E 22 -3.55 23.36 -19.36
N ILE E 23 -4.37 23.63 -18.35
CA ILE E 23 -3.88 23.72 -16.97
C ILE E 23 -3.25 22.40 -16.54
N LEU E 24 -3.94 21.30 -16.82
CA LEU E 24 -3.42 19.99 -16.44
C LEU E 24 -2.02 19.77 -17.01
N GLU E 25 -1.74 20.40 -18.15
CA GLU E 25 -0.42 20.26 -18.77
C GLU E 25 0.54 21.34 -18.25
N ASN E 26 -0.04 22.42 -17.72
CA ASN E 26 0.76 23.50 -17.16
C ASN E 26 1.43 22.96 -15.90
N LEU E 27 0.62 22.37 -15.03
CA LEU E 27 1.12 21.80 -13.78
C LEU E 27 2.19 20.77 -14.11
N ARG E 28 2.09 20.19 -15.31
CA ARG E 28 3.06 19.21 -15.76
C ARG E 28 4.43 19.88 -15.79
N SER E 29 4.45 21.10 -16.30
CA SER E 29 5.68 21.88 -16.41
C SER E 29 6.09 22.39 -15.03
N LYS E 30 5.17 23.03 -14.34
CA LYS E 30 5.43 23.56 -13.01
C LYS E 30 6.26 22.55 -12.22
N ILE E 31 5.81 21.30 -12.18
CA ILE E 31 6.53 20.27 -11.46
C ILE E 31 7.98 20.23 -11.92
N GLN E 32 8.20 20.15 -13.24
CA GLN E 32 9.56 20.10 -13.77
C GLN E 32 10.36 21.32 -13.34
N LYS E 33 9.72 22.48 -13.34
CA LYS E 33 10.40 23.70 -12.94
C LYS E 33 10.83 23.57 -11.47
N LEU E 34 9.90 23.09 -10.63
CA LEU E 34 10.17 22.92 -9.20
C LEU E 34 11.19 21.81 -8.98
N GLU E 35 11.10 20.75 -9.76
CA GLU E 35 12.05 19.66 -9.62
C GLU E 35 13.46 20.19 -9.92
N SER E 36 13.55 21.05 -10.93
CA SER E 36 14.82 21.64 -11.33
C SER E 36 15.33 22.58 -10.23
N ASP E 37 14.43 23.43 -9.74
CA ASP E 37 14.79 24.34 -8.67
C ASP E 37 15.31 23.53 -7.48
N VAL E 38 14.59 22.50 -7.10
CA VAL E 38 15.02 21.70 -5.96
C VAL E 38 16.28 20.88 -6.27
N SER E 39 16.41 20.42 -7.51
CA SER E 39 17.58 19.63 -7.90
C SER E 39 18.86 20.48 -7.84
N ALA E 40 18.72 21.77 -8.15
CA ALA E 40 19.83 22.70 -8.13
C ALA E 40 20.25 22.97 -6.69
N GLN E 41 19.27 23.32 -5.87
CA GLN E 41 19.49 23.63 -4.46
C GLN E 41 20.16 22.49 -3.72
N MET E 42 19.85 21.25 -4.10
CA MET E 42 20.47 20.10 -3.44
C MET E 42 21.97 20.11 -3.72
N GLU E 43 22.35 20.52 -4.93
CA GLU E 43 23.75 20.56 -5.30
C GLU E 43 24.50 21.65 -4.55
N TYR E 44 23.95 22.86 -4.55
CA TYR E 44 24.59 23.95 -3.82
C TYR E 44 24.80 23.55 -2.37
N CYS E 45 23.96 22.65 -1.87
CA CYS E 45 24.06 22.20 -0.49
C CYS E 45 25.11 21.13 -0.25
N ARG E 46 25.88 20.83 -1.28
CA ARG E 46 26.94 19.84 -1.17
C ARG E 46 28.13 20.61 -0.62
N THR E 47 27.98 21.93 -0.61
CA THR E 47 28.98 22.88 -0.11
C THR E 47 28.27 23.85 0.83
N PRO E 48 28.87 24.14 1.99
CA PRO E 48 28.32 25.03 3.00
C PRO E 48 28.59 26.51 2.77
N CYS E 49 27.94 27.35 3.57
CA CYS E 49 28.19 28.78 3.52
C CYS E 49 29.26 28.97 4.57
N THR E 50 29.96 30.08 4.54
CA THR E 50 30.99 30.29 5.53
C THR E 50 31.03 31.71 6.08
N VAL E 51 31.73 31.87 7.19
CA VAL E 51 31.91 33.16 7.82
C VAL E 51 33.31 33.14 8.43
N SER E 52 33.78 34.31 8.82
CA SER E 52 35.08 34.47 9.44
C SER E 52 34.90 35.57 10.46
N CYS E 53 34.61 35.18 11.69
CA CYS E 53 34.38 36.19 12.71
C CYS E 53 35.50 36.25 13.73
N ASN E 54 36.45 37.16 13.53
CA ASN E 54 37.51 37.31 14.49
C ASN E 54 36.83 37.76 15.77
N ILE E 55 37.14 37.10 16.86
CA ILE E 55 36.52 37.39 18.14
C ILE E 55 37.05 38.62 18.85
N PRO E 56 36.14 39.54 19.23
CA PRO E 56 36.58 40.76 19.92
C PRO E 56 37.24 40.40 21.26
N VAL E 57 38.03 41.32 21.79
CA VAL E 57 38.70 41.09 23.07
C VAL E 57 37.77 41.32 24.26
N VAL E 58 37.14 42.48 24.30
CA VAL E 58 36.26 42.79 25.41
C VAL E 58 35.15 41.73 25.48
N SER E 59 34.85 41.30 26.70
CA SER E 59 33.82 40.30 26.94
C SER E 59 33.26 40.45 28.37
N GLY E 60 32.14 39.77 28.63
CA GLY E 60 31.53 39.84 29.94
C GLY E 60 30.38 38.87 30.10
N LYS E 61 29.65 38.98 31.20
CA LYS E 61 28.53 38.08 31.47
C LYS E 61 27.48 38.15 30.38
N GLU E 62 27.24 39.34 29.86
CA GLU E 62 26.28 39.55 28.77
C GLU E 62 26.55 40.89 28.10
N CYS E 63 25.84 41.20 27.02
CA CYS E 63 26.07 42.45 26.30
C CYS E 63 26.05 43.74 27.12
N GLU E 64 25.22 43.80 28.17
CA GLU E 64 25.16 44.99 29.00
C GLU E 64 26.52 45.25 29.63
N GLU E 65 27.07 44.22 30.28
CA GLU E 65 28.37 44.38 30.91
C GLU E 65 29.42 44.75 29.87
N ILE E 66 29.34 44.14 28.69
CA ILE E 66 30.29 44.41 27.64
C ILE E 66 30.33 45.89 27.29
N ILE E 67 29.16 46.46 26.98
CA ILE E 67 29.11 47.88 26.62
C ILE E 67 29.70 48.75 27.72
N ARG E 68 29.47 48.38 28.98
CA ARG E 68 30.00 49.14 30.09
C ARG E 68 31.49 48.96 30.22
N LYS E 69 32.03 48.07 29.39
CA LYS E 69 33.46 47.79 29.36
C LYS E 69 34.10 48.44 28.14
N GLY E 70 33.35 49.29 27.46
CA GLY E 70 33.90 49.97 26.30
C GLY E 70 33.58 49.39 24.93
N GLY E 71 32.66 48.44 24.86
CA GLY E 71 32.29 47.85 23.57
C GLY E 71 31.11 48.62 23.02
N GLU E 72 31.40 49.62 22.19
CA GLU E 72 30.36 50.49 21.64
C GLU E 72 29.79 50.11 20.30
N THR E 73 30.38 49.13 19.63
CA THR E 73 29.90 48.71 18.31
C THR E 73 29.05 47.44 18.31
N SER E 74 27.94 47.48 17.59
CA SER E 74 27.08 46.29 17.51
C SER E 74 27.76 45.26 16.62
N GLU E 75 28.01 44.09 17.20
CA GLU E 75 28.65 43.00 16.45
C GLU E 75 28.69 41.75 17.32
N MET E 76 29.32 40.68 16.84
CA MET E 76 29.38 39.46 17.60
C MET E 76 30.42 39.51 18.71
N TYR E 77 30.03 39.00 19.87
CA TYR E 77 30.91 38.96 21.02
C TYR E 77 30.80 37.61 21.74
N LEU E 78 31.76 37.36 22.61
CA LEU E 78 31.78 36.16 23.41
C LEU E 78 31.23 36.58 24.77
N ILE E 79 30.34 35.78 25.35
CA ILE E 79 29.83 36.15 26.67
C ILE E 79 29.81 34.92 27.56
N GLN E 80 30.20 35.10 28.80
CA GLN E 80 30.18 34.00 29.73
C GLN E 80 29.35 34.43 30.92
N PRO E 81 28.03 34.28 30.80
CA PRO E 81 27.07 34.65 31.83
C PRO E 81 27.25 33.70 33.01
N ASP E 82 27.56 32.45 32.68
CA ASP E 82 27.77 31.44 33.69
C ASP E 82 29.18 30.88 33.67
N SER E 83 29.91 31.12 34.76
CA SER E 83 31.26 30.64 34.90
C SER E 83 31.28 29.11 34.92
N SER E 84 30.09 28.52 34.98
CA SER E 84 29.93 27.07 35.02
C SER E 84 29.49 26.52 33.67
N VAL E 85 30.05 27.07 32.60
CA VAL E 85 29.76 26.64 31.25
C VAL E 85 30.65 27.49 30.35
N LYS E 86 31.06 26.95 29.21
CA LYS E 86 31.96 27.68 28.32
C LYS E 86 31.33 28.85 27.60
N PRO E 87 32.12 29.91 27.41
CA PRO E 87 31.69 31.14 26.73
C PRO E 87 31.09 30.82 25.36
N TYR E 88 30.09 31.60 24.95
CA TYR E 88 29.47 31.39 23.65
C TYR E 88 29.24 32.69 22.91
N ARG E 89 29.13 32.60 21.59
CA ARG E 89 28.93 33.74 20.73
C ARG E 89 27.50 34.24 20.76
N VAL E 90 27.33 35.55 20.58
CA VAL E 90 26.01 36.15 20.58
C VAL E 90 26.14 37.47 19.86
N TYR E 91 25.03 38.00 19.37
CA TYR E 91 25.09 39.28 18.68
C TYR E 91 24.68 40.37 19.66
N CYS E 92 25.53 41.38 19.79
CA CYS E 92 25.26 42.47 20.72
C CYS E 92 24.81 43.75 20.01
N ASP E 93 23.64 44.26 20.40
CA ASP E 93 23.12 45.49 19.82
C ASP E 93 23.49 46.61 20.78
N MET E 94 24.56 47.33 20.46
CA MET E 94 25.02 48.40 21.33
C MET E 94 24.50 49.77 20.93
N ASN E 95 23.51 49.82 20.05
CA ASN E 95 22.96 51.09 19.64
C ASN E 95 21.54 51.34 20.07
N THR E 96 20.63 50.44 19.69
CA THR E 96 19.23 50.58 20.05
C THR E 96 19.01 50.86 21.54
N GLU E 97 18.07 51.77 21.82
CA GLU E 97 17.72 52.13 23.17
C GLU E 97 18.85 52.03 24.20
N ASN E 98 19.92 52.77 23.98
CA ASN E 98 21.07 52.80 24.88
C ASN E 98 21.95 51.56 24.88
N GLY E 99 21.77 50.71 23.87
CA GLY E 99 22.57 49.50 23.74
C GLY E 99 22.65 48.56 24.93
N GLY E 100 23.45 47.51 24.77
CA GLY E 100 23.61 46.54 25.83
C GLY E 100 22.60 45.42 25.71
N TRP E 101 22.03 45.25 24.53
CA TRP E 101 21.03 44.20 24.28
C TRP E 101 21.64 42.92 23.72
N THR E 102 21.27 41.80 24.33
CA THR E 102 21.75 40.51 23.87
C THR E 102 20.64 39.90 23.01
N VAL E 103 20.86 39.86 21.69
CA VAL E 103 19.90 39.29 20.78
C VAL E 103 19.73 37.80 21.05
N ILE E 104 18.50 37.39 21.29
CA ILE E 104 18.24 35.97 21.51
C ILE E 104 17.46 35.38 20.34
N GLN E 105 16.84 36.24 19.54
CA GLN E 105 16.08 35.79 18.37
C GLN E 105 16.17 36.83 17.25
N ASN E 106 16.26 36.38 16.00
CA ASN E 106 16.39 37.32 14.89
C ASN E 106 15.94 36.79 13.53
N ARG E 107 15.02 37.52 12.91
CA ARG E 107 14.50 37.16 11.58
C ARG E 107 14.72 38.40 10.71
N GLN E 108 15.13 38.23 9.46
CA GLN E 108 15.35 39.36 8.56
C GLN E 108 15.23 38.97 7.09
N ASP E 109 15.71 37.79 6.75
CA ASP E 109 15.58 37.27 5.39
C ASP E 109 14.92 35.92 5.67
N GLY E 110 15.05 34.94 4.79
CA GLY E 110 14.42 33.67 5.14
C GLY E 110 15.48 32.59 5.19
N SER E 111 16.71 33.03 5.52
CA SER E 111 17.90 32.18 5.55
C SER E 111 17.96 30.97 6.42
N VAL E 112 17.25 30.99 7.54
CA VAL E 112 17.30 29.86 8.44
C VAL E 112 15.96 29.19 8.71
N ASP E 113 16.01 27.87 8.81
CA ASP E 113 14.85 27.04 9.10
C ASP E 113 14.53 27.21 10.61
N PHE E 114 13.28 27.51 10.94
CA PHE E 114 12.88 27.66 12.34
C PHE E 114 11.92 26.57 12.78
N GLY E 115 11.57 25.71 11.83
CA GLY E 115 10.67 24.62 12.14
C GLY E 115 11.53 23.46 12.56
N ARG E 116 12.03 23.49 13.77
CA ARG E 116 12.91 22.44 14.26
C ARG E 116 12.41 21.78 15.52
N LYS E 117 13.05 20.69 15.88
CA LYS E 117 12.69 19.90 17.05
C LYS E 117 13.07 20.53 18.38
N TRP E 118 12.65 19.86 19.45
CA TRP E 118 12.90 20.29 20.80
C TRP E 118 14.37 20.49 21.05
N ASP E 119 15.18 19.51 20.67
CA ASP E 119 16.61 19.61 20.92
C ASP E 119 17.31 20.81 20.28
N PRO E 120 17.05 21.06 18.98
CA PRO E 120 17.73 22.21 18.39
C PRO E 120 17.32 23.50 19.11
N TYR E 121 16.06 23.59 19.55
CA TYR E 121 15.60 24.78 20.25
C TYR E 121 16.25 24.89 21.62
N LYS E 122 16.60 23.76 22.19
CA LYS E 122 17.23 23.72 23.49
C LYS E 122 18.65 24.24 23.34
N GLN E 123 19.37 23.70 22.36
CA GLN E 123 20.77 24.06 22.11
C GLN E 123 21.02 25.38 21.39
N GLY E 124 20.06 25.77 20.55
CA GLY E 124 20.22 26.99 19.77
C GLY E 124 20.61 26.60 18.35
N PHE E 125 20.27 27.44 17.38
CA PHE E 125 20.58 27.17 15.98
C PHE E 125 20.58 28.46 15.18
N GLY E 126 21.06 28.37 13.94
CA GLY E 126 21.12 29.53 13.09
C GLY E 126 22.51 30.14 13.09
N ASN E 127 22.65 31.26 12.39
CA ASN E 127 23.94 31.95 12.30
C ASN E 127 23.81 33.17 13.19
N VAL E 128 24.80 33.37 14.08
CA VAL E 128 24.75 34.49 15.01
C VAL E 128 25.15 35.79 14.36
N ALA E 129 26.20 35.74 13.55
CA ALA E 129 26.68 36.94 12.91
C ALA E 129 27.35 36.58 11.60
N THR E 130 27.43 37.56 10.71
CA THR E 130 28.07 37.37 9.40
C THR E 130 29.03 38.50 9.11
N ASN E 131 29.87 38.30 8.09
CA ASN E 131 30.87 39.28 7.68
C ASN E 131 30.27 40.40 6.88
N THR E 132 30.82 41.60 7.05
CA THR E 132 30.34 42.77 6.35
C THR E 132 31.34 43.26 5.30
N ASP E 133 31.36 42.60 4.15
CA ASP E 133 32.24 42.92 3.03
C ASP E 133 33.57 43.59 3.38
N GLY E 134 34.65 42.83 3.17
CA GLY E 134 35.98 43.36 3.46
C GLY E 134 36.22 43.55 4.94
N LYS E 135 35.50 42.81 5.78
CA LYS E 135 35.67 42.93 7.21
C LYS E 135 36.05 41.60 7.84
N ASN E 136 37.05 41.66 8.70
CA ASN E 136 37.54 40.47 9.40
C ASN E 136 36.56 40.07 10.49
N TYR E 137 35.70 41.00 10.89
CA TYR E 137 34.73 40.74 11.94
C TYR E 137 33.30 40.69 11.41
N CYS E 138 32.41 40.15 12.24
CA CYS E 138 31.00 40.02 11.87
C CYS E 138 30.14 41.03 12.62
N GLY E 139 29.84 42.14 11.94
CA GLY E 139 29.04 43.20 12.53
C GLY E 139 27.55 43.09 12.26
N LEU E 140 27.16 42.22 11.34
CA LEU E 140 25.74 42.02 11.05
C LEU E 140 25.23 40.73 11.67
N PRO E 141 24.02 40.76 12.23
CA PRO E 141 23.49 39.54 12.83
C PRO E 141 22.91 38.62 11.76
N GLY E 142 22.90 37.32 12.02
CA GLY E 142 22.30 36.40 11.08
C GLY E 142 20.94 36.06 11.68
N GLU E 143 20.26 35.05 11.15
CA GLU E 143 18.98 34.64 11.71
C GLU E 143 19.33 33.53 12.68
N TYR E 144 18.83 33.63 13.91
CA TYR E 144 19.14 32.61 14.90
C TYR E 144 18.30 32.67 16.14
N TRP E 145 18.37 31.57 16.90
CA TRP E 145 17.68 31.38 18.18
C TRP E 145 18.77 31.00 19.16
N LEU E 146 19.05 31.86 20.12
CA LEU E 146 20.13 31.60 21.08
C LEU E 146 20.08 30.22 21.72
N GLY E 147 18.88 29.76 22.04
CA GLY E 147 18.73 28.46 22.68
C GLY E 147 18.05 28.57 24.03
N ASN E 148 17.03 27.75 24.22
CA ASN E 148 16.27 27.76 25.46
C ASN E 148 17.11 27.64 26.74
N ASP E 149 18.04 26.70 26.83
CA ASP E 149 18.82 26.64 28.07
C ASP E 149 19.55 27.95 28.30
N LYS E 150 20.19 28.49 27.26
CA LYS E 150 20.92 29.75 27.37
C LYS E 150 20.01 30.92 27.72
N ILE E 151 18.83 30.95 27.12
CA ILE E 151 17.86 32.02 27.37
C ILE E 151 17.33 31.94 28.79
N SER E 152 17.05 30.74 29.27
CA SER E 152 16.57 30.59 30.63
C SER E 152 17.61 31.08 31.63
N GLN E 153 18.87 30.75 31.38
CA GLN E 153 19.92 31.15 32.29
C GLN E 153 20.11 32.67 32.34
N LEU E 154 20.06 33.31 31.18
CA LEU E 154 20.22 34.76 31.17
C LEU E 154 19.08 35.40 31.96
N THR E 155 17.83 35.11 31.59
CA THR E 155 16.71 35.70 32.29
C THR E 155 16.73 35.49 33.81
N ARG E 156 17.26 34.36 34.26
CA ARG E 156 17.31 34.07 35.68
C ARG E 156 18.52 34.61 36.45
N MET E 157 19.47 35.23 35.76
CA MET E 157 20.63 35.79 36.46
C MET E 157 20.18 36.97 37.30
N GLY E 158 19.15 37.67 36.82
CA GLY E 158 18.64 38.83 37.53
C GLY E 158 17.48 39.44 36.76
N PRO E 159 16.79 40.45 37.32
CA PRO E 159 15.68 41.02 36.55
C PRO E 159 16.11 41.35 35.13
N THR E 160 15.32 40.89 34.18
CA THR E 160 15.60 41.08 32.77
C THR E 160 14.39 41.65 32.05
N GLU E 161 14.67 42.51 31.09
CA GLU E 161 13.63 43.14 30.26
C GLU E 161 13.82 42.58 28.83
N LEU E 162 12.72 42.46 28.10
CA LEU E 162 12.77 41.93 26.74
C LEU E 162 12.29 43.02 25.79
N LEU E 163 12.95 43.12 24.65
CA LEU E 163 12.61 44.12 23.64
C LEU E 163 12.40 43.42 22.30
N ILE E 164 11.14 43.35 21.89
CA ILE E 164 10.75 42.74 20.62
C ILE E 164 10.48 43.84 19.59
N GLU E 165 11.24 43.78 18.49
CA GLU E 165 11.12 44.75 17.41
C GLU E 165 10.76 44.04 16.11
N MET E 166 9.96 44.69 15.26
CA MET E 166 9.56 44.11 13.99
C MET E 166 9.41 45.19 12.94
N GLU E 167 9.51 44.79 11.67
CA GLU E 167 9.39 45.70 10.55
C GLU E 167 8.56 45.06 9.43
N ASP E 168 7.65 45.83 8.81
CA ASP E 168 6.86 45.29 7.71
C ASP E 168 7.61 45.47 6.40
N TRP E 169 7.02 45.02 5.30
CA TRP E 169 7.68 45.10 4.01
C TRP E 169 7.65 46.45 3.34
N LYS E 170 7.02 47.42 4.01
CA LYS E 170 6.95 48.76 3.48
C LYS E 170 7.92 49.64 4.24
N GLY E 171 8.46 49.12 5.34
CA GLY E 171 9.41 49.89 6.11
C GLY E 171 8.96 50.29 7.49
N ASP E 172 7.64 50.38 7.72
CA ASP E 172 7.15 50.77 9.04
C ASP E 172 7.62 49.78 10.08
N LYS E 173 7.70 50.24 11.32
CA LYS E 173 8.15 49.39 12.41
C LYS E 173 7.54 49.76 13.76
N VAL E 174 7.28 48.74 14.59
CA VAL E 174 6.72 48.90 15.93
C VAL E 174 7.53 48.04 16.90
N LYS E 175 7.49 48.38 18.17
CA LYS E 175 8.22 47.63 19.17
C LYS E 175 7.27 47.16 20.28
N ALA E 176 7.72 46.17 21.05
CA ALA E 176 6.95 45.62 22.16
C ALA E 176 7.97 45.41 23.27
N HIS E 177 7.80 46.13 24.37
CA HIS E 177 8.75 46.04 25.47
C HIS E 177 8.12 45.43 26.71
N TYR E 178 8.90 44.62 27.43
CA TYR E 178 8.44 44.00 28.65
C TYR E 178 9.49 44.26 29.74
N GLY E 179 9.04 44.88 30.83
CA GLY E 179 9.93 45.21 31.91
C GLY E 179 10.55 44.02 32.59
N GLY E 180 9.79 42.94 32.65
CA GLY E 180 10.28 41.72 33.26
C GLY E 180 10.13 40.57 32.29
N PHE E 181 11.12 39.69 32.26
CA PHE E 181 11.07 38.54 31.36
C PHE E 181 11.83 37.39 31.99
N THR E 182 11.17 36.24 32.10
CA THR E 182 11.85 35.09 32.66
C THR E 182 11.41 33.83 31.94
N VAL E 183 12.38 32.94 31.72
CA VAL E 183 12.12 31.68 31.07
C VAL E 183 12.70 30.62 32.00
N GLN E 184 11.84 29.75 32.52
CA GLN E 184 12.32 28.71 33.43
C GLN E 184 13.17 27.67 32.68
N ASN E 185 13.81 26.78 33.43
CA ASN E 185 14.66 25.76 32.80
C ASN E 185 13.83 24.69 32.11
N GLU E 186 14.55 23.74 31.52
CA GLU E 186 13.93 22.65 30.78
C GLU E 186 13.00 21.77 31.59
N ALA E 187 13.29 21.57 32.87
CA ALA E 187 12.43 20.74 33.71
C ALA E 187 11.06 21.37 33.88
N ASN E 188 10.97 22.66 33.61
CA ASN E 188 9.72 23.39 33.72
C ASN E 188 9.23 23.77 32.33
N LYS E 189 9.68 22.99 31.35
CA LYS E 189 9.31 23.18 29.95
C LYS E 189 9.55 24.59 29.47
N TYR E 190 10.59 25.23 30.02
CA TYR E 190 10.93 26.60 29.65
C TYR E 190 9.76 27.58 29.80
N GLN E 191 8.96 27.40 30.86
CA GLN E 191 7.79 28.25 31.09
C GLN E 191 8.13 29.74 31.00
N ILE E 192 7.30 30.48 30.25
CA ILE E 192 7.53 31.92 30.06
C ILE E 192 6.67 32.83 30.94
N SER E 193 7.20 34.00 31.24
CA SER E 193 6.49 34.95 32.07
C SER E 193 6.95 36.35 31.69
N VAL E 194 6.01 37.28 31.53
CA VAL E 194 6.35 38.64 31.15
C VAL E 194 5.34 39.64 31.71
N ASN E 195 5.81 40.86 31.96
CA ASN E 195 4.96 41.94 32.43
C ASN E 195 5.53 43.30 32.09
N LYS E 196 4.95 44.34 32.67
CA LYS E 196 5.35 45.72 32.44
C LYS E 196 5.52 46.04 30.95
N TYR E 197 4.41 45.87 30.23
CA TYR E 197 4.33 46.11 28.80
C TYR E 197 4.34 47.59 28.44
N ARG E 198 4.99 47.91 27.33
CA ARG E 198 5.08 49.29 26.84
C ARG E 198 5.44 49.19 25.37
N GLY E 199 4.55 49.59 24.48
CA GLY E 199 4.90 49.49 23.08
C GLY E 199 3.91 50.05 22.08
N THR E 200 4.24 49.82 20.81
CA THR E 200 3.40 50.26 19.71
C THR E 200 3.00 49.08 18.85
N ALA E 201 3.38 47.88 19.27
CA ALA E 201 3.03 46.67 18.50
C ALA E 201 1.79 45.95 19.04
N GLY E 202 1.39 46.28 20.26
CA GLY E 202 0.23 45.63 20.85
C GLY E 202 0.65 44.49 21.77
N ASN E 203 0.19 44.51 23.00
CA ASN E 203 0.56 43.52 24.00
C ASN E 203 0.10 42.08 23.67
N ALA E 204 0.60 41.56 22.56
CA ALA E 204 0.25 40.21 22.11
C ALA E 204 0.55 39.12 23.12
N LEU E 205 1.68 39.23 23.82
CA LEU E 205 2.08 38.23 24.79
C LEU E 205 1.18 38.09 26.01
N MET E 206 0.88 39.21 26.66
CA MET E 206 0.05 39.20 27.88
C MET E 206 -1.44 39.25 27.65
N ASP E 207 -1.87 39.91 26.58
CA ASP E 207 -3.30 40.05 26.32
C ASP E 207 -3.89 39.23 25.20
N GLY E 208 -3.07 38.80 24.24
CA GLY E 208 -3.60 38.01 23.15
C GLY E 208 -4.11 38.89 22.02
N ALA E 209 -4.44 38.25 20.89
CA ALA E 209 -4.95 38.96 19.72
C ALA E 209 -6.06 39.93 20.10
N SER E 210 -5.86 41.19 19.71
CA SER E 210 -6.82 42.24 20.01
C SER E 210 -8.14 42.15 19.22
N GLN E 211 -8.09 41.52 18.04
CA GLN E 211 -9.27 41.39 17.21
C GLN E 211 -10.05 40.13 17.55
N LEU E 212 -9.86 39.64 18.77
CA LEU E 212 -10.56 38.46 19.23
C LEU E 212 -11.32 38.85 20.49
N MET E 213 -12.44 38.19 20.74
CA MET E 213 -13.25 38.50 21.91
C MET E 213 -13.33 37.34 22.89
N GLY E 214 -13.31 37.68 24.18
CA GLY E 214 -13.41 36.68 25.23
C GLY E 214 -12.50 35.46 25.11
N GLU E 215 -13.10 34.31 25.34
CA GLU E 215 -12.41 33.04 25.28
C GLU E 215 -11.44 32.93 24.11
N ASN E 216 -11.88 33.41 22.96
CA ASN E 216 -11.06 33.37 21.76
C ASN E 216 -9.77 34.19 21.87
N ARG E 217 -9.78 35.24 22.67
CA ARG E 217 -8.60 36.07 22.83
C ARG E 217 -7.66 35.50 23.88
N THR E 218 -8.20 35.15 25.03
CA THR E 218 -7.37 34.61 26.10
C THR E 218 -6.65 33.32 25.71
N MET E 219 -7.21 32.54 24.80
CA MET E 219 -6.54 31.31 24.42
C MET E 219 -5.34 31.61 23.54
N THR E 220 -5.08 32.89 23.30
CA THR E 220 -3.94 33.28 22.49
C THR E 220 -2.91 34.03 23.34
N ILE E 221 -3.10 34.04 24.65
CA ILE E 221 -2.16 34.69 25.55
C ILE E 221 -0.95 33.78 25.71
N HIS E 222 0.25 34.35 25.60
CA HIS E 222 1.43 33.54 25.73
C HIS E 222 1.93 33.50 27.16
N ASN E 223 1.69 34.57 27.89
CA ASN E 223 2.11 34.64 29.27
C ASN E 223 1.74 33.35 30.05
N GLY E 224 2.73 32.69 30.63
CA GLY E 224 2.45 31.49 31.40
C GLY E 224 2.52 30.18 30.65
N MET E 225 2.63 30.27 29.33
CA MET E 225 2.69 29.09 28.49
C MET E 225 4.01 28.34 28.58
N PHE E 226 3.99 27.07 28.15
CA PHE E 226 5.19 26.24 28.12
C PHE E 226 5.69 26.26 26.69
N PHE E 227 6.91 25.79 26.48
CA PHE E 227 7.47 25.78 25.14
C PHE E 227 7.12 24.48 24.44
N SER E 228 6.69 24.59 23.18
CA SER E 228 6.34 23.43 22.37
C SER E 228 7.09 23.51 21.05
N THR E 229 7.40 22.33 20.51
CA THR E 229 8.08 22.22 19.23
C THR E 229 7.23 21.17 18.54
N TYR E 230 7.45 20.91 17.25
CA TYR E 230 6.58 19.94 16.61
C TYR E 230 6.72 18.52 17.13
N ASP E 231 7.84 18.21 17.77
CA ASP E 231 8.03 16.84 18.30
C ASP E 231 7.87 16.79 19.81
N ARG E 232 7.39 17.89 20.40
CA ARG E 232 7.22 17.98 21.85
C ARG E 232 6.04 18.93 22.15
N ASP E 233 4.86 18.34 22.24
CA ASP E 233 3.64 19.09 22.50
C ASP E 233 3.46 19.45 23.97
N ASN E 234 3.56 20.75 24.25
CA ASN E 234 3.36 21.28 25.59
C ASN E 234 2.45 22.48 25.48
N ASP E 235 1.71 22.56 24.37
CA ASP E 235 0.81 23.68 24.16
C ASP E 235 -0.42 23.57 25.04
N GLY E 236 -1.28 24.57 24.97
CA GLY E 236 -2.50 24.55 25.76
C GLY E 236 -3.73 24.15 24.95
N TRP E 237 -3.55 23.24 24.00
CA TRP E 237 -4.65 22.77 23.15
C TRP E 237 -4.87 21.27 23.43
N LEU E 238 -5.94 20.93 24.13
CA LEU E 238 -6.21 19.53 24.46
C LEU E 238 -6.90 18.79 23.33
N THR E 239 -6.13 17.99 22.59
CA THR E 239 -6.67 17.22 21.47
C THR E 239 -6.19 15.78 21.58
N SER E 240 -6.74 14.91 20.74
CA SER E 240 -6.34 13.52 20.73
C SER E 240 -5.76 13.27 19.35
N ASP E 241 -6.03 14.20 18.44
CA ASP E 241 -5.50 14.09 17.09
C ASP E 241 -4.07 14.61 17.08
N PRO E 242 -3.09 13.70 16.97
CA PRO E 242 -1.69 14.11 16.95
C PRO E 242 -1.42 15.27 15.98
N ARG E 243 -2.29 15.43 14.99
CA ARG E 243 -2.13 16.49 14.01
C ARG E 243 -2.52 17.87 14.58
N LYS E 244 -3.43 17.87 15.54
CA LYS E 244 -3.87 19.13 16.13
C LYS E 244 -2.94 19.60 17.24
N GLN E 245 -1.78 20.11 16.84
CA GLN E 245 -0.77 20.63 17.75
C GLN E 245 -0.27 21.96 17.19
N CYS E 246 -0.39 23.02 17.99
CA CYS E 246 0.03 24.35 17.58
C CYS E 246 1.37 24.44 16.87
N SER E 247 2.41 23.87 17.47
CA SER E 247 3.73 23.92 16.86
C SER E 247 3.75 23.26 15.47
N LYS E 248 3.05 22.15 15.30
CA LYS E 248 3.00 21.43 14.02
C LYS E 248 2.27 22.22 12.95
N GLU E 249 1.16 22.84 13.33
CA GLU E 249 0.40 23.62 12.35
C GLU E 249 1.03 24.97 12.06
N ASP E 250 1.42 25.69 13.10
CA ASP E 250 2.03 27.01 12.95
C ASP E 250 3.53 26.99 12.65
N GLY E 251 4.05 25.77 12.51
CA GLY E 251 5.45 25.53 12.14
C GLY E 251 6.65 26.19 12.79
N GLY E 252 6.73 26.16 14.12
CA GLY E 252 7.88 26.74 14.79
C GLY E 252 7.86 26.40 16.25
N GLY E 253 9.01 26.51 16.91
CA GLY E 253 9.08 26.25 18.33
C GLY E 253 8.64 27.55 18.97
N TRP E 254 7.69 27.49 19.90
CA TRP E 254 7.23 28.71 20.53
C TRP E 254 6.38 28.43 21.75
N TRP E 255 6.10 29.49 22.50
CA TRP E 255 5.29 29.36 23.69
C TRP E 255 3.82 29.38 23.24
N TYR E 256 3.45 28.43 22.40
CA TYR E 256 2.09 28.36 21.90
C TYR E 256 1.08 28.08 22.99
N ASN E 257 -0.15 28.50 22.74
CA ASN E 257 -1.25 28.32 23.66
C ASN E 257 -2.31 27.57 22.87
N ARG E 258 -3.23 28.30 22.26
CA ARG E 258 -4.29 27.69 21.49
C ARG E 258 -4.84 28.68 20.46
N CYS E 259 -3.99 29.15 19.54
CA CYS E 259 -2.59 28.77 19.47
C CYS E 259 -1.60 29.88 19.77
N HIS E 260 -1.85 31.06 19.20
CA HIS E 260 -0.97 32.21 19.41
C HIS E 260 -1.62 33.50 18.98
N ALA E 261 -0.95 34.60 19.32
CA ALA E 261 -1.36 35.94 18.93
C ALA E 261 -0.11 36.44 18.23
N ALA E 262 1.03 35.96 18.71
CA ALA E 262 2.34 36.30 18.16
C ALA E 262 3.00 35.01 17.70
N ASN E 263 3.68 35.07 16.57
CA ASN E 263 4.35 33.91 16.05
C ASN E 263 5.77 34.19 15.51
N PRO E 264 6.67 34.69 16.38
CA PRO E 264 8.02 34.93 15.88
C PRO E 264 8.46 33.47 15.68
N ASN E 265 9.44 33.21 14.83
CA ASN E 265 9.85 31.81 14.62
C ASN E 265 8.91 31.13 13.64
N GLY E 266 7.94 31.90 13.15
CA GLY E 266 6.99 31.37 12.18
C GLY E 266 7.68 31.32 10.83
N ARG E 267 6.98 30.78 9.86
CA ARG E 267 7.52 30.64 8.51
C ARG E 267 7.70 32.00 7.85
N TYR E 268 8.89 32.24 7.30
CA TYR E 268 9.20 33.50 6.66
C TYR E 268 8.61 33.63 5.25
N TYR E 269 7.38 34.12 5.14
CA TYR E 269 6.76 34.28 3.81
C TYR E 269 7.29 35.55 3.19
N TRP E 270 7.84 35.44 1.98
CA TRP E 270 8.35 36.63 1.30
C TRP E 270 7.18 37.54 0.90
N GLY E 271 7.39 38.85 1.00
CA GLY E 271 6.33 39.77 0.64
C GLY E 271 5.38 40.15 1.75
N GLY E 272 5.32 39.35 2.82
CA GLY E 272 4.46 39.67 3.94
C GLY E 272 3.02 39.19 3.85
N GLN E 273 2.39 39.44 2.71
CA GLN E 273 1.00 39.05 2.47
C GLN E 273 0.89 37.57 2.11
N TYR E 274 0.13 36.81 2.88
CA TYR E 274 -0.06 35.41 2.56
C TYR E 274 -1.47 34.99 2.92
N THR E 275 -1.92 33.87 2.36
CA THR E 275 -3.27 33.40 2.63
C THR E 275 -3.28 31.96 3.12
N TRP E 276 -4.44 31.55 3.63
CA TRP E 276 -4.62 30.21 4.17
C TRP E 276 -4.32 29.11 3.14
N ASP E 277 -4.62 29.36 1.87
CA ASP E 277 -4.37 28.35 0.85
C ASP E 277 -2.91 28.40 0.39
N MET E 278 -2.09 29.11 1.14
CA MET E 278 -0.67 29.21 0.85
C MET E 278 0.04 28.46 1.97
N ALA E 279 -0.57 28.48 3.15
CA ALA E 279 -0.03 27.83 4.33
C ALA E 279 -0.11 26.31 4.25
N LYS E 280 0.99 25.66 4.62
CA LYS E 280 1.10 24.21 4.59
C LYS E 280 -0.10 23.50 5.22
N HIS E 281 -0.63 24.06 6.30
CA HIS E 281 -1.77 23.48 7.00
C HIS E 281 -2.98 24.38 7.01
N GLY E 282 -2.91 25.47 6.26
CA GLY E 282 -4.03 26.38 6.22
C GLY E 282 -4.14 27.28 7.42
N THR E 283 -3.22 27.15 8.37
CA THR E 283 -3.26 28.02 9.55
C THR E 283 -2.38 29.22 9.30
N ASP E 284 -2.50 30.22 10.17
CA ASP E 284 -1.71 31.43 10.05
C ASP E 284 -0.32 31.24 10.70
N ASP E 285 0.50 30.42 10.03
CA ASP E 285 1.87 30.17 10.46
C ASP E 285 2.62 31.41 9.97
N GLY E 286 3.94 31.44 10.01
CA GLY E 286 4.58 32.67 9.54
C GLY E 286 4.79 33.74 10.60
N VAL E 287 5.84 34.54 10.42
CA VAL E 287 6.21 35.60 11.35
C VAL E 287 5.03 36.55 11.58
N VAL E 288 4.26 36.27 12.61
CA VAL E 288 3.07 37.04 12.92
C VAL E 288 3.00 37.70 14.29
N TRP E 289 2.33 38.85 14.30
CA TRP E 289 2.06 39.63 15.50
C TRP E 289 0.67 40.15 15.19
N MET E 290 -0.33 39.30 15.41
CA MET E 290 -1.70 39.67 15.11
C MET E 290 -2.06 41.08 15.54
N ASN E 291 -1.69 41.45 16.77
CA ASN E 291 -2.00 42.77 17.29
C ASN E 291 -1.58 43.98 16.47
N TRP E 292 -0.82 43.77 15.39
CA TRP E 292 -0.39 44.88 14.55
C TRP E 292 -0.79 44.74 13.10
N LYS E 293 -0.60 43.56 12.53
CA LYS E 293 -0.93 43.32 11.12
C LYS E 293 -1.90 42.16 10.91
N GLY E 294 -2.41 41.59 12.00
CA GLY E 294 -3.34 40.48 11.88
C GLY E 294 -2.64 39.15 11.70
N SER E 295 -3.40 38.12 11.37
CA SER E 295 -2.85 36.78 11.20
C SER E 295 -2.27 36.52 9.83
N TRP E 296 -2.64 37.32 8.84
CA TRP E 296 -2.19 37.07 7.49
C TRP E 296 -1.10 37.94 6.88
N TYR E 297 -0.20 38.42 7.73
CA TYR E 297 0.93 39.23 7.29
C TYR E 297 2.18 38.74 8.02
N SER E 298 3.22 38.43 7.26
CA SER E 298 4.47 37.94 7.85
C SER E 298 5.54 39.04 7.78
N MET E 299 5.99 39.49 8.94
CA MET E 299 7.00 40.56 9.01
C MET E 299 8.21 40.33 8.13
N ARG E 300 8.92 41.41 7.80
CA ARG E 300 10.14 41.27 7.01
C ARG E 300 11.27 41.09 8.03
N LYS E 301 11.15 41.81 9.13
CA LYS E 301 12.13 41.73 10.20
C LYS E 301 11.37 41.44 11.48
N MET E 302 12.03 40.74 12.40
CA MET E 302 11.47 40.37 13.70
C MET E 302 12.65 39.97 14.58
N SER E 303 12.70 40.50 15.80
CA SER E 303 13.79 40.18 16.70
C SER E 303 13.42 40.23 18.17
N MET E 304 14.24 39.55 18.97
CA MET E 304 14.08 39.46 20.42
C MET E 304 15.45 39.63 21.07
N LYS E 305 15.57 40.57 21.99
CA LYS E 305 16.82 40.79 22.69
C LYS E 305 16.52 41.13 24.14
N ILE E 306 17.48 40.86 25.02
CA ILE E 306 17.30 41.07 26.43
C ILE E 306 18.42 41.90 27.04
N ARG E 307 18.22 42.30 28.30
CA ARG E 307 19.20 43.14 28.98
C ARG E 307 18.83 43.22 30.46
N PRO E 308 19.85 43.34 31.34
CA PRO E 308 19.59 43.44 32.77
C PRO E 308 18.65 44.64 33.00
N PHE E 309 17.61 44.48 33.80
CA PHE E 309 16.68 45.57 33.99
C PHE E 309 17.01 46.70 34.96
N PHE E 310 17.26 46.35 36.23
CA PHE E 310 17.57 47.35 37.25
C PHE E 310 16.25 47.93 37.78
N LEU F 15 -6.11 12.73 -20.47
CA LEU F 15 -6.08 13.63 -19.29
C LEU F 15 -6.29 12.83 -18.01
N GLN F 16 -6.34 11.51 -18.16
CA GLN F 16 -6.52 10.63 -17.02
C GLN F 16 -5.18 10.09 -16.56
N GLU F 17 -4.13 10.42 -17.30
CA GLU F 17 -2.79 9.96 -16.95
C GLU F 17 -1.84 11.09 -16.61
N ILE F 18 -2.00 12.24 -17.27
CA ILE F 18 -1.14 13.37 -16.97
C ILE F 18 -1.49 13.82 -15.56
N TYR F 19 -2.78 13.79 -15.23
CA TYR F 19 -3.21 14.16 -13.89
C TYR F 19 -2.65 13.14 -12.92
N ASN F 20 -2.70 11.86 -13.31
CA ASN F 20 -2.21 10.80 -12.47
C ASN F 20 -0.69 10.74 -12.37
N SER F 21 -0.01 11.28 -13.36
CA SER F 21 1.45 11.30 -13.36
C SER F 21 1.94 12.42 -12.44
N ASN F 22 1.25 13.55 -12.49
CA ASN F 22 1.59 14.70 -11.65
C ASN F 22 1.56 14.33 -10.17
N ASN F 23 0.41 13.84 -9.71
CA ASN F 23 0.27 13.46 -8.31
C ASN F 23 1.45 12.58 -7.89
N GLN F 24 1.90 11.71 -8.79
CA GLN F 24 3.01 10.82 -8.50
C GLN F 24 4.33 11.55 -8.35
N LYS F 25 4.66 12.40 -9.33
CA LYS F 25 5.90 13.15 -9.26
C LYS F 25 5.81 14.02 -8.00
N ILE F 26 4.69 14.74 -7.87
CA ILE F 26 4.45 15.60 -6.73
C ILE F 26 4.74 14.86 -5.43
N VAL F 27 4.35 13.60 -5.37
CA VAL F 27 4.60 12.80 -4.18
C VAL F 27 6.11 12.66 -4.02
N ASN F 28 6.80 12.42 -5.13
CA ASN F 28 8.25 12.27 -5.10
C ASN F 28 8.95 13.62 -4.89
N LEU F 29 8.52 14.63 -5.63
CA LEU F 29 9.08 15.96 -5.49
C LEU F 29 9.07 16.28 -3.99
N LYS F 30 7.92 16.07 -3.36
CA LYS F 30 7.77 16.33 -1.93
C LYS F 30 8.81 15.57 -1.12
N GLU F 31 9.19 14.39 -1.58
CA GLU F 31 10.20 13.62 -0.87
C GLU F 31 11.55 14.27 -1.11
N LYS F 32 11.77 14.76 -2.33
CA LYS F 32 13.04 15.39 -2.67
C LYS F 32 13.17 16.62 -1.80
N VAL F 33 12.03 17.27 -1.55
CA VAL F 33 12.00 18.45 -0.71
C VAL F 33 12.38 18.04 0.72
N ALA F 34 11.82 16.94 1.20
CA ALA F 34 12.07 16.42 2.54
C ALA F 34 13.54 16.09 2.79
N GLN F 35 14.23 15.63 1.76
CA GLN F 35 15.63 15.29 1.90
C GLN F 35 16.49 16.55 1.87
N LEU F 36 16.07 17.53 1.07
CA LEU F 36 16.78 18.80 0.98
C LEU F 36 16.80 19.42 2.38
N GLU F 37 15.65 19.35 3.05
CA GLU F 37 15.49 19.89 4.38
C GLU F 37 16.59 19.40 5.31
N ALA F 38 16.93 18.13 5.22
CA ALA F 38 17.96 17.55 6.07
C ALA F 38 19.35 18.09 5.75
N GLN F 39 19.47 18.78 4.61
CA GLN F 39 20.75 19.36 4.19
C GLN F 39 20.83 20.86 4.47
N CYS F 40 19.84 21.39 5.19
CA CYS F 40 19.82 22.81 5.48
C CYS F 40 19.63 23.18 6.96
N GLN F 41 20.02 22.28 7.86
CA GLN F 41 19.89 22.54 9.28
C GLN F 41 21.13 23.22 9.84
N GLU F 42 22.29 22.83 9.34
CA GLU F 42 23.56 23.38 9.79
C GLU F 42 23.76 24.87 9.53
N PRO F 43 24.54 25.54 10.40
CA PRO F 43 24.86 26.97 10.31
C PRO F 43 26.07 27.12 9.39
N CYS F 44 26.35 28.34 8.95
CA CYS F 44 27.53 28.53 8.10
C CYS F 44 28.74 28.15 8.96
N LYS F 45 29.77 27.62 8.33
CA LYS F 45 30.98 27.24 9.06
C LYS F 45 31.84 28.48 9.31
N ASP F 46 32.24 28.70 10.56
CA ASP F 46 33.07 29.84 10.93
C ASP F 46 34.54 29.45 10.77
N THR F 47 35.31 30.22 9.99
CA THR F 47 36.71 29.89 9.79
C THR F 47 37.56 30.11 11.05
N VAL F 48 37.07 30.94 11.96
CA VAL F 48 37.84 31.14 13.18
C VAL F 48 37.32 30.14 14.21
N GLN F 49 38.24 29.43 14.86
CA GLN F 49 37.85 28.44 15.84
C GLN F 49 38.72 28.59 17.07
N ILE F 50 38.19 28.16 18.22
CA ILE F 50 38.93 28.23 19.48
C ILE F 50 39.38 26.82 19.87
N HIS F 51 40.67 26.63 20.08
CA HIS F 51 41.20 25.33 20.46
C HIS F 51 40.69 24.85 21.82
N ASP F 52 40.62 23.53 22.00
CA ASP F 52 40.14 22.93 23.23
C ASP F 52 41.08 22.98 24.42
N ILE F 53 42.37 22.79 24.16
CA ILE F 53 43.37 22.80 25.24
C ILE F 53 43.39 24.15 25.97
N THR F 54 43.30 24.13 27.29
CA THR F 54 43.34 25.36 28.06
C THR F 54 44.37 25.18 29.16
N GLY F 55 44.72 26.27 29.83
CA GLY F 55 45.70 26.19 30.88
C GLY F 55 45.85 27.52 31.61
N LYS F 56 46.91 27.64 32.41
CA LYS F 56 47.18 28.86 33.16
C LYS F 56 47.62 29.97 32.24
N ASP F 57 48.31 29.59 31.17
CA ASP F 57 48.80 30.52 30.17
C ASP F 57 49.19 29.72 28.94
N CYS F 58 49.63 30.41 27.89
CA CYS F 58 50.00 29.74 26.66
C CYS F 58 51.11 28.71 26.83
N GLN F 59 52.08 28.97 27.72
CA GLN F 59 53.14 28.00 27.93
C GLN F 59 52.50 26.72 28.47
N ASP F 60 51.62 26.86 29.45
CA ASP F 60 50.91 25.72 30.04
C ASP F 60 50.27 24.94 28.90
N ILE F 61 49.53 25.65 28.04
CA ILE F 61 48.89 25.03 26.89
C ILE F 61 49.90 24.33 25.97
N ALA F 62 51.08 24.91 25.80
CA ALA F 62 52.09 24.29 24.95
C ALA F 62 52.55 22.97 25.58
N ASN F 63 52.95 23.04 26.84
CA ASN F 63 53.42 21.87 27.56
C ASN F 63 52.43 20.70 27.49
N LYS F 64 51.14 21.02 27.36
CA LYS F 64 50.11 19.99 27.29
C LYS F 64 50.05 19.36 25.90
N GLY F 65 50.78 19.94 24.96
CA GLY F 65 50.79 19.38 23.63
C GLY F 65 50.38 20.27 22.47
N ALA F 66 49.70 21.37 22.74
CA ALA F 66 49.28 22.29 21.67
C ALA F 66 50.43 22.44 20.69
N LYS F 67 50.12 22.30 19.40
CA LYS F 67 51.16 22.41 18.40
C LYS F 67 50.81 23.47 17.39
N GLN F 68 49.84 24.32 17.70
CA GLN F 68 49.40 25.31 16.74
C GLN F 68 49.03 26.67 17.32
N SER F 69 49.60 27.73 16.74
CA SER F 69 49.28 29.08 17.16
C SER F 69 47.81 29.36 16.87
N GLY F 70 47.18 30.12 17.74
CA GLY F 70 45.78 30.44 17.54
C GLY F 70 45.11 30.85 18.83
N LEU F 71 43.79 30.89 18.79
CA LEU F 71 43.00 31.29 19.94
C LEU F 71 42.78 30.18 20.95
N TYR F 72 43.01 30.50 22.21
CA TYR F 72 42.85 29.58 23.32
C TYR F 72 42.26 30.34 24.52
N PHE F 73 41.67 29.58 25.45
CA PHE F 73 41.14 30.18 26.67
C PHE F 73 42.16 29.81 27.72
N ILE F 74 42.55 30.79 28.52
CA ILE F 74 43.47 30.52 29.63
C ILE F 74 42.80 31.10 30.86
N LYS F 75 43.25 30.64 32.02
CA LYS F 75 42.68 31.11 33.25
C LYS F 75 43.74 31.04 34.33
N PRO F 76 44.50 32.13 34.53
CA PRO F 76 45.55 32.16 35.56
C PRO F 76 44.99 31.66 36.88
N LEU F 77 45.86 31.26 37.80
CA LEU F 77 45.40 30.73 39.06
C LEU F 77 44.43 31.65 39.80
N LYS F 78 44.88 32.83 40.17
CA LYS F 78 44.00 33.74 40.90
C LYS F 78 42.95 34.43 40.05
N ALA F 79 42.69 33.93 38.86
CA ALA F 79 41.71 34.53 37.95
C ALA F 79 40.28 34.08 38.25
N ASN F 80 39.36 35.02 38.34
CA ASN F 80 37.97 34.72 38.64
C ASN F 80 37.28 33.94 37.54
N GLN F 81 37.86 33.96 36.35
CA GLN F 81 37.23 33.29 35.23
C GLN F 81 38.19 33.32 34.03
N GLN F 82 37.96 32.44 33.08
CA GLN F 82 38.82 32.37 31.91
C GLN F 82 38.48 33.38 30.83
N PHE F 83 39.48 33.72 30.03
CA PHE F 83 39.28 34.67 28.94
C PHE F 83 40.04 34.15 27.73
N LEU F 84 39.87 34.82 26.59
CA LEU F 84 40.50 34.40 25.35
C LEU F 84 41.77 35.18 25.02
N VAL F 85 42.79 34.47 24.55
CA VAL F 85 44.05 35.10 24.17
C VAL F 85 44.53 34.46 22.88
N TYR F 86 45.61 35.01 22.35
CA TYR F 86 46.24 34.50 21.15
C TYR F 86 47.55 33.88 21.58
N CYS F 87 47.69 32.58 21.36
CA CYS F 87 48.91 31.88 21.73
C CYS F 87 49.83 31.70 20.54
N GLU F 88 51.12 31.98 20.75
CA GLU F 88 52.13 31.81 19.73
C GLU F 88 52.91 30.58 20.17
N ILE F 89 52.83 29.51 19.41
CA ILE F 89 53.54 28.30 19.79
C ILE F 89 54.52 27.91 18.70
N ASP F 90 55.80 27.94 19.05
CA ASP F 90 56.85 27.62 18.08
C ASP F 90 57.17 26.14 18.02
N GLY F 91 58.07 25.79 17.11
CA GLY F 91 58.47 24.41 16.93
C GLY F 91 59.34 23.91 18.05
N SER F 92 59.46 24.70 19.11
CA SER F 92 60.28 24.30 20.24
C SER F 92 59.52 24.26 21.56
N GLY F 93 58.20 24.20 21.46
CA GLY F 93 57.37 24.11 22.64
C GLY F 93 57.23 25.36 23.48
N ASN F 94 57.59 26.50 22.92
CA ASN F 94 57.44 27.74 23.67
C ASN F 94 56.05 28.28 23.38
N GLY F 95 55.36 28.65 24.45
CA GLY F 95 54.03 29.20 24.30
C GLY F 95 54.05 30.62 24.78
N TRP F 96 54.01 31.56 23.85
CA TRP F 96 53.99 32.96 24.21
C TRP F 96 52.54 33.40 24.25
N THR F 97 52.21 34.24 25.20
CA THR F 97 50.85 34.73 25.27
C THR F 97 50.97 36.24 24.97
N VAL F 98 50.48 36.59 23.79
CA VAL F 98 50.53 37.95 23.26
C VAL F 98 49.46 38.88 23.81
N PHE F 99 49.85 40.03 24.36
CA PHE F 99 48.86 40.97 24.90
C PHE F 99 48.75 42.29 24.14
N GLN F 100 49.61 42.49 23.14
CA GLN F 100 49.56 43.68 22.31
C GLN F 100 49.98 43.40 20.87
N LYS F 101 49.29 44.03 19.92
CA LYS F 101 49.59 43.84 18.51
C LYS F 101 49.22 45.03 17.62
N ARG F 102 50.20 45.53 16.88
CA ARG F 102 50.02 46.64 15.93
C ARG F 102 50.57 46.12 14.61
N LEU F 103 49.85 46.34 13.51
CA LEU F 103 50.35 45.86 12.22
C LEU F 103 49.79 46.52 10.99
N ASP F 104 48.71 47.29 11.13
CA ASP F 104 48.14 47.95 9.96
C ASP F 104 47.40 49.25 10.29
N GLY F 105 47.36 49.60 11.57
CA GLY F 105 46.68 50.81 12.00
C GLY F 105 45.17 50.77 11.81
N SER F 106 44.58 49.58 11.82
CA SER F 106 43.14 49.44 11.66
C SER F 106 42.36 49.65 12.95
N VAL F 107 43.04 49.53 14.08
CA VAL F 107 42.39 49.71 15.38
C VAL F 107 42.87 51.00 16.00
N ASP F 108 41.96 51.74 16.60
CA ASP F 108 42.25 53.02 17.25
C ASP F 108 42.67 52.78 18.70
N PHE F 109 43.88 53.21 19.06
CA PHE F 109 44.38 53.03 20.42
C PHE F 109 44.16 54.22 21.37
N LYS F 110 43.36 55.18 20.94
CA LYS F 110 43.07 56.32 21.80
C LYS F 110 41.83 55.89 22.58
N LYS F 111 42.01 54.93 23.49
CA LYS F 111 40.91 54.41 24.28
C LYS F 111 41.08 54.86 25.72
N ASN F 112 40.04 54.69 26.54
CA ASN F 112 40.10 55.10 27.93
C ASN F 112 40.56 54.02 28.91
N TRP F 113 40.59 54.39 30.18
CA TRP F 113 41.04 53.52 31.26
C TRP F 113 40.35 52.17 31.32
N ILE F 114 39.04 52.19 31.15
CA ILE F 114 38.26 50.96 31.19
C ILE F 114 38.54 50.11 29.95
N GLN F 115 38.70 50.77 28.81
CA GLN F 115 38.97 50.05 27.58
C GLN F 115 40.35 49.43 27.58
N TYR F 116 41.28 50.07 28.28
CA TYR F 116 42.64 49.53 28.38
C TYR F 116 42.67 48.45 29.46
N LYS F 117 41.80 48.61 30.44
CA LYS F 117 41.70 47.66 31.54
C LYS F 117 41.06 46.37 31.05
N GLU F 118 39.96 46.48 30.31
CA GLU F 118 39.26 45.32 29.79
C GLU F 118 39.85 44.76 28.50
N GLY F 119 40.39 45.66 27.66
CA GLY F 119 40.97 45.27 26.39
C GLY F 119 40.10 45.64 25.19
N PHE F 120 40.72 45.84 24.03
CA PHE F 120 40.00 46.19 22.81
C PHE F 120 40.72 45.62 21.58
N GLY F 121 40.05 45.68 20.45
CA GLY F 121 40.61 45.13 19.23
C GLY F 121 40.02 43.76 19.00
N HIS F 122 40.57 42.97 18.08
CA HIS F 122 40.04 41.63 17.82
C HIS F 122 41.11 40.55 17.82
N LEU F 123 40.73 39.36 18.26
CA LEU F 123 41.66 38.24 18.26
C LEU F 123 41.42 37.41 17.01
N SER F 124 42.49 36.87 16.43
CA SER F 124 42.36 36.05 15.23
C SER F 124 43.29 34.84 15.27
N PRO F 125 42.86 33.72 14.69
CA PRO F 125 43.69 32.51 14.69
C PRO F 125 44.99 32.75 13.97
N THR F 126 44.94 33.60 12.96
CA THR F 126 46.11 33.91 12.15
C THR F 126 47.06 34.93 12.76
N GLY F 127 46.65 35.57 13.84
CA GLY F 127 47.50 36.55 14.49
C GLY F 127 47.87 37.67 13.55
N THR F 128 46.88 38.12 12.77
CA THR F 128 47.10 39.20 11.82
C THR F 128 46.07 40.27 12.12
N THR F 129 45.85 40.50 13.41
CA THR F 129 44.85 41.47 13.85
C THR F 129 45.39 42.28 15.03
N GLU F 130 45.08 43.59 15.03
CA GLU F 130 45.53 44.51 16.09
C GLU F 130 44.69 44.42 17.35
N PHE F 131 45.32 44.64 18.51
CA PHE F 131 44.59 44.57 19.77
C PHE F 131 45.43 44.81 21.03
N TRP F 132 44.73 45.15 22.11
CA TRP F 132 45.33 45.32 23.44
C TRP F 132 44.52 44.33 24.27
N LEU F 133 45.18 43.34 24.85
CA LEU F 133 44.51 42.31 25.61
C LEU F 133 43.68 42.79 26.81
N GLY F 134 44.19 43.76 27.54
CA GLY F 134 43.51 44.26 28.71
C GLY F 134 44.46 44.22 29.90
N ASN F 135 44.59 45.32 30.63
CA ASN F 135 45.48 45.39 31.78
C ASN F 135 45.18 44.41 32.90
N GLU F 136 43.90 44.22 33.22
CA GLU F 136 43.53 43.29 34.28
C GLU F 136 44.04 41.91 33.94
N LYS F 137 43.94 41.53 32.68
CA LYS F 137 44.40 40.22 32.24
C LYS F 137 45.93 40.09 32.27
N ILE F 138 46.62 41.12 31.79
CA ILE F 138 48.06 41.07 31.78
C ILE F 138 48.49 40.96 33.24
N HIS F 139 47.76 41.64 34.12
CA HIS F 139 48.08 41.61 35.54
C HIS F 139 47.95 40.19 36.08
N LEU F 140 46.87 39.52 35.71
CA LEU F 140 46.63 38.15 36.18
C LEU F 140 47.69 37.17 35.69
N ILE F 141 47.96 37.18 34.38
CA ILE F 141 48.93 36.28 33.79
C ILE F 141 50.34 36.43 34.36
N SER F 142 50.76 37.67 34.57
CA SER F 142 52.10 37.94 35.06
C SER F 142 52.31 37.86 36.57
N THR F 143 51.24 37.75 37.34
CA THR F 143 51.39 37.69 38.80
C THR F 143 50.92 36.42 39.50
N GLN F 144 50.91 35.31 38.78
CA GLN F 144 50.53 34.00 39.33
C GLN F 144 51.67 33.53 40.23
N SER F 145 51.50 33.72 41.54
CA SER F 145 52.50 33.35 42.55
C SER F 145 53.71 32.52 42.12
N ALA F 146 54.87 32.97 42.59
CA ALA F 146 56.17 32.32 42.39
C ALA F 146 56.55 31.78 41.01
N ILE F 147 56.37 32.59 39.95
CA ILE F 147 56.76 32.15 38.62
C ILE F 147 57.04 33.41 37.83
N PRO F 148 58.31 33.74 37.64
CA PRO F 148 58.67 34.94 36.89
C PRO F 148 58.44 34.82 35.39
N TYR F 149 57.96 35.89 34.78
CA TYR F 149 57.73 35.90 33.35
C TYR F 149 58.75 36.78 32.66
N ALA F 150 58.73 36.74 31.34
CA ALA F 150 59.63 37.56 30.54
C ALA F 150 58.72 38.24 29.54
N LEU F 151 59.17 39.38 29.03
CA LEU F 151 58.41 40.11 28.06
C LEU F 151 59.27 40.31 26.84
N ARG F 152 58.73 39.99 25.67
CA ARG F 152 59.50 40.23 24.46
C ARG F 152 58.78 41.27 23.62
N VAL F 153 59.54 42.26 23.16
CA VAL F 153 58.98 43.31 22.33
C VAL F 153 59.54 43.12 20.94
N GLU F 154 58.68 42.83 19.97
CA GLU F 154 59.14 42.67 18.59
C GLU F 154 58.70 43.84 17.74
N LEU F 155 59.68 44.49 17.12
CA LEU F 155 59.39 45.64 16.26
C LEU F 155 59.72 45.29 14.80
N GLU F 156 59.02 45.92 13.87
CA GLU F 156 59.29 45.74 12.45
C GLU F 156 59.15 47.08 11.74
N ASP F 157 60.21 47.54 11.09
CA ASP F 157 60.16 48.82 10.38
C ASP F 157 59.56 48.66 8.99
N TRP F 158 59.53 49.76 8.24
CA TRP F 158 58.95 49.72 6.90
C TRP F 158 59.92 49.28 5.81
N ASN F 159 61.05 48.71 6.22
CA ASN F 159 62.03 48.21 5.28
C ASN F 159 62.02 46.70 5.28
N GLY F 160 61.41 46.12 6.30
CA GLY F 160 61.33 44.68 6.39
C GLY F 160 62.19 44.13 7.50
N ARG F 161 63.11 44.95 8.01
CA ARG F 161 64.00 44.54 9.09
C ARG F 161 63.21 44.45 10.38
N THR F 162 63.71 43.68 11.35
CA THR F 162 63.00 43.53 12.63
C THR F 162 63.94 43.32 13.83
N SER F 163 63.64 44.00 14.95
CA SER F 163 64.46 43.84 16.16
C SER F 163 63.60 43.41 17.34
N THR F 164 64.24 43.13 18.48
CA THR F 164 63.52 42.71 19.66
C THR F 164 64.18 43.20 20.96
N ALA F 165 63.40 43.24 22.02
CA ALA F 165 63.87 43.68 23.32
C ALA F 165 63.20 42.84 24.39
N ASP F 166 64.01 42.10 25.15
CA ASP F 166 63.50 41.23 26.20
C ASP F 166 63.64 41.83 27.59
N TYR F 167 62.68 41.54 28.46
CA TYR F 167 62.71 42.03 29.83
C TYR F 167 62.49 40.91 30.84
N ALA F 168 63.43 40.80 31.77
CA ALA F 168 63.39 39.77 32.81
C ALA F 168 62.54 40.15 34.00
N MET F 169 61.82 39.16 34.52
CA MET F 169 60.93 39.33 35.67
C MET F 169 59.84 40.35 35.39
N PHE F 170 59.08 40.13 34.32
CA PHE F 170 58.01 41.03 33.93
C PHE F 170 56.76 40.89 34.77
N LYS F 171 56.12 42.03 35.04
CA LYS F 171 54.90 42.06 35.82
C LYS F 171 54.09 43.34 35.56
N VAL F 172 52.78 43.26 35.72
CA VAL F 172 51.89 44.41 35.58
C VAL F 172 51.06 44.39 36.86
N GLY F 173 51.12 45.46 37.63
CA GLY F 173 50.39 45.48 38.88
C GLY F 173 48.88 45.51 38.76
N PRO F 174 48.15 45.49 39.89
CA PRO F 174 46.68 45.53 39.90
C PRO F 174 46.13 46.94 39.68
N GLU F 175 44.83 47.03 39.39
CA GLU F 175 44.20 48.33 39.16
C GLU F 175 44.38 49.25 40.35
N ALA F 176 44.57 48.66 41.53
CA ALA F 176 44.75 49.42 42.76
C ALA F 176 46.00 50.26 42.63
N ASP F 177 47.07 49.67 42.14
CA ASP F 177 48.32 50.39 41.97
C ASP F 177 48.46 50.75 40.51
N LYS F 178 47.36 51.27 39.94
CA LYS F 178 47.30 51.70 38.54
C LYS F 178 48.01 50.84 37.50
N TYR F 179 47.88 49.52 37.60
CA TYR F 179 48.51 48.63 36.63
C TYR F 179 49.96 49.00 36.31
N ARG F 180 50.74 49.27 37.35
CA ARG F 180 52.16 49.63 37.23
C ARG F 180 53.02 48.57 36.52
N LEU F 181 53.94 49.03 35.68
CA LEU F 181 54.81 48.11 34.96
C LEU F 181 56.13 47.98 35.70
N THR F 182 56.59 46.76 35.89
CA THR F 182 57.85 46.50 36.59
C THR F 182 58.62 45.34 35.95
N TYR F 183 59.93 45.35 36.12
CA TYR F 183 60.79 44.30 35.58
C TYR F 183 62.17 44.42 36.22
N ALA F 184 62.77 43.28 36.56
CA ALA F 184 64.09 43.28 37.20
C ALA F 184 65.21 43.87 36.34
N TYR F 185 65.35 43.42 35.10
CA TYR F 185 66.41 43.94 34.26
C TYR F 185 66.18 43.69 32.77
N PHE F 186 67.00 44.32 31.94
CA PHE F 186 66.89 44.19 30.50
C PHE F 186 67.69 43.01 29.97
N ALA F 187 66.99 41.98 29.51
CA ALA F 187 67.64 40.79 28.99
C ALA F 187 68.27 40.94 27.60
N GLY F 188 68.39 42.17 27.12
CA GLY F 188 69.02 42.36 25.82
C GLY F 188 68.11 42.33 24.61
N GLY F 189 68.68 42.58 23.45
CA GLY F 189 67.91 42.60 22.22
C GLY F 189 68.45 43.65 21.28
N ASP F 190 68.44 43.38 19.99
CA ASP F 190 68.96 44.34 19.04
C ASP F 190 68.02 45.54 18.82
N ALA F 191 66.95 45.61 19.60
CA ALA F 191 66.02 46.72 19.48
C ALA F 191 66.49 47.83 20.42
N GLY F 192 67.14 47.42 21.51
CA GLY F 192 67.65 48.38 22.47
C GLY F 192 66.70 48.52 23.64
N ASP F 193 67.25 48.76 24.83
CA ASP F 193 66.46 48.90 26.05
C ASP F 193 65.84 50.29 26.16
N ALA F 194 64.79 50.53 25.38
CA ALA F 194 64.12 51.83 25.39
C ALA F 194 63.44 52.11 26.72
N PHE F 195 63.09 51.07 27.46
CA PHE F 195 62.44 51.23 28.76
C PHE F 195 63.37 51.81 29.81
N ASP F 196 64.64 52.02 29.47
CA ASP F 196 65.59 52.58 30.42
C ASP F 196 65.76 54.06 30.10
N GLY F 197 64.76 54.63 29.44
CA GLY F 197 64.83 56.03 29.09
C GLY F 197 65.73 56.21 27.89
N PHE F 198 65.87 57.45 27.43
CA PHE F 198 66.72 57.74 26.28
C PHE F 198 67.24 59.17 26.31
N ASP F 199 68.51 59.35 25.95
CA ASP F 199 69.07 60.69 25.92
C ASP F 199 68.66 61.28 24.57
N PHE F 200 67.42 61.77 24.51
CA PHE F 200 66.92 62.35 23.27
C PHE F 200 67.80 63.50 22.80
N GLY F 201 68.37 64.22 23.76
CA GLY F 201 69.24 65.34 23.45
C GLY F 201 68.67 66.67 23.92
N ASP F 202 67.38 66.84 23.68
CA ASP F 202 66.66 68.04 24.06
C ASP F 202 67.08 68.62 25.41
N ASP F 203 67.25 67.75 26.41
CA ASP F 203 67.65 68.20 27.74
C ASP F 203 68.43 67.11 28.44
N PRO F 204 69.37 67.49 29.31
CA PRO F 204 70.18 66.51 30.04
C PRO F 204 69.34 65.51 30.82
N SER F 205 68.15 65.94 31.26
CA SER F 205 67.28 65.09 32.04
C SER F 205 66.35 64.21 31.20
N ASP F 206 66.43 64.34 29.88
CA ASP F 206 65.57 63.55 29.01
C ASP F 206 65.57 62.04 29.32
N LYS F 207 66.76 61.45 29.40
CA LYS F 207 66.89 60.02 29.69
C LYS F 207 66.06 59.64 30.93
N PHE F 208 66.36 60.27 32.04
CA PHE F 208 65.67 60.03 33.31
C PHE F 208 64.13 60.08 33.26
N PHE F 209 63.59 61.03 32.50
CA PHE F 209 62.15 61.20 32.40
C PHE F 209 61.44 60.39 31.31
N THR F 210 62.21 59.68 30.49
CA THR F 210 61.61 58.88 29.43
C THR F 210 61.82 57.40 29.64
N SER F 211 61.96 56.99 30.91
CA SER F 211 62.16 55.58 31.25
C SER F 211 60.80 55.02 31.62
N HIS F 212 60.62 53.71 31.51
CA HIS F 212 59.32 53.15 31.81
C HIS F 212 59.21 52.17 32.96
N ASN F 213 60.34 51.71 33.47
CA ASN F 213 60.28 50.75 34.58
C ASN F 213 59.69 51.44 35.80
N GLY F 214 58.63 50.86 36.37
CA GLY F 214 58.00 51.44 37.54
C GLY F 214 56.88 52.45 37.30
N MET F 215 56.71 52.86 36.04
CA MET F 215 55.68 53.81 35.71
C MET F 215 54.30 53.18 35.80
N GLN F 216 53.31 53.96 36.26
CA GLN F 216 51.94 53.45 36.34
C GLN F 216 51.33 53.65 34.97
N PHE F 217 50.23 52.96 34.69
CA PHE F 217 49.59 53.06 33.40
C PHE F 217 48.73 54.32 33.33
N SER F 218 48.72 54.97 32.17
CA SER F 218 47.94 56.18 32.01
C SER F 218 47.15 56.21 30.73
N THR F 219 45.99 56.86 30.80
CA THR F 219 45.10 57.04 29.66
C THR F 219 44.62 58.49 29.80
N TRP F 220 44.14 59.09 28.73
CA TRP F 220 43.71 60.48 28.80
C TRP F 220 42.79 60.78 29.96
N ASP F 221 41.94 59.85 30.33
CA ASP F 221 41.00 60.09 31.42
C ASP F 221 41.45 59.60 32.79
N ASN F 222 42.64 59.01 32.84
CA ASN F 222 43.19 58.54 34.10
C ASN F 222 44.70 58.75 34.00
N ASP F 223 45.12 59.96 34.39
CA ASP F 223 46.50 60.44 34.34
C ASP F 223 47.36 60.05 35.55
N ASN F 224 48.34 59.17 35.32
CA ASN F 224 49.22 58.75 36.38
C ASN F 224 50.70 58.92 36.03
N ASP F 225 50.98 59.73 35.01
CA ASP F 225 52.35 59.96 34.60
C ASP F 225 53.16 60.81 35.59
N LYS F 226 54.40 61.07 35.22
CA LYS F 226 55.31 61.87 36.03
C LYS F 226 55.44 63.27 35.45
N PHE F 227 54.41 63.67 34.71
CA PHE F 227 54.36 64.97 34.05
C PHE F 227 53.21 65.77 34.61
N GLU F 228 53.39 67.08 34.76
CA GLU F 228 52.31 67.91 35.31
C GLU F 228 51.22 68.08 34.27
N GLY F 229 51.51 67.63 33.06
CA GLY F 229 50.55 67.68 31.98
C GLY F 229 49.94 66.30 31.82
N ASN F 230 49.41 66.00 30.65
CA ASN F 230 48.78 64.71 30.41
C ASN F 230 49.37 63.99 29.20
N CYS F 231 50.43 63.22 29.46
CA CYS F 231 51.13 62.46 28.43
C CYS F 231 50.19 61.65 27.55
N ALA F 232 49.45 60.74 28.15
CA ALA F 232 48.52 59.89 27.43
C ALA F 232 47.54 60.69 26.57
N GLU F 233 47.02 61.78 27.12
CA GLU F 233 46.07 62.59 26.36
C GLU F 233 46.80 63.29 25.23
N GLN F 234 47.94 63.89 25.55
CA GLN F 234 48.73 64.59 24.53
C GLN F 234 49.08 63.68 23.35
N ASP F 235 49.74 62.56 23.64
CA ASP F 235 50.17 61.62 22.60
C ASP F 235 49.10 60.63 22.11
N GLY F 236 47.87 60.82 22.57
CA GLY F 236 46.75 59.99 22.16
C GLY F 236 46.85 58.48 22.30
N SER F 237 47.22 58.01 23.49
CA SER F 237 47.33 56.59 23.72
C SER F 237 47.11 56.20 25.17
N GLY F 238 47.33 54.91 25.42
CA GLY F 238 47.23 54.35 26.75
C GLY F 238 48.62 53.76 26.90
N TRP F 239 49.34 54.13 27.96
CA TRP F 239 50.70 53.65 28.10
C TRP F 239 51.27 54.00 29.48
N TRP F 240 52.34 53.32 29.87
CA TRP F 240 52.99 53.58 31.15
C TRP F 240 53.84 54.83 30.92
N MET F 241 53.24 56.00 31.09
CA MET F 241 53.93 57.27 30.86
C MET F 241 54.77 57.80 32.01
N ASN F 242 55.91 58.40 31.66
CA ASN F 242 56.83 59.01 32.61
C ASN F 242 56.63 60.52 32.39
N LYS F 243 57.46 61.10 31.53
CA LYS F 243 57.37 62.51 31.18
C LYS F 243 58.21 62.78 29.93
N CYS F 244 57.85 62.15 28.82
CA CYS F 244 56.71 61.25 28.74
C CYS F 244 57.05 59.79 28.39
N HIS F 245 57.86 59.57 27.36
CA HIS F 245 58.18 58.22 26.95
C HIS F 245 59.32 58.06 25.94
N ALA F 246 60.02 56.93 26.02
CA ALA F 246 61.10 56.64 25.08
C ALA F 246 60.64 55.45 24.24
N GLY F 247 59.60 54.75 24.74
CA GLY F 247 59.01 53.62 24.06
C GLY F 247 57.52 53.92 24.06
N HIS F 248 56.87 53.88 22.89
CA HIS F 248 55.44 54.23 22.81
C HIS F 248 54.70 53.34 21.82
N LEU F 249 54.60 52.04 22.12
CA LEU F 249 53.97 51.11 21.19
C LEU F 249 52.47 51.28 20.93
N ASN F 250 51.75 51.89 21.87
CA ASN F 250 50.31 52.10 21.68
C ASN F 250 50.05 53.45 21.09
N GLY F 251 51.10 54.04 20.51
CA GLY F 251 50.99 55.34 19.89
C GLY F 251 50.23 55.35 18.58
N VAL F 252 50.12 56.53 18.00
CA VAL F 252 49.42 56.72 16.73
C VAL F 252 50.16 56.02 15.60
N TYR F 253 49.41 55.27 14.80
CA TYR F 253 49.98 54.53 13.69
C TYR F 253 50.14 55.44 12.47
N TYR F 254 51.38 55.63 12.04
CA TYR F 254 51.68 56.47 10.89
C TYR F 254 52.12 55.63 9.70
N GLN F 255 51.25 55.54 8.71
CA GLN F 255 51.54 54.78 7.51
C GLN F 255 52.84 55.33 6.95
N GLY F 256 53.75 54.44 6.52
CA GLY F 256 54.99 54.90 5.96
C GLY F 256 56.14 54.95 6.95
N GLY F 257 55.84 55.24 8.21
CA GLY F 257 56.90 55.28 9.20
C GLY F 257 57.38 56.66 9.60
N THR F 258 57.89 57.42 8.63
CA THR F 258 58.35 58.77 8.93
C THR F 258 57.18 59.74 9.06
N TYR F 259 57.27 60.62 10.06
CA TYR F 259 56.25 61.63 10.29
C TYR F 259 56.92 62.79 11.03
N SER F 260 56.36 63.98 10.92
CA SER F 260 56.97 65.15 11.55
C SER F 260 56.09 65.87 12.55
N LYS F 261 56.70 66.86 13.22
CA LYS F 261 56.01 67.65 14.22
C LYS F 261 54.70 68.14 13.62
N ALA F 262 54.74 68.44 12.33
CA ALA F 262 53.59 68.93 11.60
C ALA F 262 52.41 67.97 11.60
N SER F 263 52.69 66.68 11.73
CA SER F 263 51.63 65.67 11.70
C SER F 263 50.88 65.51 13.01
N THR F 264 51.51 65.92 14.11
CA THR F 264 50.93 65.80 15.43
C THR F 264 49.97 66.91 15.77
N PRO F 265 48.94 66.60 16.57
CA PRO F 265 47.96 67.60 16.97
C PRO F 265 48.55 68.56 18.00
N ASN F 266 49.48 68.06 18.80
CA ASN F 266 50.11 68.85 19.86
C ASN F 266 51.62 69.07 19.72
N GLY F 267 52.20 68.70 18.59
CA GLY F 267 53.63 68.91 18.38
C GLY F 267 54.62 67.96 19.05
N TYR F 268 54.13 66.86 19.61
CA TYR F 268 55.01 65.88 20.25
C TYR F 268 55.01 64.56 19.49
N ASP F 269 56.09 63.80 19.59
CA ASP F 269 56.16 62.50 18.93
C ASP F 269 55.14 61.59 19.61
N ASN F 270 54.12 61.21 18.85
CA ASN F 270 53.04 60.36 19.36
C ASN F 270 52.95 59.04 18.65
N GLY F 271 53.82 58.83 17.66
CA GLY F 271 53.80 57.59 16.93
C GLY F 271 54.26 56.38 17.73
N ILE F 272 54.34 55.25 17.03
CA ILE F 272 54.76 53.99 17.61
C ILE F 272 56.29 53.98 17.53
N ILE F 273 56.91 54.68 18.47
CA ILE F 273 58.37 54.81 18.50
C ILE F 273 59.11 53.98 19.53
N TRP F 274 60.39 53.76 19.26
CA TRP F 274 61.26 52.98 20.13
C TRP F 274 62.65 53.64 20.06
N ALA F 275 62.80 54.75 20.77
CA ALA F 275 64.04 55.54 20.79
C ALA F 275 65.39 54.82 20.59
N THR F 276 65.60 53.70 21.29
CA THR F 276 66.86 53.00 21.18
C THR F 276 67.07 52.28 19.85
N TRP F 277 66.18 52.46 18.89
CA TRP F 277 66.32 51.78 17.61
C TRP F 277 65.95 52.64 16.41
N LYS F 278 65.15 53.68 16.62
CA LYS F 278 64.74 54.56 15.55
C LYS F 278 64.51 55.95 16.12
N THR F 279 64.24 56.92 15.25
CA THR F 279 64.02 58.29 15.70
C THR F 279 62.65 58.46 16.30
N ARG F 280 62.49 59.49 17.12
CA ARG F 280 61.21 59.76 17.75
C ARG F 280 60.21 60.10 16.65
N TRP F 281 60.71 60.25 15.43
CA TRP F 281 59.83 60.57 14.31
C TRP F 281 59.69 59.37 13.38
N TYR F 282 59.88 58.17 13.93
CA TYR F 282 59.72 56.95 13.16
C TYR F 282 58.74 56.01 13.87
N SER F 283 57.63 55.73 13.21
CA SER F 283 56.58 54.86 13.74
C SER F 283 56.77 53.46 13.15
N MET F 284 56.85 52.45 14.01
CA MET F 284 57.05 51.09 13.50
C MET F 284 55.91 50.67 12.59
N LYS F 285 56.12 49.63 11.79
CA LYS F 285 55.09 49.14 10.88
C LYS F 285 54.27 48.05 11.57
N LYS F 286 54.96 47.24 12.37
CA LYS F 286 54.34 46.17 13.12
C LYS F 286 54.92 46.14 14.51
N THR F 287 54.08 45.73 15.46
CA THR F 287 54.46 45.67 16.86
C THR F 287 53.76 44.49 17.52
N THR F 288 54.43 43.91 18.51
CA THR F 288 53.87 42.78 19.25
C THR F 288 54.52 42.62 20.62
N MET F 289 53.70 42.65 21.66
CA MET F 289 54.15 42.50 23.03
C MET F 289 53.60 41.18 23.55
N LYS F 290 54.50 40.25 23.82
CA LYS F 290 54.12 38.92 24.29
C LYS F 290 54.97 38.56 25.50
N ILE F 291 54.45 37.66 26.32
CA ILE F 291 55.17 37.22 27.49
C ILE F 291 55.23 35.70 27.52
N ILE F 292 56.22 35.17 28.24
CA ILE F 292 56.40 33.74 28.38
C ILE F 292 57.10 33.59 29.70
N PRO F 293 56.95 32.43 30.37
CA PRO F 293 57.66 32.33 31.66
C PRO F 293 59.17 32.52 31.43
N PHE F 294 59.87 33.11 32.40
CA PHE F 294 61.29 33.37 32.20
C PHE F 294 62.19 32.17 31.93
N ASN F 295 62.01 31.12 32.73
CA ASN F 295 62.80 29.90 32.59
C ASN F 295 62.56 29.28 31.24
N ARG F 296 62.11 30.08 30.29
CA ARG F 296 61.83 29.57 28.96
C ARG F 296 62.74 30.24 27.94
N LEU F 297 63.39 31.33 28.34
CA LEU F 297 64.30 32.05 27.45
C LEU F 297 65.70 31.47 27.47
N THR F 298 66.19 31.10 26.28
CA THR F 298 67.53 30.52 26.11
C THR F 298 67.76 29.36 27.08
N ILE F 299 66.66 28.82 27.63
CA ILE F 299 66.72 27.72 28.59
C ILE F 299 67.29 28.25 29.91
N GLY G 1 5.32 -9.05 -8.64
CA GLY G 1 4.28 -8.14 -8.08
C GLY G 1 4.77 -7.28 -6.93
N PRO G 2 5.89 -6.57 -7.08
CA PRO G 2 6.38 -5.72 -5.98
C PRO G 2 5.57 -4.44 -5.95
N ARG G 3 4.70 -4.30 -4.97
CA ARG G 3 3.90 -3.09 -4.88
C ARG G 3 4.75 -1.98 -4.25
N PRO G 4 4.66 -0.74 -4.77
CA PRO G 4 5.44 0.40 -4.26
C PRO G 4 5.06 0.76 -2.83
N GLY H 1 -54.67 -41.14 -15.94
CA GLY H 1 -56.13 -41.46 -15.95
C GLY H 1 -56.51 -42.42 -14.85
N HIS H 2 -57.80 -42.74 -14.76
CA HIS H 2 -58.29 -43.64 -13.72
C HIS H 2 -58.90 -44.92 -14.30
N ARG H 3 -59.02 -45.94 -13.46
CA ARG H 3 -59.60 -47.20 -13.87
C ARG H 3 -60.93 -47.43 -13.15
N PRO H 4 -61.94 -46.62 -13.46
CA PRO H 4 -63.25 -46.77 -12.82
C PRO H 4 -63.75 -48.19 -12.95
N GLY I 1 59.44 61.62 23.07
CA GLY I 1 58.80 61.37 24.38
C GLY I 1 59.20 62.30 25.51
N PRO I 2 60.13 63.26 25.33
CA PRO I 2 60.45 64.11 26.49
C PRO I 2 59.58 65.38 26.54
N ARG I 3 59.60 66.06 27.67
CA ARG I 3 58.80 67.28 27.82
C ARG I 3 59.61 68.35 28.57
N PRO I 4 59.40 69.64 28.23
CA PRO I 4 60.09 70.76 28.86
C PRO I 4 59.95 70.85 30.38
N GLY J 1 -3.10 32.87 15.43
CA GLY J 1 -4.56 32.68 15.43
C GLY J 1 -5.01 31.73 16.54
N HIS J 2 -6.31 31.52 16.63
CA HIS J 2 -6.83 30.64 17.67
C HIS J 2 -7.46 29.37 17.12
N ARG J 3 -7.85 28.50 18.03
CA ARG J 3 -8.48 27.25 17.66
C ARG J 3 -9.82 27.10 18.39
N PRO J 4 -10.87 27.74 17.86
CA PRO J 4 -12.16 27.61 18.54
C PRO J 4 -12.60 26.14 18.46
C1 NAG K . -66.45 -42.13 -12.92
C2 NAG K . -67.90 -41.65 -13.07
C3 NAG K . -68.74 -42.80 -13.68
C4 NAG K . -68.11 -43.25 -15.02
C5 NAG K . -66.62 -43.57 -14.81
C6 NAG K . -65.84 -43.97 -16.07
C7 NAG K . -67.99 -40.16 -11.19
C8 NAG K . -67.44 -40.31 -9.78
N2 NAG K . -68.45 -41.26 -11.78
O3 NAG K . -70.07 -42.34 -13.88
O4 NAG K . -68.77 -44.44 -15.55
O5 NAG K . -65.93 -42.45 -14.21
O6 NAG K . -66.37 -43.29 -17.22
O7 NAG K . -68.00 -39.06 -11.73
C1 NAG K . -70.16 -44.59 -15.43
C2 NAG K . -70.87 -43.79 -16.54
C3 NAG K . -72.38 -44.11 -16.54
C4 NAG K . -72.60 -45.63 -16.61
C5 NAG K . -71.85 -46.30 -15.46
C6 NAG K . -71.99 -47.82 -15.43
C7 NAG K . -71.59 -41.47 -16.60
C8 NAG K . -72.63 -41.17 -15.52
N2 NAG K . -70.65 -42.36 -16.32
O3 NAG K . -73.02 -43.48 -17.64
O4 NAG K . -74.00 -45.92 -16.53
O5 NAG K . -70.43 -46.00 -15.56
O6 NAG K . -71.45 -48.41 -16.61
O7 NAG K . -71.65 -40.87 -17.68
C1 FUC K . -65.40 -42.51 -17.85
C2 FUC K . -65.91 -42.07 -19.23
C3 FUC K . -67.06 -41.06 -19.06
C4 FUC K . -66.63 -39.89 -18.17
C5 FUC K . -66.08 -40.42 -16.83
C6 FUC K . -65.52 -39.32 -15.95
O2 FUC K . -66.38 -43.21 -19.94
O3 FUC K . -67.45 -40.56 -20.34
O4 FUC K . -65.63 -39.12 -18.82
O5 FUC K . -65.02 -41.37 -17.07
C1 NAG L . -14.99 32.65 18.98
C2 NAG L . -16.41 33.17 18.94
C3 NAG L . -17.20 32.16 18.12
C4 NAG L . -16.57 31.98 16.72
C5 NAG L . -15.01 31.96 16.71
C6 NAG L . -14.49 32.45 15.39
C7 NAG L . -16.57 34.38 21.00
C8 NAG L . -16.18 34.11 22.45
N2 NAG L . -16.95 33.34 20.27
O3 NAG L . -18.54 32.60 17.99
O4 NAG L . -16.99 30.73 16.13
O5 NAG L . -14.44 32.83 17.70
O6 NAG L . -14.32 31.34 14.48
O7 NAG L . -16.50 35.53 20.56
C1 NAG L . -18.33 30.38 15.95
C2 NAG L . -18.98 31.28 14.87
C3 NAG L . -20.28 30.67 14.30
C4 NAG L . -20.14 29.19 13.98
C5 NAG L . -19.60 28.47 15.22
C6 NAG L . -19.44 26.97 15.03
C7 NAG L . -20.55 32.99 15.55
C8 NAG L . -21.20 32.88 16.91
N2 NAG L . -19.29 32.58 15.42
O3 NAG L . -20.67 31.37 13.13
O4 NAG L . -21.43 28.65 13.65
O5 NAG L . -18.31 29.01 15.53
O6 NAG L . -18.09 26.57 15.23
O7 NAG L . -21.18 33.43 14.60
C1 FUC L . -14.07 31.76 13.16
C2 FUC L . -15.33 32.36 12.51
C3 FUC L . -15.51 33.84 12.89
C4 FUC L . -14.22 34.63 12.66
C5 FUC L . -13.08 33.97 13.42
C6 FUC L . -11.76 34.68 13.19
O2 FUC L . -16.48 31.63 12.91
O3 FUC L . -16.56 34.40 12.10
O4 FUC L . -13.93 34.66 11.27
O5 FUC L . -12.92 32.60 13.02
CA CA M . -52.74 -54.03 -8.32
CA CA N . -4.01 -5.74 2.40
CA CA O . -1.61 19.81 23.13
CA CA P . 50.00 64.23 34.63
#